data_2JQK
#
_entry.id   2JQK
#
_cell.length_a   1.000
_cell.length_b   1.000
_cell.length_c   1.000
_cell.angle_alpha   90.00
_cell.angle_beta   90.00
_cell.angle_gamma   90.00
#
_symmetry.space_group_name_H-M   'P 1'
#
loop_
_entity.id
_entity.type
_entity.pdbx_description
1 polymer 'Vacuolar protein sorting-associating protein 4B'
2 polymer 'Charged multivesicular body protein 2b'
#
loop_
_entity_poly.entity_id
_entity_poly.type
_entity_poly.pdbx_seq_one_letter_code
_entity_poly.pdbx_strand_id
1 'polypeptide(L)'
;GHMMSSTSPNLQKAIDLASKAAQEDKAGNYEEALQLYQHAVQYFLHVVKYEAQGDKAKQSIRAKCTEYLDRAEKLKEYLK
NKEKKAQKP
;
A
2 'polypeptide(L)' KATISDEEIERQLKALGVD B
#
# COMPACT_ATOMS: atom_id res chain seq x y z
N ASN A 10 4.39 -6.97 12.92
CA ASN A 10 3.67 -6.04 12.04
C ASN A 10 4.48 -5.73 10.79
N LEU A 11 5.78 -5.56 10.95
CA LEU A 11 6.66 -5.25 9.83
C LEU A 11 6.64 -6.39 8.81
N GLN A 12 6.83 -7.61 9.29
CA GLN A 12 6.84 -8.79 8.42
C GLN A 12 5.56 -8.86 7.59
N LYS A 13 4.48 -8.35 8.15
CA LYS A 13 3.20 -8.36 7.45
C LYS A 13 3.18 -7.32 6.33
N ALA A 14 3.89 -6.22 6.54
CA ALA A 14 3.96 -5.15 5.55
C ALA A 14 4.59 -5.64 4.25
N ILE A 15 5.73 -6.34 4.38
CA ILE A 15 6.42 -6.87 3.21
C ILE A 15 5.71 -8.09 2.65
N ASP A 16 5.27 -8.98 3.55
CA ASP A 16 4.57 -10.18 3.14
C ASP A 16 3.30 -9.83 2.37
N LEU A 17 2.61 -8.79 2.82
CA LEU A 17 1.38 -8.36 2.18
C LEU A 17 1.68 -7.50 0.95
N ALA A 18 2.79 -6.77 1.02
CA ALA A 18 3.20 -5.91 -0.08
C ALA A 18 3.82 -6.71 -1.23
N SER A 19 4.45 -7.83 -0.87
CA SER A 19 5.09 -8.68 -1.87
C SER A 19 4.04 -9.48 -2.65
N LYS A 20 3.07 -10.04 -1.93
CA LYS A 20 2.01 -10.82 -2.54
C LYS A 20 1.15 -9.94 -3.45
N ALA A 21 0.95 -8.70 -3.03
CA ALA A 21 0.15 -7.76 -3.80
C ALA A 21 0.76 -7.49 -5.17
N ALA A 22 2.04 -7.10 -5.17
CA ALA A 22 2.75 -6.81 -6.41
C ALA A 22 2.90 -8.08 -7.26
N GLN A 23 3.08 -9.21 -6.60
CA GLN A 23 3.24 -10.49 -7.29
C GLN A 23 2.01 -10.80 -8.13
N GLU A 24 0.85 -10.36 -7.67
CA GLU A 24 -0.40 -10.60 -8.37
C GLU A 24 -0.57 -9.61 -9.53
N ASP A 25 -0.04 -8.41 -9.35
CA ASP A 25 -0.12 -7.38 -10.38
C ASP A 25 0.55 -7.84 -11.68
N LYS A 26 1.70 -8.48 -11.54
CA LYS A 26 2.44 -8.97 -12.70
C LYS A 26 1.86 -10.30 -13.19
N ALA A 27 1.35 -11.09 -12.26
CA ALA A 27 0.78 -12.38 -12.59
C ALA A 27 -0.50 -12.23 -13.41
N GLY A 28 -1.28 -11.18 -13.09
CA GLY A 28 -2.51 -10.94 -13.81
C GLY A 28 -3.66 -10.60 -12.89
N ASN A 29 -3.59 -11.10 -11.66
CA ASN A 29 -4.64 -10.84 -10.67
C ASN A 29 -4.78 -9.34 -10.41
N TYR A 30 -5.96 -8.94 -9.96
CA TYR A 30 -6.23 -7.53 -9.68
C TYR A 30 -7.09 -7.39 -8.42
N GLU A 31 -8.16 -8.17 -8.35
CA GLU A 31 -9.06 -8.13 -7.21
C GLU A 31 -8.32 -8.45 -5.91
N GLU A 32 -7.60 -9.58 -5.91
CA GLU A 32 -6.84 -9.99 -4.74
C GLU A 32 -5.63 -9.09 -4.51
N ALA A 33 -5.08 -8.57 -5.61
CA ALA A 33 -3.93 -7.68 -5.52
C ALA A 33 -4.32 -6.31 -4.97
N LEU A 34 -5.53 -5.88 -5.30
CA LEU A 34 -6.03 -4.59 -4.84
C LEU A 34 -6.20 -4.59 -3.33
N GLN A 35 -6.82 -5.64 -2.80
CA GLN A 35 -7.06 -5.75 -1.38
C GLN A 35 -5.74 -5.87 -0.61
N LEU A 36 -4.80 -6.62 -1.18
CA LEU A 36 -3.49 -6.81 -0.56
C LEU A 36 -2.68 -5.52 -0.60
N TYR A 37 -2.87 -4.74 -1.66
CA TYR A 37 -2.16 -3.48 -1.82
C TYR A 37 -2.46 -2.53 -0.66
N GLN A 38 -3.75 -2.29 -0.44
CA GLN A 38 -4.19 -1.40 0.63
C GLN A 38 -3.77 -1.94 2.00
N HIS A 39 -3.97 -3.25 2.20
CA HIS A 39 -3.62 -3.89 3.45
C HIS A 39 -2.11 -3.79 3.72
N ALA A 40 -1.33 -4.12 2.70
CA ALA A 40 0.13 -4.07 2.82
C ALA A 40 0.60 -2.66 3.16
N VAL A 41 0.11 -1.67 2.41
CA VAL A 41 0.48 -0.28 2.64
C VAL A 41 0.03 0.18 4.02
N GLN A 42 -1.09 -0.35 4.49
CA GLN A 42 -1.62 0.00 5.79
C GLN A 42 -0.63 -0.33 6.90
N TYR A 43 0.04 -1.47 6.77
CA TYR A 43 1.02 -1.90 7.75
C TYR A 43 2.27 -1.04 7.69
N PHE A 44 2.62 -0.60 6.49
CA PHE A 44 3.80 0.23 6.29
C PHE A 44 3.68 1.54 7.09
N LEU A 45 2.58 2.25 6.88
CA LEU A 45 2.35 3.51 7.57
C LEU A 45 2.07 3.28 9.05
N HIS A 46 1.48 2.12 9.37
CA HIS A 46 1.16 1.78 10.75
C HIS A 46 2.42 1.77 11.61
N VAL A 47 3.44 1.05 11.16
CA VAL A 47 4.70 0.95 11.90
C VAL A 47 5.40 2.29 11.95
N VAL A 48 5.30 3.06 10.86
CA VAL A 48 5.94 4.37 10.78
C VAL A 48 5.31 5.33 11.78
N LYS A 49 4.02 5.21 11.99
CA LYS A 49 3.29 6.07 12.93
C LYS A 49 3.68 5.74 14.36
N TYR A 50 3.99 4.47 14.62
CA TYR A 50 4.37 4.03 15.95
C TYR A 50 5.79 3.48 15.97
N GLU A 51 6.63 4.00 15.07
CA GLU A 51 8.03 3.57 14.98
C GLU A 51 8.77 4.36 13.92
N ALA A 52 9.20 5.57 14.28
CA ALA A 52 9.93 6.41 13.35
C ALA A 52 11.37 6.59 13.78
N GLN A 53 12.27 5.86 13.11
CA GLN A 53 13.70 5.93 13.43
C GLN A 53 14.35 7.14 12.76
N GLY A 54 14.34 7.14 11.43
CA GLY A 54 14.95 8.23 10.69
C GLY A 54 14.09 8.67 9.51
N ASP A 55 14.68 9.45 8.61
CA ASP A 55 13.97 9.93 7.43
C ASP A 55 14.10 8.95 6.27
N LYS A 56 15.22 8.25 6.22
CA LYS A 56 15.48 7.27 5.17
C LYS A 56 14.43 6.17 5.18
N ALA A 57 14.07 5.73 6.38
CA ALA A 57 13.09 4.68 6.55
C ALA A 57 11.70 5.15 6.13
N LYS A 58 11.31 6.33 6.62
CA LYS A 58 10.01 6.90 6.31
C LYS A 58 9.94 7.30 4.84
N GLN A 59 11.07 7.71 4.28
CA GLN A 59 11.14 8.13 2.89
C GLN A 59 10.94 6.94 1.96
N SER A 60 11.39 5.77 2.40
CA SER A 60 11.28 4.55 1.61
C SER A 60 9.83 4.05 1.60
N ILE A 61 9.27 3.84 2.80
CA ILE A 61 7.90 3.37 2.92
C ILE A 61 6.91 4.33 2.26
N ARG A 62 7.18 5.63 2.42
CA ARG A 62 6.31 6.64 1.83
C ARG A 62 6.28 6.53 0.31
N ALA A 63 7.45 6.53 -0.30
CA ALA A 63 7.55 6.41 -1.76
C ALA A 63 6.92 5.11 -2.25
N LYS A 64 7.05 4.06 -1.45
CA LYS A 64 6.50 2.76 -1.80
C LYS A 64 4.99 2.73 -1.59
N CYS A 65 4.52 3.50 -0.61
CA CYS A 65 3.10 3.58 -0.31
C CYS A 65 2.34 4.26 -1.44
N THR A 66 3.00 5.20 -2.11
CA THR A 66 2.38 5.93 -3.22
C THR A 66 2.28 5.04 -4.47
N GLU A 67 3.38 4.36 -4.79
CA GLU A 67 3.43 3.49 -5.95
C GLU A 67 2.39 2.38 -5.83
N TYR A 68 2.33 1.74 -4.67
CA TYR A 68 1.38 0.66 -4.43
C TYR A 68 -0.04 1.20 -4.39
N LEU A 69 -0.22 2.35 -3.74
CA LEU A 69 -1.55 2.96 -3.63
C LEU A 69 -2.07 3.37 -5.00
N ASP A 70 -1.17 3.84 -5.86
CA ASP A 70 -1.55 4.27 -7.20
C ASP A 70 -2.14 3.12 -7.99
N ARG A 71 -1.49 1.97 -7.94
CA ARG A 71 -1.95 0.78 -8.65
C ARG A 71 -3.32 0.35 -8.14
N ALA A 72 -3.51 0.42 -6.83
CA ALA A 72 -4.77 0.03 -6.21
C ALA A 72 -5.93 0.88 -6.75
N GLU A 73 -5.72 2.19 -6.79
CA GLU A 73 -6.74 3.12 -7.28
C GLU A 73 -6.95 2.95 -8.77
N LYS A 74 -5.88 2.60 -9.48
CA LYS A 74 -5.95 2.40 -10.93
C LYS A 74 -6.71 1.13 -11.27
N LEU A 75 -6.37 0.04 -10.61
CA LEU A 75 -7.02 -1.25 -10.84
C LEU A 75 -8.51 -1.17 -10.49
N LYS A 76 -8.81 -0.53 -9.36
CA LYS A 76 -10.18 -0.39 -8.91
C LYS A 76 -11.02 0.37 -9.94
N GLU A 77 -10.40 1.35 -10.59
CA GLU A 77 -11.08 2.15 -11.60
C GLU A 77 -11.24 1.36 -12.90
N TYR A 78 -10.13 0.86 -13.41
CA TYR A 78 -10.13 0.07 -14.64
C TYR A 78 -11.00 -1.17 -14.48
N LEU A 79 -11.04 -1.70 -13.26
CA LEU A 79 -11.83 -2.90 -12.99
C LEU A 79 -13.31 -2.60 -13.07
N LYS A 80 -13.70 -1.42 -12.60
CA LYS A 80 -15.11 -1.01 -12.63
C LYS A 80 -15.46 -0.38 -13.97
N ASN A 81 -14.48 0.30 -14.57
CA ASN A 81 -14.69 0.96 -15.86
C ASN A 81 -14.48 -0.03 -17.01
N ASP B 6 3.83 12.64 3.69
CA ASP B 6 3.16 11.83 4.70
C ASP B 6 1.67 12.18 4.76
N GLU B 7 1.35 13.44 4.48
CA GLU B 7 -0.03 13.91 4.52
C GLU B 7 -0.81 13.39 3.30
N GLU B 8 -0.12 13.29 2.17
CA GLU B 8 -0.74 12.81 0.94
C GLU B 8 -0.86 11.29 0.94
N ILE B 9 0.24 10.62 1.26
CA ILE B 9 0.25 9.16 1.30
C ILE B 9 -0.72 8.63 2.35
N GLU B 10 -0.68 9.24 3.54
CA GLU B 10 -1.57 8.82 4.62
C GLU B 10 -3.02 9.00 4.23
N ARG B 11 -3.34 10.13 3.62
CA ARG B 11 -4.70 10.43 3.20
C ARG B 11 -5.16 9.46 2.12
N GLN B 12 -4.21 9.00 1.29
CA GLN B 12 -4.51 8.07 0.21
C GLN B 12 -5.09 6.77 0.77
N LEU B 13 -4.45 6.23 1.80
CA LEU B 13 -4.91 5.00 2.42
C LEU B 13 -6.32 5.15 2.98
N LYS B 14 -6.54 6.24 3.72
CA LYS B 14 -7.84 6.51 4.31
C LYS B 14 -8.92 6.64 3.24
N ALA B 15 -8.52 7.14 2.07
CA ALA B 15 -9.44 7.32 0.96
C ALA B 15 -9.83 5.99 0.35
N LEU B 16 -8.82 5.18 0.01
CA LEU B 16 -9.05 3.87 -0.59
C LEU B 16 -9.73 2.94 0.39
N GLY B 17 -9.26 2.95 1.64
CA GLY B 17 -9.84 2.09 2.66
C GLY B 17 -10.89 2.81 3.49
N VAL B 18 -12.12 2.83 2.98
CA VAL B 18 -13.22 3.48 3.67
C VAL B 18 -14.56 2.95 3.21
N ASP B 19 -15.43 2.63 4.16
CA ASP B 19 -16.75 2.10 3.86
C ASP B 19 -17.81 2.67 4.80
N ASN A 10 3.70 -6.81 12.50
CA ASN A 10 3.26 -5.71 11.65
C ASN A 10 4.24 -5.50 10.50
N LEU A 11 5.52 -5.42 10.83
CA LEU A 11 6.56 -5.23 9.82
C LEU A 11 6.65 -6.42 8.88
N GLN A 12 6.71 -7.61 9.45
CA GLN A 12 6.79 -8.84 8.66
C GLN A 12 5.59 -8.96 7.71
N LYS A 13 4.47 -8.42 8.14
CA LYS A 13 3.24 -8.46 7.33
C LYS A 13 3.27 -7.38 6.25
N ALA A 14 3.90 -6.25 6.56
CA ALA A 14 4.00 -5.15 5.61
C ALA A 14 4.64 -5.59 4.31
N ILE A 15 5.80 -6.23 4.41
CA ILE A 15 6.52 -6.70 3.24
C ILE A 15 5.87 -7.95 2.67
N ASP A 16 5.48 -8.87 3.55
CA ASP A 16 4.83 -10.11 3.14
C ASP A 16 3.55 -9.82 2.37
N LEU A 17 2.78 -8.86 2.86
CA LEU A 17 1.52 -8.48 2.21
C LEU A 17 1.77 -7.57 1.02
N ALA A 18 2.83 -6.76 1.11
CA ALA A 18 3.17 -5.84 0.04
C ALA A 18 3.80 -6.57 -1.13
N SER A 19 4.58 -7.60 -0.83
CA SER A 19 5.24 -8.39 -1.87
C SER A 19 4.22 -9.22 -2.66
N LYS A 20 3.31 -9.87 -1.93
CA LYS A 20 2.29 -10.69 -2.55
C LYS A 20 1.39 -9.85 -3.46
N ALA A 21 1.13 -8.61 -3.04
CA ALA A 21 0.29 -7.71 -3.81
C ALA A 21 0.89 -7.44 -5.19
N ALA A 22 2.17 -7.08 -5.22
CA ALA A 22 2.86 -6.79 -6.47
C ALA A 22 2.97 -8.05 -7.32
N GLN A 23 3.16 -9.19 -6.68
CA GLN A 23 3.28 -10.47 -7.37
C GLN A 23 2.02 -10.78 -8.17
N GLU A 24 0.88 -10.32 -7.65
CA GLU A 24 -0.40 -10.55 -8.32
C GLU A 24 -0.58 -9.60 -9.50
N ASP A 25 -0.05 -8.39 -9.36
CA ASP A 25 -0.16 -7.39 -10.42
C ASP A 25 0.50 -7.88 -11.70
N LYS A 26 1.69 -8.47 -11.56
CA LYS A 26 2.42 -8.98 -12.71
C LYS A 26 1.89 -10.36 -13.13
N ALA A 27 1.41 -11.12 -12.15
CA ALA A 27 0.87 -12.45 -12.42
C ALA A 27 -0.40 -12.37 -13.26
N GLY A 28 -1.26 -11.41 -12.93
CA GLY A 28 -2.50 -11.25 -13.67
C GLY A 28 -3.66 -10.86 -12.77
N ASN A 29 -3.58 -11.27 -11.51
CA ASN A 29 -4.64 -10.94 -10.55
C ASN A 29 -4.80 -9.44 -10.39
N TYR A 30 -5.98 -9.01 -9.95
CA TYR A 30 -6.26 -7.59 -9.75
C TYR A 30 -7.13 -7.38 -8.52
N GLU A 31 -8.19 -8.17 -8.40
CA GLU A 31 -9.10 -8.06 -7.27
C GLU A 31 -8.36 -8.30 -5.95
N GLU A 32 -7.64 -9.42 -5.88
CA GLU A 32 -6.89 -9.76 -4.68
C GLU A 32 -5.71 -8.81 -4.49
N ALA A 33 -5.14 -8.34 -5.59
CA ALA A 33 -4.00 -7.43 -5.54
C ALA A 33 -4.43 -6.05 -5.06
N LEU A 34 -5.65 -5.65 -5.42
CA LEU A 34 -6.17 -4.35 -5.02
C LEU A 34 -6.34 -4.26 -3.51
N GLN A 35 -7.04 -5.24 -2.94
CA GLN A 35 -7.26 -5.27 -1.50
C GLN A 35 -5.95 -5.45 -0.75
N LEU A 36 -5.03 -6.20 -1.35
CA LEU A 36 -3.72 -6.45 -0.75
C LEU A 36 -2.87 -5.19 -0.78
N TYR A 37 -2.97 -4.43 -1.86
CA TYR A 37 -2.19 -3.20 -2.01
C TYR A 37 -2.51 -2.22 -0.90
N GLN A 38 -3.79 -2.10 -0.56
CA GLN A 38 -4.23 -1.19 0.51
C GLN A 38 -3.80 -1.71 1.87
N HIS A 39 -4.03 -2.99 2.12
CA HIS A 39 -3.66 -3.60 3.39
C HIS A 39 -2.16 -3.49 3.64
N ALA A 40 -1.37 -3.75 2.61
CA ALA A 40 0.08 -3.67 2.71
C ALA A 40 0.53 -2.26 3.11
N VAL A 41 0.00 -1.26 2.42
CA VAL A 41 0.34 0.12 2.70
C VAL A 41 -0.10 0.53 4.10
N GLN A 42 -1.21 -0.04 4.55
CA GLN A 42 -1.75 0.25 5.87
C GLN A 42 -0.77 -0.16 6.97
N TYR A 43 -0.09 -1.28 6.75
CA TYR A 43 0.88 -1.79 7.72
C TYR A 43 2.14 -0.94 7.71
N PHE A 44 2.50 -0.43 6.52
CA PHE A 44 3.69 0.39 6.38
C PHE A 44 3.58 1.66 7.21
N LEU A 45 2.48 2.39 7.02
CA LEU A 45 2.24 3.64 7.75
C LEU A 45 2.13 3.37 9.25
N HIS A 46 1.61 2.19 9.60
CA HIS A 46 1.45 1.82 11.00
C HIS A 46 2.79 1.82 11.73
N VAL A 47 3.75 1.07 11.19
CA VAL A 47 5.07 0.98 11.78
C VAL A 47 5.75 2.33 11.80
N VAL A 48 5.39 3.19 10.86
CA VAL A 48 5.97 4.53 10.77
C VAL A 48 5.43 5.44 11.87
N LYS A 49 4.11 5.55 11.93
CA LYS A 49 3.47 6.39 12.92
C LYS A 49 3.69 5.84 14.33
N TYR A 50 3.67 4.51 14.45
CA TYR A 50 3.87 3.87 15.74
C TYR A 50 5.36 3.72 16.06
N GLU A 51 6.17 3.58 15.02
CA GLU A 51 7.62 3.44 15.19
C GLU A 51 8.36 4.16 14.08
N ALA A 52 8.45 5.48 14.18
CA ALA A 52 9.15 6.29 13.19
C ALA A 52 10.63 6.39 13.50
N GLN A 53 11.41 5.42 13.04
CA GLN A 53 12.84 5.41 13.29
C GLN A 53 13.60 5.77 12.02
N GLY A 54 14.50 6.75 12.12
CA GLY A 54 15.28 7.18 10.98
C GLY A 54 14.43 7.85 9.91
N ASP A 55 15.03 8.80 9.20
CA ASP A 55 14.32 9.52 8.15
C ASP A 55 14.31 8.71 6.85
N LYS A 56 15.36 7.93 6.63
CA LYS A 56 15.47 7.11 5.44
C LYS A 56 14.32 6.11 5.35
N ALA A 57 13.97 5.52 6.49
CA ALA A 57 12.88 4.56 6.54
C ALA A 57 11.57 5.18 6.09
N LYS A 58 11.24 6.33 6.66
CA LYS A 58 10.00 7.03 6.30
C LYS A 58 9.98 7.37 4.81
N GLN A 59 11.14 7.75 4.27
CA GLN A 59 11.24 8.10 2.87
C GLN A 59 11.02 6.88 1.98
N SER A 60 11.42 5.71 2.48
CA SER A 60 11.28 4.48 1.73
C SER A 60 9.83 3.99 1.75
N ILE A 61 9.28 3.84 2.95
CA ILE A 61 7.91 3.39 3.12
C ILE A 61 6.93 4.34 2.42
N ARG A 62 7.22 5.62 2.47
CA ARG A 62 6.37 6.64 1.85
C ARG A 62 6.36 6.47 0.34
N ALA A 63 7.54 6.44 -0.26
CA ALA A 63 7.67 6.29 -1.70
C ALA A 63 7.03 4.98 -2.18
N LYS A 64 7.07 3.98 -1.32
CA LYS A 64 6.49 2.67 -1.64
C LYS A 64 4.99 2.67 -1.43
N CYS A 65 4.53 3.47 -0.46
CA CYS A 65 3.11 3.56 -0.15
C CYS A 65 2.35 4.25 -1.28
N THR A 66 3.01 5.22 -1.93
CA THR A 66 2.40 5.95 -3.03
C THR A 66 2.37 5.11 -4.30
N GLU A 67 3.48 4.45 -4.59
CA GLU A 67 3.58 3.59 -5.78
C GLU A 67 2.56 2.46 -5.72
N TYR A 68 2.45 1.83 -4.56
CA TYR A 68 1.51 0.73 -4.38
C TYR A 68 0.07 1.23 -4.41
N LEU A 69 -0.17 2.38 -3.76
CA LEU A 69 -1.50 2.96 -3.72
C LEU A 69 -1.98 3.33 -5.12
N ASP A 70 -1.12 4.00 -5.87
CA ASP A 70 -1.45 4.42 -7.24
C ASP A 70 -1.77 3.21 -8.11
N ARG A 71 -1.11 2.09 -7.81
CA ARG A 71 -1.33 0.87 -8.58
C ARG A 71 -2.75 0.33 -8.38
N ALA A 72 -3.20 0.31 -7.13
CA ALA A 72 -4.53 -0.16 -6.81
C ALA A 72 -5.61 0.77 -7.36
N GLU A 73 -5.29 2.07 -7.39
CA GLU A 73 -6.22 3.06 -7.90
C GLU A 73 -6.54 2.81 -9.37
N LYS A 74 -5.53 2.42 -10.14
CA LYS A 74 -5.71 2.15 -11.56
C LYS A 74 -6.60 0.93 -11.77
N LEU A 75 -6.32 -0.13 -11.02
CA LEU A 75 -7.09 -1.36 -11.13
C LEU A 75 -8.54 -1.13 -10.67
N LYS A 76 -8.71 -0.34 -9.62
CA LYS A 76 -10.04 -0.05 -9.10
C LYS A 76 -10.91 0.63 -10.16
N GLU A 77 -10.27 1.44 -11.00
CA GLU A 77 -10.99 2.14 -12.06
C GLU A 77 -11.34 1.19 -13.19
N TYR A 78 -10.33 0.52 -13.73
CA TYR A 78 -10.52 -0.44 -14.82
C TYR A 78 -11.47 -1.55 -14.39
N LEU A 79 -11.43 -1.90 -13.10
CA LEU A 79 -12.28 -2.95 -12.57
C LEU A 79 -13.74 -2.50 -12.52
N LYS A 80 -13.95 -1.23 -12.21
CA LYS A 80 -15.30 -0.68 -12.14
C LYS A 80 -15.79 -0.25 -13.51
N ASN A 81 -15.01 0.58 -14.19
CA ASN A 81 -15.36 1.06 -15.52
C ASN A 81 -15.50 -0.09 -16.50
N ASP B 6 3.79 13.28 3.41
CA ASP B 6 3.14 12.18 4.10
C ASP B 6 1.62 12.36 4.12
N GLU B 7 1.17 13.61 4.13
CA GLU B 7 -0.25 13.93 4.15
C GLU B 7 -0.95 13.35 2.91
N GLU B 8 -0.21 13.29 1.81
CA GLU B 8 -0.74 12.77 0.56
C GLU B 8 -0.91 11.25 0.63
N ILE B 9 0.07 10.58 1.23
CA ILE B 9 0.04 9.13 1.37
C ILE B 9 -1.02 8.71 2.38
N GLU B 10 -1.10 9.42 3.49
CA GLU B 10 -2.08 9.10 4.53
C GLU B 10 -3.50 9.22 3.99
N ARG B 11 -3.77 10.31 3.27
CA ARG B 11 -5.10 10.53 2.71
C ARG B 11 -5.42 9.47 1.66
N GLN B 12 -4.41 9.05 0.91
CA GLN B 12 -4.58 8.04 -0.12
C GLN B 12 -5.10 6.73 0.48
N LEU B 13 -4.55 6.35 1.63
CA LEU B 13 -4.96 5.12 2.31
C LEU B 13 -6.43 5.17 2.68
N LYS B 14 -6.83 6.25 3.35
CA LYS B 14 -8.21 6.42 3.77
C LYS B 14 -9.16 6.42 2.57
N ALA B 15 -8.66 6.92 1.44
CA ALA B 15 -9.45 6.99 0.22
C ALA B 15 -9.83 5.59 -0.26
N LEU B 16 -8.82 4.76 -0.51
CA LEU B 16 -9.04 3.40 -0.97
C LEU B 16 -9.60 2.52 0.15
N GLY B 17 -9.01 2.66 1.34
CA GLY B 17 -9.47 1.87 2.47
C GLY B 17 -10.26 2.70 3.47
N VAL B 18 -11.39 2.16 3.90
CA VAL B 18 -12.25 2.84 4.86
C VAL B 18 -13.44 1.97 5.25
N ASP B 19 -13.74 1.94 6.55
CA ASP B 19 -14.85 1.15 7.06
C ASP B 19 -16.02 2.05 7.46
N ASN A 10 3.99 -6.90 12.38
CA ASN A 10 3.51 -5.86 11.47
C ASN A 10 4.57 -5.53 10.42
N LEU A 11 5.83 -5.66 10.80
CA LEU A 11 6.93 -5.37 9.88
C LEU A 11 7.00 -6.42 8.77
N GLN A 12 6.79 -7.68 9.14
CA GLN A 12 6.82 -8.77 8.18
C GLN A 12 5.60 -8.74 7.27
N LYS A 13 4.45 -8.41 7.84
CA LYS A 13 3.21 -8.35 7.09
C LYS A 13 3.26 -7.23 6.05
N ALA A 14 3.97 -6.15 6.39
CA ALA A 14 4.11 -5.01 5.49
C ALA A 14 4.91 -5.38 4.24
N ILE A 15 6.07 -5.99 4.46
CA ILE A 15 6.94 -6.38 3.36
C ILE A 15 6.35 -7.58 2.61
N ASP A 16 5.71 -8.47 3.34
CA ASP A 16 5.10 -9.66 2.75
C ASP A 16 3.87 -9.29 1.93
N LEU A 17 3.07 -8.36 2.45
CA LEU A 17 1.86 -7.91 1.78
C LEU A 17 2.20 -7.06 0.56
N ALA A 18 3.19 -6.18 0.72
CA ALA A 18 3.61 -5.30 -0.36
C ALA A 18 4.33 -6.09 -1.45
N SER A 19 5.05 -7.12 -1.05
CA SER A 19 5.79 -7.95 -2.00
C SER A 19 4.84 -8.87 -2.76
N LYS A 20 3.84 -9.39 -2.06
CA LYS A 20 2.87 -10.29 -2.67
C LYS A 20 1.90 -9.52 -3.56
N ALA A 21 1.52 -8.33 -3.13
CA ALA A 21 0.61 -7.48 -3.89
C ALA A 21 1.17 -7.16 -5.27
N ALA A 22 2.40 -6.68 -5.30
CA ALA A 22 3.06 -6.33 -6.55
C ALA A 22 3.25 -7.55 -7.44
N GLN A 23 3.51 -8.70 -6.80
CA GLN A 23 3.72 -9.94 -7.52
C GLN A 23 2.46 -10.34 -8.28
N GLU A 24 1.30 -10.01 -7.72
CA GLU A 24 0.03 -10.33 -8.34
C GLU A 24 -0.27 -9.39 -9.50
N ASP A 25 0.18 -8.15 -9.38
CA ASP A 25 -0.04 -7.16 -10.43
C ASP A 25 0.61 -7.59 -11.74
N LYS A 26 1.83 -8.10 -11.66
CA LYS A 26 2.55 -8.56 -12.84
C LYS A 26 2.11 -9.97 -13.24
N ALA A 27 1.73 -10.76 -12.25
CA ALA A 27 1.27 -12.13 -12.49
C ALA A 27 -0.02 -12.14 -13.30
N GLY A 28 -0.91 -11.20 -13.00
CA GLY A 28 -2.17 -11.12 -13.71
C GLY A 28 -3.34 -10.86 -12.78
N ASN A 29 -3.22 -11.31 -11.53
CA ASN A 29 -4.27 -11.12 -10.54
C ASN A 29 -4.56 -9.64 -10.33
N TYR A 30 -5.74 -9.35 -9.78
CA TYR A 30 -6.14 -7.97 -9.53
C TYR A 30 -6.93 -7.86 -8.23
N GLU A 31 -7.91 -8.76 -8.06
CA GLU A 31 -8.74 -8.77 -6.86
C GLU A 31 -7.89 -8.97 -5.61
N GLU A 32 -7.07 -10.00 -5.63
CA GLU A 32 -6.20 -10.31 -4.49
C GLU A 32 -5.08 -9.28 -4.37
N ALA A 33 -4.65 -8.74 -5.51
CA ALA A 33 -3.58 -7.75 -5.52
C ALA A 33 -4.08 -6.41 -4.98
N LEU A 34 -5.30 -6.06 -5.33
CA LEU A 34 -5.89 -4.79 -4.87
C LEU A 34 -5.98 -4.76 -3.35
N GLN A 35 -6.56 -5.80 -2.77
CA GLN A 35 -6.71 -5.88 -1.32
C GLN A 35 -5.35 -5.94 -0.64
N LEU A 36 -4.41 -6.65 -1.27
CA LEU A 36 -3.06 -6.78 -0.73
C LEU A 36 -2.32 -5.45 -0.75
N TYR A 37 -2.58 -4.67 -1.80
CA TYR A 37 -1.93 -3.36 -1.94
C TYR A 37 -2.28 -2.45 -0.77
N GLN A 38 -3.57 -2.34 -0.47
CA GLN A 38 -4.03 -1.50 0.63
C GLN A 38 -3.54 -2.05 1.97
N HIS A 39 -3.63 -3.36 2.14
CA HIS A 39 -3.20 -4.01 3.37
C HIS A 39 -1.72 -3.76 3.62
N ALA A 40 -0.91 -3.94 2.58
CA ALA A 40 0.53 -3.75 2.68
C ALA A 40 0.86 -2.32 3.09
N VAL A 41 0.28 -1.35 2.38
CA VAL A 41 0.52 0.06 2.68
C VAL A 41 0.00 0.41 4.07
N GLN A 42 -1.08 -0.24 4.48
CA GLN A 42 -1.67 0.01 5.79
C GLN A 42 -0.69 -0.33 6.91
N TYR A 43 0.01 -1.44 6.77
CA TYR A 43 0.99 -1.87 7.76
C TYR A 43 2.24 -1.00 7.71
N PHE A 44 2.59 -0.55 6.51
CA PHE A 44 3.76 0.29 6.32
C PHE A 44 3.66 1.57 7.15
N LEU A 45 2.55 2.28 6.98
CA LEU A 45 2.32 3.52 7.71
C LEU A 45 2.14 3.25 9.20
N HIS A 46 1.61 2.08 9.52
CA HIS A 46 1.38 1.70 10.91
C HIS A 46 2.69 1.72 11.71
N VAL A 47 3.69 1.01 11.20
CA VAL A 47 4.99 0.95 11.87
C VAL A 47 5.67 2.30 11.85
N VAL A 48 5.47 3.06 10.78
CA VAL A 48 6.07 4.38 10.65
C VAL A 48 5.45 5.36 11.62
N LYS A 49 4.14 5.22 11.87
CA LYS A 49 3.43 6.09 12.78
C LYS A 49 3.52 5.58 14.21
N TYR A 50 3.60 4.26 14.36
CA TYR A 50 3.70 3.64 15.67
C TYR A 50 5.14 3.21 15.97
N GLU A 51 6.10 3.93 15.41
CA GLU A 51 7.51 3.62 15.62
C GLU A 51 8.40 4.64 14.92
N ALA A 52 8.37 4.64 13.59
CA ALA A 52 9.18 5.58 12.82
C ALA A 52 10.67 5.38 13.09
N GLN A 53 11.23 4.34 12.47
CA GLN A 53 12.65 4.04 12.65
C GLN A 53 13.48 4.63 11.52
N GLY A 54 14.56 5.32 11.86
CA GLY A 54 15.41 5.93 10.85
C GLY A 54 14.67 6.92 9.99
N ASP A 55 15.43 7.80 9.34
CA ASP A 55 14.83 8.82 8.46
C ASP A 55 14.61 8.26 7.06
N LYS A 56 15.61 7.52 6.57
CA LYS A 56 15.51 6.93 5.23
C LYS A 56 14.37 5.92 5.15
N ALA A 57 14.10 5.26 6.27
CA ALA A 57 13.04 4.25 6.32
C ALA A 57 11.69 4.89 6.00
N LYS A 58 11.38 5.99 6.68
CA LYS A 58 10.11 6.67 6.47
C LYS A 58 9.99 7.16 5.02
N GLN A 59 11.11 7.57 4.45
CA GLN A 59 11.14 8.06 3.07
C GLN A 59 10.95 6.92 2.09
N SER A 60 11.51 5.75 2.41
CA SER A 60 11.41 4.59 1.56
C SER A 60 9.98 4.05 1.56
N ILE A 61 9.46 3.77 2.75
CA ILE A 61 8.10 3.25 2.89
C ILE A 61 7.08 4.20 2.27
N ARG A 62 7.31 5.50 2.44
CA ARG A 62 6.40 6.50 1.89
C ARG A 62 6.34 6.41 0.37
N ALA A 63 7.52 6.33 -0.26
CA ALA A 63 7.60 6.23 -1.71
C ALA A 63 6.87 5.01 -2.23
N LYS A 64 6.93 3.92 -1.45
CA LYS A 64 6.26 2.67 -1.83
C LYS A 64 4.78 2.73 -1.52
N CYS A 65 4.42 3.47 -0.48
CA CYS A 65 3.03 3.61 -0.07
C CYS A 65 2.24 4.40 -1.11
N THR A 66 2.90 5.36 -1.75
CA THR A 66 2.26 6.19 -2.75
C THR A 66 2.11 5.43 -4.07
N GLU A 67 3.15 4.70 -4.44
CA GLU A 67 3.14 3.92 -5.68
C GLU A 67 2.11 2.81 -5.60
N TYR A 68 2.08 2.11 -4.48
CA TYR A 68 1.15 1.00 -4.28
C TYR A 68 -0.29 1.53 -4.19
N LEU A 69 -0.47 2.60 -3.42
CA LEU A 69 -1.79 3.20 -3.25
C LEU A 69 -2.35 3.67 -4.59
N ASP A 70 -1.48 4.14 -5.46
CA ASP A 70 -1.88 4.63 -6.77
C ASP A 70 -2.30 3.48 -7.67
N ARG A 71 -1.51 2.41 -7.66
CA ARG A 71 -1.80 1.24 -8.48
C ARG A 71 -3.13 0.61 -8.09
N ALA A 72 -3.36 0.51 -6.77
CA ALA A 72 -4.59 -0.07 -6.26
C ALA A 72 -5.81 0.71 -6.74
N GLU A 73 -5.68 2.03 -6.78
CA GLU A 73 -6.76 2.89 -7.21
C GLU A 73 -7.14 2.60 -8.66
N LYS A 74 -6.14 2.30 -9.48
CA LYS A 74 -6.36 2.01 -10.90
C LYS A 74 -7.12 0.70 -11.05
N LEU A 75 -6.90 -0.23 -10.13
CA LEU A 75 -7.56 -1.53 -10.17
C LEU A 75 -9.03 -1.40 -9.75
N LYS A 76 -9.26 -0.59 -8.73
CA LYS A 76 -10.62 -0.39 -8.23
C LYS A 76 -11.52 0.19 -9.31
N GLU A 77 -10.96 1.05 -10.15
CA GLU A 77 -11.71 1.67 -11.24
C GLU A 77 -11.94 0.66 -12.36
N TYR A 78 -10.85 0.09 -12.87
CA TYR A 78 -10.93 -0.88 -13.95
C TYR A 78 -11.77 -2.09 -13.52
N LEU A 79 -11.70 -2.42 -12.23
CA LEU A 79 -12.45 -3.54 -11.70
C LEU A 79 -13.95 -3.29 -11.76
N LYS A 80 -14.35 -2.06 -11.44
CA LYS A 80 -15.76 -1.70 -11.47
C LYS A 80 -16.23 -1.44 -12.89
N ASN A 81 -15.47 -0.64 -13.63
CA ASN A 81 -15.81 -0.33 -15.01
C ASN A 81 -15.84 -1.58 -15.86
N ASP B 6 3.69 12.93 3.84
CA ASP B 6 3.05 11.98 4.74
C ASP B 6 1.54 12.19 4.76
N GLU B 7 1.11 13.43 4.58
CA GLU B 7 -0.30 13.77 4.58
C GLU B 7 -0.98 13.28 3.30
N GLU B 8 -0.22 13.25 2.20
CA GLU B 8 -0.74 12.81 0.93
C GLU B 8 -0.93 11.29 0.92
N ILE B 9 0.06 10.57 1.45
CA ILE B 9 0.00 9.13 1.50
C ILE B 9 -1.08 8.66 2.48
N GLU B 10 -1.09 9.24 3.67
CA GLU B 10 -2.07 8.89 4.69
C GLU B 10 -3.49 9.11 4.19
N ARG B 11 -3.67 10.11 3.34
CA ARG B 11 -4.98 10.43 2.79
C ARG B 11 -5.39 9.39 1.74
N GLN B 12 -4.41 8.83 1.05
CA GLN B 12 -4.66 7.82 0.03
C GLN B 12 -5.31 6.60 0.64
N LEU B 13 -4.72 6.08 1.72
CA LEU B 13 -5.26 4.90 2.39
C LEU B 13 -6.68 5.16 2.90
N LYS B 14 -6.86 6.28 3.59
CA LYS B 14 -8.16 6.64 4.12
C LYS B 14 -9.19 6.79 3.02
N ALA B 15 -8.73 7.23 1.84
CA ALA B 15 -9.61 7.42 0.70
C ALA B 15 -10.07 6.07 0.14
N LEU B 16 -9.14 5.15 -0.03
CA LEU B 16 -9.46 3.82 -0.56
C LEU B 16 -10.34 3.06 0.41
N GLY B 17 -10.15 3.31 1.71
CA GLY B 17 -10.93 2.63 2.72
C GLY B 17 -12.33 3.20 2.86
N VAL B 18 -12.46 4.50 2.61
CA VAL B 18 -13.75 5.18 2.70
C VAL B 18 -14.02 6.04 1.48
N ASP B 19 -15.18 5.84 0.85
CA ASP B 19 -15.55 6.60 -0.33
C ASP B 19 -16.97 7.15 -0.21
N ASN A 10 5.57 -6.54 12.75
CA ASN A 10 4.66 -5.79 11.90
C ASN A 10 5.31 -5.47 10.55
N LEU A 11 6.63 -5.29 10.57
CA LEU A 11 7.37 -4.97 9.35
C LEU A 11 7.25 -6.11 8.33
N GLN A 12 7.27 -7.34 8.82
CA GLN A 12 7.17 -8.51 7.96
C GLN A 12 5.85 -8.52 7.21
N LYS A 13 4.76 -8.26 7.94
CA LYS A 13 3.43 -8.24 7.34
C LYS A 13 3.34 -7.18 6.25
N ALA A 14 4.08 -6.09 6.43
CA ALA A 14 4.09 -5.00 5.47
C ALA A 14 4.78 -5.42 4.17
N ILE A 15 5.98 -5.97 4.29
CA ILE A 15 6.74 -6.41 3.13
C ILE A 15 6.12 -7.65 2.50
N ASP A 16 5.61 -8.54 3.35
CA ASP A 16 4.98 -9.77 2.88
C ASP A 16 3.68 -9.47 2.14
N LEU A 17 2.91 -8.52 2.64
CA LEU A 17 1.65 -8.13 2.02
C LEU A 17 1.89 -7.32 0.76
N ALA A 18 2.80 -6.35 0.85
CA ALA A 18 3.12 -5.49 -0.29
C ALA A 18 3.74 -6.30 -1.43
N SER A 19 4.61 -7.25 -1.07
CA SER A 19 5.27 -8.09 -2.06
C SER A 19 4.27 -9.02 -2.73
N LYS A 20 3.24 -9.42 -1.99
CA LYS A 20 2.21 -10.31 -2.51
C LYS A 20 1.30 -9.57 -3.49
N ALA A 21 1.00 -8.32 -3.18
CA ALA A 21 0.13 -7.52 -4.03
C ALA A 21 0.72 -7.37 -5.43
N ALA A 22 2.00 -7.03 -5.49
CA ALA A 22 2.68 -6.86 -6.77
C ALA A 22 2.86 -8.19 -7.48
N GLN A 23 3.14 -9.23 -6.71
CA GLN A 23 3.34 -10.57 -7.26
C GLN A 23 2.09 -11.04 -7.98
N GLU A 24 0.93 -10.70 -7.44
CA GLU A 24 -0.35 -11.09 -8.04
C GLU A 24 -0.60 -10.32 -9.33
N ASP A 25 -0.20 -9.05 -9.35
CA ASP A 25 -0.39 -8.21 -10.52
C ASP A 25 0.35 -8.78 -11.73
N LYS A 26 1.64 -9.06 -11.56
CA LYS A 26 2.45 -9.61 -12.64
C LYS A 26 1.93 -10.98 -13.05
N ALA A 27 1.37 -11.71 -12.10
CA ALA A 27 0.84 -13.04 -12.36
C ALA A 27 -0.46 -12.97 -13.14
N GLY A 28 -1.23 -11.91 -12.92
CA GLY A 28 -2.49 -11.74 -13.62
C GLY A 28 -3.62 -11.32 -12.68
N ASN A 29 -3.52 -11.73 -11.42
CA ASN A 29 -4.53 -11.41 -10.44
C ASN A 29 -4.67 -9.89 -10.28
N TYR A 30 -5.88 -9.45 -9.92
CA TYR A 30 -6.15 -8.03 -9.74
C TYR A 30 -7.03 -7.79 -8.51
N GLU A 31 -8.09 -8.58 -8.38
CA GLU A 31 -9.00 -8.45 -7.26
C GLU A 31 -8.27 -8.66 -5.93
N GLU A 32 -7.54 -9.77 -5.84
CA GLU A 32 -6.79 -10.08 -4.63
C GLU A 32 -5.61 -9.13 -4.46
N ALA A 33 -5.04 -8.70 -5.57
CA ALA A 33 -3.91 -7.78 -5.55
C ALA A 33 -4.33 -6.39 -5.08
N LEU A 34 -5.55 -6.00 -5.44
CA LEU A 34 -6.08 -4.69 -5.06
C LEU A 34 -6.24 -4.59 -3.55
N GLN A 35 -6.98 -5.54 -2.97
CA GLN A 35 -7.21 -5.55 -1.53
C GLN A 35 -5.88 -5.71 -0.77
N LEU A 36 -5.03 -6.59 -1.27
CA LEU A 36 -3.74 -6.84 -0.65
C LEU A 36 -2.89 -5.57 -0.62
N TYR A 37 -3.03 -4.75 -1.65
CA TYR A 37 -2.29 -3.51 -1.74
C TYR A 37 -2.64 -2.57 -0.59
N GLN A 38 -3.94 -2.30 -0.42
CA GLN A 38 -4.41 -1.43 0.64
C GLN A 38 -4.01 -1.97 2.02
N HIS A 39 -3.93 -3.30 2.12
CA HIS A 39 -3.55 -3.94 3.37
C HIS A 39 -2.06 -3.82 3.63
N ALA A 40 -1.27 -3.86 2.55
CA ALA A 40 0.18 -3.75 2.65
C ALA A 40 0.60 -2.30 2.90
N VAL A 41 -0.13 -1.37 2.31
CA VAL A 41 0.17 0.06 2.45
C VAL A 41 -0.15 0.53 3.87
N GLN A 42 -1.29 0.09 4.39
CA GLN A 42 -1.70 0.48 5.74
C GLN A 42 -0.72 -0.03 6.79
N TYR A 43 -0.29 -1.28 6.64
CA TYR A 43 0.66 -1.88 7.57
C TYR A 43 1.97 -1.10 7.59
N PHE A 44 2.37 -0.60 6.43
CA PHE A 44 3.60 0.17 6.30
C PHE A 44 3.57 1.40 7.20
N LEU A 45 2.50 2.19 7.09
CA LEU A 45 2.35 3.39 7.91
C LEU A 45 2.16 3.03 9.38
N HIS A 46 1.58 1.87 9.63
CA HIS A 46 1.34 1.42 10.99
C HIS A 46 2.64 1.34 11.78
N VAL A 47 3.61 0.62 11.23
CA VAL A 47 4.91 0.47 11.89
C VAL A 47 5.63 1.81 11.99
N VAL A 48 5.45 2.65 10.97
CA VAL A 48 6.08 3.96 10.95
C VAL A 48 5.57 4.83 12.10
N LYS A 49 4.30 4.69 12.43
CA LYS A 49 3.70 5.47 13.51
C LYS A 49 4.20 4.98 14.88
N TYR A 50 4.49 3.69 14.96
CA TYR A 50 4.98 3.10 16.21
C TYR A 50 6.39 2.55 16.03
N GLU A 51 7.17 3.18 15.15
CA GLU A 51 8.54 2.76 14.90
C GLU A 51 9.21 3.69 13.88
N ALA A 52 9.65 4.85 14.36
CA ALA A 52 10.32 5.82 13.50
C ALA A 52 11.77 6.03 13.92
N GLN A 53 12.70 5.68 13.04
CA GLN A 53 14.12 5.83 13.32
C GLN A 53 14.64 7.15 12.77
N GLY A 54 14.64 7.29 11.45
CA GLY A 54 15.11 8.50 10.83
C GLY A 54 14.21 8.98 9.71
N ASP A 55 14.81 9.54 8.67
CA ASP A 55 14.04 10.04 7.52
C ASP A 55 14.14 9.08 6.34
N LYS A 56 15.27 8.39 6.23
CA LYS A 56 15.49 7.44 5.14
C LYS A 56 14.45 6.33 5.18
N ALA A 57 14.18 5.82 6.39
CA ALA A 57 13.22 4.74 6.56
C ALA A 57 11.82 5.20 6.15
N LYS A 58 11.39 6.33 6.68
CA LYS A 58 10.08 6.86 6.36
C LYS A 58 9.96 7.20 4.87
N GLN A 59 11.07 7.60 4.28
CA GLN A 59 11.10 7.95 2.86
C GLN A 59 10.89 6.70 2.00
N SER A 60 11.35 5.56 2.49
CA SER A 60 11.21 4.30 1.75
C SER A 60 9.77 3.80 1.82
N ILE A 61 9.26 3.65 3.03
CA ILE A 61 7.89 3.17 3.23
C ILE A 61 6.88 4.09 2.56
N ARG A 62 7.15 5.40 2.62
CA ARG A 62 6.27 6.39 2.02
C ARG A 62 6.31 6.30 0.50
N ALA A 63 7.52 6.19 -0.05
CA ALA A 63 7.68 6.09 -1.50
C ALA A 63 6.94 4.89 -2.06
N LYS A 64 6.95 3.80 -1.29
CA LYS A 64 6.27 2.57 -1.71
C LYS A 64 4.77 2.67 -1.45
N CYS A 65 4.40 3.33 -0.36
CA CYS A 65 3.00 3.49 0.00
C CYS A 65 2.26 4.26 -1.08
N THR A 66 2.94 5.23 -1.69
CA THR A 66 2.33 6.04 -2.74
C THR A 66 2.26 5.27 -4.05
N GLU A 67 3.33 4.55 -4.37
CA GLU A 67 3.37 3.75 -5.59
C GLU A 67 2.25 2.73 -5.62
N TYR A 68 2.02 2.09 -4.48
CA TYR A 68 0.97 1.07 -4.38
C TYR A 68 -0.41 1.72 -4.35
N LEU A 69 -0.48 2.92 -3.79
CA LEU A 69 -1.74 3.65 -3.70
C LEU A 69 -2.27 4.00 -5.10
N ASP A 70 -1.40 4.56 -5.93
CA ASP A 70 -1.78 4.94 -7.28
C ASP A 70 -2.24 3.72 -8.08
N ARG A 71 -1.46 2.64 -8.00
CA ARG A 71 -1.78 1.41 -8.72
C ARG A 71 -3.07 0.80 -8.18
N ALA A 72 -3.30 0.96 -6.88
CA ALA A 72 -4.51 0.42 -6.25
C ALA A 72 -5.76 1.01 -6.87
N GLU A 73 -5.75 2.32 -7.10
CA GLU A 73 -6.90 3.01 -7.69
C GLU A 73 -7.04 2.64 -9.16
N LYS A 74 -5.92 2.38 -9.83
CA LYS A 74 -5.92 2.02 -11.24
C LYS A 74 -6.73 0.75 -11.47
N LEU A 75 -6.39 -0.30 -10.73
CA LEU A 75 -7.09 -1.58 -10.86
C LEU A 75 -8.58 -1.43 -10.54
N LYS A 76 -8.87 -0.66 -9.50
CA LYS A 76 -10.25 -0.43 -9.09
C LYS A 76 -11.05 0.22 -10.21
N GLU A 77 -10.39 1.09 -10.97
CA GLU A 77 -11.03 1.78 -12.08
C GLU A 77 -11.22 0.84 -13.27
N TYR A 78 -10.14 0.23 -13.70
CA TYR A 78 -10.18 -0.71 -14.82
C TYR A 78 -11.10 -1.87 -14.52
N LEU A 79 -11.18 -2.25 -13.24
CA LEU A 79 -12.03 -3.36 -12.82
C LEU A 79 -13.50 -2.99 -12.98
N LYS A 80 -13.85 -1.75 -12.64
CA LYS A 80 -15.22 -1.29 -12.74
C LYS A 80 -15.53 -0.80 -14.15
N ASN A 81 -14.51 -0.27 -14.83
CA ASN A 81 -14.67 0.24 -16.18
C ASN A 81 -15.12 -0.88 -17.13
N ASP B 6 3.98 12.36 4.30
CA ASP B 6 3.23 11.52 5.23
C ASP B 6 1.76 11.92 5.26
N GLU B 7 1.49 13.19 4.99
CA GLU B 7 0.11 13.70 4.99
C GLU B 7 -0.66 13.15 3.80
N GLU B 8 -0.08 13.27 2.61
CA GLU B 8 -0.71 12.80 1.39
C GLU B 8 -0.93 11.28 1.45
N ILE B 9 0.13 10.55 1.77
CA ILE B 9 0.05 9.10 1.85
C ILE B 9 -0.94 8.66 2.92
N GLU B 10 -1.04 9.45 3.99
CA GLU B 10 -1.95 9.13 5.07
C GLU B 10 -3.40 9.36 4.65
N ARG B 11 -3.66 10.53 4.06
CA ARG B 11 -5.01 10.86 3.59
C ARG B 11 -5.44 9.94 2.46
N GLN B 12 -4.49 9.55 1.63
CA GLN B 12 -4.77 8.67 0.50
C GLN B 12 -5.34 7.35 0.98
N LEU B 13 -4.73 6.77 2.01
CA LEU B 13 -5.18 5.50 2.56
C LEU B 13 -6.61 5.62 3.08
N LYS B 14 -6.88 6.68 3.83
CA LYS B 14 -8.21 6.89 4.39
C LYS B 14 -9.25 7.01 3.27
N ALA B 15 -8.83 7.54 2.14
CA ALA B 15 -9.73 7.71 0.99
C ALA B 15 -10.13 6.36 0.41
N LEU B 16 -9.18 5.44 0.33
CA LEU B 16 -9.44 4.11 -0.21
C LEU B 16 -10.40 3.34 0.69
N GLY B 17 -10.32 3.59 1.99
CA GLY B 17 -11.19 2.92 2.93
C GLY B 17 -12.19 3.85 3.57
N VAL B 18 -12.99 4.52 2.74
CA VAL B 18 -14.01 5.43 3.22
C VAL B 18 -15.41 4.88 2.98
N ASP B 19 -15.57 4.10 1.93
CA ASP B 19 -16.86 3.51 1.59
C ASP B 19 -16.68 2.14 0.94
N ASN A 10 3.97 -7.45 12.91
CA ASN A 10 3.38 -6.35 12.16
C ASN A 10 4.22 -6.01 10.93
N LEU A 11 5.54 -6.12 11.07
CA LEU A 11 6.46 -5.82 9.99
C LEU A 11 6.37 -6.89 8.90
N GLN A 12 6.16 -8.13 9.31
CA GLN A 12 6.07 -9.25 8.38
C GLN A 12 4.90 -9.04 7.42
N LYS A 13 3.73 -8.73 7.97
CA LYS A 13 2.55 -8.51 7.16
C LYS A 13 2.72 -7.30 6.25
N ALA A 14 3.38 -6.27 6.77
CA ALA A 14 3.63 -5.05 6.00
C ALA A 14 4.43 -5.34 4.74
N ILE A 15 5.55 -6.02 4.89
CA ILE A 15 6.40 -6.37 3.76
C ILE A 15 5.80 -7.51 2.95
N ASP A 16 5.21 -8.49 3.65
CA ASP A 16 4.59 -9.63 2.98
C ASP A 16 3.40 -9.19 2.13
N LEU A 17 2.57 -8.33 2.71
CA LEU A 17 1.38 -7.83 2.00
C LEU A 17 1.77 -7.07 0.75
N ALA A 18 2.74 -6.17 0.88
CA ALA A 18 3.21 -5.37 -0.24
C ALA A 18 3.83 -6.26 -1.32
N SER A 19 4.70 -7.16 -0.90
CA SER A 19 5.36 -8.07 -1.84
C SER A 19 4.36 -9.03 -2.47
N LYS A 20 3.32 -9.38 -1.71
CA LYS A 20 2.28 -10.28 -2.19
C LYS A 20 1.34 -9.56 -3.16
N ALA A 21 1.12 -8.27 -2.92
CA ALA A 21 0.24 -7.48 -3.75
C ALA A 21 0.88 -7.18 -5.10
N ALA A 22 2.20 -7.00 -5.10
CA ALA A 22 2.94 -6.72 -6.33
C ALA A 22 2.96 -7.93 -7.25
N GLN A 23 3.24 -9.10 -6.67
CA GLN A 23 3.30 -10.34 -7.44
C GLN A 23 1.96 -10.61 -8.13
N GLU A 24 0.87 -10.39 -7.40
CA GLU A 24 -0.46 -10.63 -7.95
C GLU A 24 -0.74 -9.69 -9.12
N ASP A 25 -0.21 -8.47 -9.04
CA ASP A 25 -0.40 -7.48 -10.10
C ASP A 25 0.14 -7.99 -11.42
N LYS A 26 1.39 -8.45 -11.40
CA LYS A 26 2.04 -8.97 -12.60
C LYS A 26 1.61 -10.41 -12.87
N ALA A 27 1.30 -11.14 -11.81
CA ALA A 27 0.88 -12.54 -11.93
C ALA A 27 -0.38 -12.65 -12.78
N GLY A 28 -1.47 -12.03 -12.32
CA GLY A 28 -2.71 -12.08 -13.06
C GLY A 28 -3.90 -11.67 -12.22
N ASN A 29 -3.81 -11.91 -10.91
CA ASN A 29 -4.89 -11.56 -10.00
C ASN A 29 -4.85 -10.07 -9.65
N TYR A 30 -5.58 -9.27 -10.41
CA TYR A 30 -5.63 -7.83 -10.17
C TYR A 30 -6.37 -7.51 -8.89
N GLU A 31 -7.61 -7.99 -8.80
CA GLU A 31 -8.43 -7.75 -7.61
C GLU A 31 -7.73 -8.26 -6.35
N GLU A 32 -6.92 -9.30 -6.51
CA GLU A 32 -6.19 -9.88 -5.40
C GLU A 32 -5.06 -8.96 -4.95
N ALA A 33 -4.39 -8.34 -5.93
CA ALA A 33 -3.29 -7.43 -5.64
C ALA A 33 -3.80 -6.12 -5.04
N LEU A 34 -4.98 -5.70 -5.49
CA LEU A 34 -5.58 -4.46 -5.00
C LEU A 34 -5.83 -4.54 -3.50
N GLN A 35 -6.51 -5.59 -3.06
CA GLN A 35 -6.81 -5.78 -1.65
C GLN A 35 -5.52 -5.87 -0.83
N LEU A 36 -4.52 -6.53 -1.38
CA LEU A 36 -3.23 -6.69 -0.70
C LEU A 36 -2.45 -5.38 -0.68
N TYR A 37 -2.65 -4.57 -1.73
CA TYR A 37 -1.97 -3.29 -1.83
C TYR A 37 -2.33 -2.39 -0.65
N GLN A 38 -3.62 -2.22 -0.41
CA GLN A 38 -4.10 -1.39 0.69
C GLN A 38 -3.61 -1.92 2.04
N HIS A 39 -3.72 -3.24 2.22
CA HIS A 39 -3.28 -3.88 3.46
C HIS A 39 -1.79 -3.65 3.70
N ALA A 40 -1.02 -3.64 2.61
CA ALA A 40 0.42 -3.43 2.71
C ALA A 40 0.75 -1.97 2.98
N VAL A 41 0.14 -1.08 2.20
CA VAL A 41 0.37 0.36 2.35
C VAL A 41 -0.10 0.84 3.72
N GLN A 42 -1.20 0.26 4.20
CA GLN A 42 -1.75 0.63 5.50
C GLN A 42 -0.84 0.17 6.63
N TYR A 43 -0.26 -1.01 6.48
CA TYR A 43 0.63 -1.56 7.49
C TYR A 43 1.97 -0.84 7.49
N PHE A 44 2.40 -0.42 6.31
CA PHE A 44 3.67 0.29 6.17
C PHE A 44 3.68 1.57 7.00
N LEU A 45 2.66 2.40 6.82
CA LEU A 45 2.56 3.65 7.56
C LEU A 45 2.25 3.38 9.03
N HIS A 46 1.55 2.28 9.31
CA HIS A 46 1.20 1.92 10.67
C HIS A 46 2.44 1.75 11.53
N VAL A 47 3.41 1.01 11.02
CA VAL A 47 4.66 0.77 11.74
C VAL A 47 5.48 2.05 11.85
N VAL A 48 5.42 2.87 10.80
CA VAL A 48 6.16 4.13 10.79
C VAL A 48 5.66 5.09 11.86
N LYS A 49 4.36 5.05 12.10
CA LYS A 49 3.74 5.92 13.11
C LYS A 49 4.14 5.47 14.52
N TYR A 50 4.24 4.16 14.71
CA TYR A 50 4.61 3.61 16.00
C TYR A 50 6.00 3.00 15.95
N GLU A 51 6.86 3.54 15.11
CA GLU A 51 8.22 3.05 14.96
C GLU A 51 9.01 3.89 13.96
N ALA A 52 9.48 5.05 14.41
CA ALA A 52 10.24 5.94 13.55
C ALA A 52 11.59 6.27 14.16
N GLN A 53 12.64 6.27 13.32
CA GLN A 53 13.99 6.56 13.79
C GLN A 53 14.93 6.76 12.61
N GLY A 54 14.90 7.94 12.02
CA GLY A 54 15.76 8.22 10.87
C GLY A 54 15.08 9.08 9.83
N ASP A 55 15.36 8.80 8.57
CA ASP A 55 14.77 9.55 7.46
C ASP A 55 14.59 8.66 6.24
N LYS A 56 15.62 7.92 5.89
CA LYS A 56 15.57 7.03 4.74
C LYS A 56 14.48 5.99 4.91
N ALA A 57 14.25 5.56 6.15
CA ALA A 57 13.24 4.56 6.44
C ALA A 57 11.85 5.05 6.03
N LYS A 58 11.50 6.25 6.46
CA LYS A 58 10.20 6.83 6.13
C LYS A 58 10.13 7.20 4.65
N GLN A 59 11.27 7.59 4.10
CA GLN A 59 11.34 7.97 2.69
C GLN A 59 11.09 6.77 1.79
N SER A 60 11.50 5.58 2.25
CA SER A 60 11.33 4.36 1.49
C SER A 60 9.88 3.90 1.53
N ILE A 61 9.34 3.73 2.73
CA ILE A 61 7.97 3.29 2.91
C ILE A 61 7.00 4.26 2.26
N ARG A 62 7.28 5.56 2.39
CA ARG A 62 6.42 6.58 1.82
C ARG A 62 6.35 6.44 0.30
N ALA A 63 7.51 6.41 -0.34
CA ALA A 63 7.58 6.28 -1.80
C ALA A 63 6.93 4.98 -2.26
N LYS A 64 6.99 3.96 -1.40
CA LYS A 64 6.40 2.66 -1.73
C LYS A 64 4.89 2.67 -1.49
N CYS A 65 4.45 3.46 -0.51
CA CYS A 65 3.03 3.56 -0.19
C CYS A 65 2.27 4.28 -1.29
N THR A 66 2.88 5.33 -1.85
CA THR A 66 2.26 6.10 -2.91
C THR A 66 2.21 5.30 -4.20
N GLU A 67 3.30 4.59 -4.50
CA GLU A 67 3.37 3.78 -5.71
C GLU A 67 2.29 2.70 -5.70
N TYR A 68 2.25 1.93 -4.63
CA TYR A 68 1.25 0.85 -4.51
C TYR A 68 -0.16 1.42 -4.45
N LEU A 69 -0.29 2.60 -3.86
CA LEU A 69 -1.59 3.25 -3.74
C LEU A 69 -2.11 3.67 -5.10
N ASP A 70 -1.26 4.32 -5.89
CA ASP A 70 -1.63 4.78 -7.21
C ASP A 70 -1.98 3.60 -8.12
N ARG A 71 -1.25 2.51 -7.98
CA ARG A 71 -1.47 1.31 -8.78
C ARG A 71 -2.87 0.75 -8.52
N ALA A 72 -3.22 0.61 -7.23
CA ALA A 72 -4.51 0.08 -6.85
C ALA A 72 -5.64 0.97 -7.35
N GLU A 73 -5.41 2.29 -7.33
CA GLU A 73 -6.40 3.25 -7.78
C GLU A 73 -6.77 3.00 -9.25
N LYS A 74 -5.76 2.66 -10.05
CA LYS A 74 -5.98 2.40 -11.47
C LYS A 74 -6.75 1.09 -11.68
N LEU A 75 -6.49 0.12 -10.81
CA LEU A 75 -7.15 -1.18 -10.90
C LEU A 75 -8.60 -1.09 -10.40
N LYS A 76 -8.80 -0.35 -9.31
CA LYS A 76 -10.13 -0.18 -8.74
C LYS A 76 -11.07 0.48 -9.76
N GLU A 77 -10.54 1.39 -10.55
CA GLU A 77 -11.33 2.09 -11.56
C GLU A 77 -11.60 1.18 -12.75
N TYR A 78 -10.53 0.64 -13.33
CA TYR A 78 -10.65 -0.25 -14.47
C TYR A 78 -11.48 -1.49 -14.11
N LEU A 79 -11.38 -1.91 -12.85
CA LEU A 79 -12.11 -3.07 -12.38
C LEU A 79 -13.60 -2.76 -12.24
N LYS A 80 -13.92 -1.51 -11.91
CA LYS A 80 -15.30 -1.07 -11.76
C LYS A 80 -15.90 -0.68 -13.09
N ASN A 81 -15.18 0.14 -13.84
CA ASN A 81 -15.65 0.59 -15.15
C ASN A 81 -15.64 -0.56 -16.16
N ASP B 6 3.64 13.04 4.83
CA ASP B 6 3.13 11.83 5.46
C ASP B 6 1.61 11.80 5.46
N GLU B 7 1.00 12.97 5.54
CA GLU B 7 -0.45 13.10 5.56
C GLU B 7 -1.03 12.77 4.19
N GLU B 8 -0.30 13.10 3.14
CA GLU B 8 -0.75 12.84 1.77
C GLU B 8 -0.91 11.35 1.54
N ILE B 9 0.11 10.57 1.88
CA ILE B 9 0.08 9.13 1.70
C ILE B 9 -0.99 8.50 2.58
N GLU B 10 -1.21 9.08 3.75
CA GLU B 10 -2.21 8.57 4.69
C GLU B 10 -3.62 8.81 4.15
N ARG B 11 -3.78 9.90 3.41
CA ARG B 11 -5.08 10.24 2.83
C ARG B 11 -5.42 9.33 1.66
N GLN B 12 -4.39 8.92 0.93
CA GLN B 12 -4.57 8.05 -0.23
C GLN B 12 -5.13 6.69 0.19
N LEU B 13 -4.44 6.05 1.13
CA LEU B 13 -4.87 4.74 1.62
C LEU B 13 -6.27 4.82 2.25
N LYS B 14 -6.54 5.94 2.93
CA LYS B 14 -7.83 6.13 3.56
C LYS B 14 -8.95 6.15 2.54
N ALA B 15 -8.64 6.61 1.33
CA ALA B 15 -9.62 6.67 0.25
C ALA B 15 -9.87 5.29 -0.35
N LEU B 16 -8.83 4.46 -0.33
CA LEU B 16 -8.93 3.10 -0.87
C LEU B 16 -9.90 2.26 -0.06
N GLY B 17 -9.99 2.54 1.23
CA GLY B 17 -10.88 1.79 2.09
C GLY B 17 -11.88 2.69 2.80
N VAL B 18 -12.83 3.23 2.03
CA VAL B 18 -13.85 4.12 2.59
C VAL B 18 -15.18 3.39 2.73
N ASP B 19 -15.86 3.59 3.86
CA ASP B 19 -17.14 2.96 4.11
C ASP B 19 -17.78 3.51 5.38
N ASN A 10 3.92 -6.32 12.88
CA ASN A 10 3.29 -5.35 12.00
C ASN A 10 4.17 -5.07 10.78
N LEU A 11 5.48 -5.03 11.01
CA LEU A 11 6.42 -4.76 9.94
C LEU A 11 6.53 -5.95 9.00
N GLN A 12 6.40 -7.15 9.55
CA GLN A 12 6.48 -8.37 8.76
C GLN A 12 5.33 -8.44 7.76
N LYS A 13 4.11 -8.21 8.24
CA LYS A 13 2.93 -8.24 7.39
C LYS A 13 2.99 -7.14 6.33
N ALA A 14 3.61 -6.03 6.68
CA ALA A 14 3.74 -4.91 5.75
C ALA A 14 4.50 -5.30 4.50
N ILE A 15 5.64 -5.96 4.69
CA ILE A 15 6.46 -6.40 3.58
C ILE A 15 5.85 -7.60 2.88
N ASP A 16 5.32 -8.54 3.67
CA ASP A 16 4.70 -9.74 3.13
C ASP A 16 3.49 -9.38 2.25
N LEU A 17 2.76 -8.35 2.66
CA LEU A 17 1.59 -7.91 1.91
C LEU A 17 1.99 -7.10 0.69
N ALA A 18 2.90 -6.15 0.89
CA ALA A 18 3.37 -5.31 -0.20
C ALA A 18 4.02 -6.14 -1.30
N SER A 19 4.78 -7.15 -0.89
CA SER A 19 5.47 -8.02 -1.83
C SER A 19 4.46 -8.88 -2.60
N LYS A 20 3.55 -9.50 -1.87
CA LYS A 20 2.53 -10.36 -2.47
C LYS A 20 1.61 -9.55 -3.39
N ALA A 21 1.40 -8.29 -3.04
CA ALA A 21 0.55 -7.40 -3.83
C ALA A 21 1.12 -7.19 -5.22
N ALA A 22 2.42 -6.94 -5.30
CA ALA A 22 3.09 -6.72 -6.57
C ALA A 22 3.19 -8.01 -7.37
N GLN A 23 3.31 -9.13 -6.65
CA GLN A 23 3.42 -10.43 -7.30
C GLN A 23 2.15 -10.76 -8.08
N GLU A 24 1.00 -10.53 -7.45
CA GLU A 24 -0.28 -10.80 -8.10
C GLU A 24 -0.53 -9.85 -9.26
N ASP A 25 -0.01 -8.63 -9.13
CA ASP A 25 -0.17 -7.62 -10.17
C ASP A 25 0.41 -8.10 -11.50
N LYS A 26 1.61 -8.68 -11.44
CA LYS A 26 2.28 -9.19 -12.63
C LYS A 26 1.74 -10.56 -13.01
N ALA A 27 1.33 -11.33 -12.01
CA ALA A 27 0.79 -12.66 -12.23
C ALA A 27 -0.45 -12.62 -13.11
N GLY A 28 -1.49 -11.95 -12.63
CA GLY A 28 -2.72 -11.84 -13.38
C GLY A 28 -3.91 -11.49 -12.52
N ASN A 29 -3.85 -11.86 -11.24
CA ASN A 29 -4.93 -11.58 -10.30
C ASN A 29 -4.90 -10.13 -9.85
N TYR A 30 -5.41 -9.24 -10.69
CA TYR A 30 -5.44 -7.82 -10.37
C TYR A 30 -6.25 -7.55 -9.11
N GLU A 31 -7.48 -8.07 -9.09
CA GLU A 31 -8.36 -7.90 -7.94
C GLU A 31 -7.70 -8.44 -6.67
N GLU A 32 -6.87 -9.46 -6.83
CA GLU A 32 -6.17 -10.07 -5.70
C GLU A 32 -5.08 -9.15 -5.20
N ALA A 33 -4.37 -8.51 -6.13
CA ALA A 33 -3.30 -7.59 -5.78
C ALA A 33 -3.86 -6.30 -5.19
N LEU A 34 -5.02 -5.89 -5.69
CA LEU A 34 -5.66 -4.67 -5.21
C LEU A 34 -5.95 -4.75 -3.72
N GLN A 35 -6.64 -5.80 -3.30
CA GLN A 35 -6.98 -5.99 -1.90
C GLN A 35 -5.72 -6.09 -1.04
N LEU A 36 -4.74 -6.86 -1.53
CA LEU A 36 -3.49 -7.04 -0.81
C LEU A 36 -2.70 -5.74 -0.76
N TYR A 37 -2.85 -4.93 -1.80
CA TYR A 37 -2.14 -3.65 -1.88
C TYR A 37 -2.52 -2.75 -0.72
N GLN A 38 -3.82 -2.59 -0.49
CA GLN A 38 -4.31 -1.74 0.60
C GLN A 38 -3.82 -2.26 1.94
N HIS A 39 -3.85 -3.58 2.11
CA HIS A 39 -3.41 -4.19 3.35
C HIS A 39 -1.92 -3.93 3.60
N ALA A 40 -1.15 -3.92 2.53
CA ALA A 40 0.29 -3.68 2.62
C ALA A 40 0.58 -2.25 3.04
N VAL A 41 0.03 -1.30 2.28
CA VAL A 41 0.23 0.13 2.58
C VAL A 41 -0.30 0.47 3.97
N GLN A 42 -1.36 -0.21 4.38
CA GLN A 42 -1.95 0.03 5.69
C GLN A 42 -0.95 -0.26 6.81
N TYR A 43 -0.25 -1.38 6.69
CA TYR A 43 0.74 -1.77 7.68
C TYR A 43 1.95 -0.84 7.65
N PHE A 44 2.29 -0.38 6.45
CA PHE A 44 3.42 0.53 6.27
C PHE A 44 3.26 1.78 7.12
N LEU A 45 2.12 2.45 6.97
CA LEU A 45 1.84 3.67 7.72
C LEU A 45 1.75 3.38 9.22
N HIS A 46 1.30 2.18 9.56
CA HIS A 46 1.16 1.78 10.95
C HIS A 46 2.50 1.83 11.67
N VAL A 47 3.49 1.13 11.11
CA VAL A 47 4.82 1.10 11.70
C VAL A 47 5.45 2.50 11.73
N VAL A 48 5.09 3.32 10.75
CA VAL A 48 5.61 4.67 10.66
C VAL A 48 5.02 5.56 11.75
N LYS A 49 3.75 5.32 12.07
CA LYS A 49 3.07 6.11 13.10
C LYS A 49 3.64 5.81 14.49
N TYR A 50 4.09 4.57 14.67
CA TYR A 50 4.66 4.14 15.94
C TYR A 50 6.18 3.96 15.83
N GLU A 51 6.58 2.86 15.19
CA GLU A 51 7.99 2.58 15.01
C GLU A 51 8.59 3.42 13.89
N ALA A 52 8.94 4.66 14.21
CA ALA A 52 9.53 5.56 13.23
C ALA A 52 10.99 5.84 13.55
N GLN A 53 11.89 5.18 12.84
CA GLN A 53 13.32 5.36 13.04
C GLN A 53 14.04 5.58 11.72
N GLY A 54 14.91 6.57 11.68
CA GLY A 54 15.65 6.88 10.46
C GLY A 54 14.76 7.50 9.39
N ASP A 55 15.21 8.65 8.88
CA ASP A 55 14.45 9.34 7.84
C ASP A 55 14.36 8.51 6.57
N LYS A 56 15.39 7.70 6.33
CA LYS A 56 15.42 6.84 5.15
C LYS A 56 14.25 5.86 5.15
N ALA A 57 13.88 5.39 6.34
CA ALA A 57 12.78 4.45 6.48
C ALA A 57 11.48 5.07 6.02
N LYS A 58 11.17 6.25 6.52
CA LYS A 58 9.94 6.95 6.16
C LYS A 58 9.91 7.24 4.66
N GLN A 59 11.08 7.53 4.10
CA GLN A 59 11.18 7.83 2.67
C GLN A 59 10.91 6.59 1.83
N SER A 60 11.28 5.43 2.37
CA SER A 60 11.08 4.16 1.67
C SER A 60 9.61 3.75 1.71
N ILE A 61 9.05 3.68 2.92
CA ILE A 61 7.65 3.30 3.09
C ILE A 61 6.73 4.25 2.36
N ARG A 62 7.06 5.54 2.38
CA ARG A 62 6.27 6.56 1.71
C ARG A 62 6.27 6.35 0.20
N ALA A 63 7.47 6.26 -0.38
CA ALA A 63 7.61 6.07 -1.81
C ALA A 63 6.95 4.77 -2.26
N LYS A 64 6.97 3.77 -1.38
CA LYS A 64 6.36 2.48 -1.69
C LYS A 64 4.84 2.54 -1.51
N CYS A 65 4.39 3.34 -0.56
CA CYS A 65 2.97 3.48 -0.30
C CYS A 65 2.28 4.27 -1.41
N THR A 66 2.99 5.23 -1.99
CA THR A 66 2.45 6.05 -3.06
C THR A 66 2.33 5.24 -4.35
N GLU A 67 3.37 4.46 -4.65
CA GLU A 67 3.38 3.63 -5.85
C GLU A 67 2.26 2.60 -5.81
N TYR A 68 2.20 1.83 -4.73
CA TYR A 68 1.18 0.80 -4.58
C TYR A 68 -0.21 1.42 -4.54
N LEU A 69 -0.33 2.55 -3.84
CA LEU A 69 -1.60 3.25 -3.72
C LEU A 69 -2.13 3.67 -5.09
N ASP A 70 -1.21 4.08 -5.95
CA ASP A 70 -1.57 4.53 -7.30
C ASP A 70 -2.18 3.37 -8.10
N ARG A 71 -1.60 2.18 -7.96
CA ARG A 71 -2.08 1.00 -8.67
C ARG A 71 -3.43 0.55 -8.11
N ALA A 72 -3.55 0.59 -6.78
CA ALA A 72 -4.78 0.19 -6.12
C ALA A 72 -5.97 1.04 -6.58
N GLU A 73 -5.71 2.32 -6.79
CA GLU A 73 -6.75 3.24 -7.23
C GLU A 73 -7.01 3.10 -8.73
N LYS A 74 -5.93 2.88 -9.48
CA LYS A 74 -6.04 2.72 -10.94
C LYS A 74 -6.77 1.43 -11.29
N LEU A 75 -6.36 0.33 -10.66
CA LEU A 75 -6.97 -0.96 -10.92
C LEU A 75 -8.45 -0.96 -10.53
N LYS A 76 -8.75 -0.31 -9.40
CA LYS A 76 -10.13 -0.22 -8.92
C LYS A 76 -11.02 0.47 -9.94
N GLU A 77 -10.47 1.46 -10.63
CA GLU A 77 -11.21 2.21 -11.65
C GLU A 77 -11.37 1.37 -12.91
N TYR A 78 -10.24 0.92 -13.45
CA TYR A 78 -10.26 0.12 -14.66
C TYR A 78 -11.04 -1.17 -14.45
N LEU A 79 -11.01 -1.68 -13.22
CA LEU A 79 -11.72 -2.90 -12.88
C LEU A 79 -13.23 -2.71 -13.00
N LYS A 80 -13.72 -1.58 -12.48
CA LYS A 80 -15.14 -1.27 -12.52
C LYS A 80 -15.52 -0.66 -13.87
N ASN A 81 -14.60 0.08 -14.46
CA ASN A 81 -14.84 0.72 -15.75
C ASN A 81 -14.84 -0.30 -16.88
N ASP B 6 3.80 13.64 3.18
CA ASP B 6 3.37 12.45 3.90
C ASP B 6 1.85 12.40 4.02
N GLU B 7 1.23 13.57 4.15
CA GLU B 7 -0.22 13.65 4.26
C GLU B 7 -0.90 13.06 3.04
N GLU B 8 -0.27 13.20 1.89
CA GLU B 8 -0.81 12.69 0.64
C GLU B 8 -0.99 11.18 0.71
N ILE B 9 -0.01 10.50 1.28
CA ILE B 9 -0.06 9.05 1.42
C ILE B 9 -1.07 8.63 2.48
N GLU B 10 -1.01 9.26 3.64
CA GLU B 10 -1.92 8.96 4.73
C GLU B 10 -3.37 9.19 4.31
N ARG B 11 -3.60 10.28 3.59
CA ARG B 11 -4.94 10.62 3.12
C ARG B 11 -5.43 9.62 2.08
N GLN B 12 -4.49 9.12 1.28
CA GLN B 12 -4.83 8.16 0.23
C GLN B 12 -5.37 6.87 0.84
N LEU B 13 -4.70 6.38 1.88
CA LEU B 13 -5.12 5.16 2.55
C LEU B 13 -6.52 5.30 3.12
N LYS B 14 -6.79 6.45 3.74
CA LYS B 14 -8.11 6.71 4.32
C LYS B 14 -9.20 6.64 3.26
N ALA B 15 -8.85 7.02 2.04
CA ALA B 15 -9.81 7.01 0.94
C ALA B 15 -10.13 5.58 0.51
N LEU B 16 -9.10 4.83 0.14
CA LEU B 16 -9.28 3.45 -0.30
C LEU B 16 -9.76 2.58 0.86
N GLY B 17 -9.30 2.89 2.06
CA GLY B 17 -9.69 2.12 3.23
C GLY B 17 -10.83 2.77 3.99
N VAL B 18 -11.67 3.50 3.27
CA VAL B 18 -12.81 4.18 3.89
C VAL B 18 -13.89 3.17 4.29
N ASP B 19 -14.35 3.27 5.54
CA ASP B 19 -15.38 2.39 6.05
C ASP B 19 -15.95 2.91 7.36
N ASN A 10 4.86 -6.67 12.56
CA ASN A 10 4.25 -5.65 11.74
C ASN A 10 5.08 -5.37 10.49
N LEU A 11 6.39 -5.48 10.63
CA LEU A 11 7.31 -5.24 9.52
C LEU A 11 7.38 -6.45 8.60
N GLN A 12 7.42 -7.63 9.19
CA GLN A 12 7.49 -8.88 8.43
C GLN A 12 6.27 -9.02 7.52
N LYS A 13 5.13 -8.56 8.01
CA LYS A 13 3.88 -8.64 7.26
C LYS A 13 3.80 -7.52 6.22
N ALA A 14 4.35 -6.37 6.55
CA ALA A 14 4.35 -5.22 5.66
C ALA A 14 5.08 -5.55 4.35
N ILE A 15 6.24 -6.16 4.47
CA ILE A 15 7.04 -6.52 3.30
C ILE A 15 6.42 -7.71 2.56
N ASP A 16 5.90 -8.67 3.33
CA ASP A 16 5.27 -9.85 2.75
C ASP A 16 3.99 -9.49 2.02
N LEU A 17 3.12 -8.75 2.71
CA LEU A 17 1.84 -8.34 2.13
C LEU A 17 2.07 -7.45 0.91
N ALA A 18 3.10 -6.62 0.97
CA ALA A 18 3.41 -5.72 -0.13
C ALA A 18 3.96 -6.48 -1.34
N SER A 19 4.80 -7.49 -1.06
CA SER A 19 5.39 -8.30 -2.12
C SER A 19 4.32 -9.07 -2.87
N LYS A 20 3.36 -9.63 -2.14
CA LYS A 20 2.28 -10.39 -2.74
C LYS A 20 1.37 -9.49 -3.56
N ALA A 21 1.25 -8.23 -3.12
CA ALA A 21 0.39 -7.27 -3.81
C ALA A 21 0.85 -7.07 -5.26
N ALA A 22 2.12 -6.75 -5.43
CA ALA A 22 2.68 -6.54 -6.76
C ALA A 22 2.71 -7.83 -7.56
N GLN A 23 2.87 -8.96 -6.86
CA GLN A 23 2.91 -10.26 -7.51
C GLN A 23 1.56 -10.59 -8.15
N GLU A 24 0.49 -10.41 -7.39
CA GLU A 24 -0.86 -10.70 -7.89
C GLU A 24 -1.18 -9.82 -9.10
N ASP A 25 -0.68 -8.59 -9.09
CA ASP A 25 -0.92 -7.66 -10.17
C ASP A 25 -0.37 -8.22 -11.49
N LYS A 26 0.86 -8.68 -11.45
CA LYS A 26 1.51 -9.23 -12.64
C LYS A 26 1.07 -10.68 -12.87
N ALA A 27 0.79 -11.39 -11.77
CA ALA A 27 0.35 -12.78 -11.85
C ALA A 27 -0.92 -12.92 -12.67
N GLY A 28 -1.99 -12.30 -12.21
CA GLY A 28 -3.26 -12.36 -12.92
C GLY A 28 -4.43 -11.94 -12.05
N ASN A 29 -4.32 -12.16 -10.74
CA ASN A 29 -5.37 -11.81 -9.81
C ASN A 29 -5.33 -10.32 -9.48
N TYR A 30 -6.01 -9.51 -10.29
CA TYR A 30 -6.05 -8.08 -10.08
C TYR A 30 -6.76 -7.73 -8.77
N GLU A 31 -7.96 -8.27 -8.61
CA GLU A 31 -8.75 -8.02 -7.40
C GLU A 31 -7.98 -8.47 -6.15
N GLU A 32 -7.16 -9.50 -6.31
CA GLU A 32 -6.38 -10.02 -5.21
C GLU A 32 -5.23 -9.07 -4.86
N ALA A 33 -4.67 -8.43 -5.87
CA ALA A 33 -3.56 -7.51 -5.68
C ALA A 33 -4.06 -6.21 -5.03
N LEU A 34 -5.27 -5.81 -5.36
CA LEU A 34 -5.86 -4.59 -4.82
C LEU A 34 -6.03 -4.70 -3.31
N GLN A 35 -6.74 -5.74 -2.89
CA GLN A 35 -6.99 -5.97 -1.47
C GLN A 35 -5.68 -6.13 -0.71
N LEU A 36 -4.72 -6.81 -1.33
CA LEU A 36 -3.42 -7.03 -0.71
C LEU A 36 -2.60 -5.75 -0.66
N TYR A 37 -2.81 -4.88 -1.65
CA TYR A 37 -2.10 -3.61 -1.71
C TYR A 37 -2.40 -2.75 -0.49
N GLN A 38 -3.68 -2.52 -0.23
CA GLN A 38 -4.09 -1.72 0.92
C GLN A 38 -3.61 -2.35 2.23
N HIS A 39 -3.73 -3.67 2.33
CA HIS A 39 -3.30 -4.38 3.52
C HIS A 39 -1.80 -4.18 3.78
N ALA A 40 -1.02 -4.19 2.71
CA ALA A 40 0.42 -4.00 2.82
C ALA A 40 0.76 -2.54 3.11
N VAL A 41 0.14 -1.64 2.36
CA VAL A 41 0.38 -0.21 2.54
C VAL A 41 -0.02 0.24 3.94
N GLN A 42 -1.07 -0.36 4.48
CA GLN A 42 -1.56 -0.03 5.82
C GLN A 42 -0.56 -0.47 6.89
N TYR A 43 0.05 -1.64 6.67
CA TYR A 43 1.01 -2.18 7.62
C TYR A 43 2.27 -1.31 7.66
N PHE A 44 2.62 -0.75 6.50
CA PHE A 44 3.81 0.11 6.40
C PHE A 44 3.65 1.34 7.30
N LEU A 45 2.56 2.06 7.12
CA LEU A 45 2.29 3.26 7.90
C LEU A 45 2.16 2.92 9.39
N HIS A 46 1.70 1.71 9.68
CA HIS A 46 1.53 1.27 11.06
C HIS A 46 2.84 1.35 11.83
N VAL A 47 3.88 0.70 11.30
CA VAL A 47 5.18 0.70 11.94
C VAL A 47 5.77 2.10 11.97
N VAL A 48 5.51 2.87 10.92
CA VAL A 48 6.02 4.23 10.83
C VAL A 48 5.42 5.12 11.91
N LYS A 49 4.15 4.88 12.22
CA LYS A 49 3.44 5.66 13.23
C LYS A 49 3.97 5.34 14.62
N TYR A 50 4.42 4.10 14.82
CA TYR A 50 4.94 3.67 16.11
C TYR A 50 6.40 3.25 15.98
N GLU A 51 7.12 3.88 15.06
CA GLU A 51 8.53 3.57 14.84
C GLU A 51 9.12 4.47 13.76
N ALA A 52 9.52 5.68 14.15
CA ALA A 52 10.11 6.64 13.22
C ALA A 52 11.41 7.22 13.77
N GLN A 53 12.52 6.61 13.38
CA GLN A 53 13.83 7.06 13.82
C GLN A 53 14.47 7.98 12.79
N GLY A 54 14.95 7.39 11.70
CA GLY A 54 15.56 8.19 10.65
C GLY A 54 14.59 8.62 9.58
N ASP A 55 15.07 9.39 8.61
CA ASP A 55 14.23 9.89 7.53
C ASP A 55 14.24 8.92 6.36
N LYS A 56 15.37 8.23 6.17
CA LYS A 56 15.50 7.28 5.07
C LYS A 56 14.47 6.17 5.19
N ALA A 57 14.27 5.67 6.41
CA ALA A 57 13.31 4.61 6.67
C ALA A 57 11.90 5.02 6.25
N LYS A 58 11.50 6.22 6.68
CA LYS A 58 10.17 6.75 6.36
C LYS A 58 10.08 7.12 4.88
N GLN A 59 11.21 7.57 4.33
CA GLN A 59 11.26 7.96 2.92
C GLN A 59 11.04 6.75 2.02
N SER A 60 11.49 5.58 2.46
CA SER A 60 11.34 4.36 1.69
C SER A 60 9.90 3.84 1.75
N ILE A 61 9.41 3.64 2.97
CA ILE A 61 8.05 3.15 3.15
C ILE A 61 7.02 4.08 2.53
N ARG A 62 7.26 5.39 2.66
CA ARG A 62 6.35 6.38 2.10
C ARG A 62 6.32 6.29 0.58
N ALA A 63 7.50 6.32 -0.04
CA ALA A 63 7.60 6.23 -1.49
C ALA A 63 6.95 4.95 -2.01
N LYS A 64 6.99 3.91 -1.20
CA LYS A 64 6.42 2.62 -1.57
C LYS A 64 4.90 2.63 -1.36
N CYS A 65 4.47 3.30 -0.30
CA CYS A 65 3.05 3.39 0.01
C CYS A 65 2.32 4.28 -0.99
N THR A 66 2.96 5.37 -1.39
CA THR A 66 2.38 6.30 -2.34
C THR A 66 2.24 5.66 -3.72
N GLU A 67 3.28 4.95 -4.14
CA GLU A 67 3.29 4.28 -5.43
C GLU A 67 2.26 3.15 -5.46
N TYR A 68 2.26 2.33 -4.42
CA TYR A 68 1.33 1.21 -4.33
C TYR A 68 -0.11 1.71 -4.33
N LEU A 69 -0.33 2.86 -3.71
CA LEU A 69 -1.68 3.44 -3.65
C LEU A 69 -2.19 3.78 -5.05
N ASP A 70 -1.31 4.31 -5.88
CA ASP A 70 -1.67 4.69 -7.24
C ASP A 70 -2.16 3.47 -8.03
N ARG A 71 -1.37 2.41 -8.01
CA ARG A 71 -1.71 1.18 -8.71
C ARG A 71 -3.03 0.60 -8.19
N ALA A 72 -3.29 0.83 -6.91
CA ALA A 72 -4.52 0.33 -6.29
C ALA A 72 -5.75 1.01 -6.89
N GLU A 73 -5.64 2.31 -7.13
CA GLU A 73 -6.74 3.08 -7.70
C GLU A 73 -6.92 2.74 -9.18
N LYS A 74 -5.82 2.44 -9.85
CA LYS A 74 -5.86 2.10 -11.27
C LYS A 74 -6.74 0.87 -11.52
N LEU A 75 -6.51 -0.17 -10.74
CA LEU A 75 -7.26 -1.41 -10.88
C LEU A 75 -8.73 -1.19 -10.50
N LYS A 76 -8.94 -0.42 -9.43
CA LYS A 76 -10.29 -0.13 -8.97
C LYS A 76 -11.10 0.57 -10.04
N GLU A 77 -10.44 1.43 -10.81
CA GLU A 77 -11.10 2.17 -11.88
C GLU A 77 -11.37 1.26 -13.08
N TYR A 78 -10.31 0.62 -13.57
CA TYR A 78 -10.42 -0.27 -14.71
C TYR A 78 -11.37 -1.43 -14.38
N LEU A 79 -11.39 -1.84 -13.12
CA LEU A 79 -12.24 -2.93 -12.68
C LEU A 79 -13.71 -2.54 -12.76
N LYS A 80 -14.01 -1.31 -12.36
CA LYS A 80 -15.38 -0.82 -12.39
C LYS A 80 -15.76 -0.31 -13.78
N ASN A 81 -14.94 0.61 -14.31
CA ASN A 81 -15.17 1.17 -15.63
C ASN A 81 -15.14 0.10 -16.70
N ASP B 6 3.52 12.75 4.38
CA ASP B 6 2.82 11.65 5.02
C ASP B 6 1.30 11.83 4.93
N GLU B 7 0.86 13.08 4.87
CA GLU B 7 -0.56 13.38 4.78
C GLU B 7 -1.19 12.73 3.56
N GLU B 8 -0.53 12.86 2.41
CA GLU B 8 -1.02 12.29 1.17
C GLU B 8 -1.09 10.76 1.26
N ILE B 9 -0.07 10.16 1.88
CA ILE B 9 -0.02 8.72 2.05
C ILE B 9 -1.03 8.25 3.10
N GLU B 10 -1.14 8.99 4.19
CA GLU B 10 -2.07 8.66 5.26
C GLU B 10 -3.50 8.91 4.83
N ARG B 11 -3.74 10.03 4.15
CA ARG B 11 -5.07 10.37 3.68
C ARG B 11 -5.51 9.46 2.55
N GLN B 12 -4.56 9.07 1.70
CA GLN B 12 -4.86 8.18 0.58
C GLN B 12 -5.41 6.85 1.07
N LEU B 13 -4.78 6.29 2.09
CA LEU B 13 -5.21 5.02 2.66
C LEU B 13 -6.63 5.12 3.20
N LYS B 14 -6.89 6.17 3.97
CA LYS B 14 -8.21 6.38 4.55
C LYS B 14 -9.26 6.62 3.46
N ALA B 15 -8.83 7.21 2.35
CA ALA B 15 -9.73 7.50 1.24
C ALA B 15 -10.12 6.22 0.51
N LEU B 16 -9.14 5.33 0.33
CA LEU B 16 -9.38 4.07 -0.36
C LEU B 16 -10.32 3.17 0.46
N GLY B 17 -10.25 3.30 1.78
CA GLY B 17 -11.09 2.52 2.65
C GLY B 17 -12.57 2.73 2.39
N VAL B 18 -12.91 3.92 1.91
CA VAL B 18 -14.30 4.26 1.62
C VAL B 18 -14.61 4.10 0.13
N ASP B 19 -15.84 4.39 -0.24
CA ASP B 19 -16.26 4.29 -1.64
C ASP B 19 -17.54 5.08 -1.88
N ASN A 10 3.21 -5.86 12.28
CA ASN A 10 2.83 -5.04 11.13
C ASN A 10 4.01 -4.88 10.17
N LEU A 11 5.21 -4.88 10.72
CA LEU A 11 6.41 -4.73 9.91
C LEU A 11 6.57 -5.90 8.94
N GLN A 12 6.43 -7.11 9.46
CA GLN A 12 6.54 -8.32 8.64
C GLN A 12 5.41 -8.40 7.63
N LYS A 13 4.18 -8.22 8.09
CA LYS A 13 3.02 -8.27 7.22
C LYS A 13 3.09 -7.19 6.15
N ALA A 14 3.70 -6.06 6.50
CA ALA A 14 3.84 -4.95 5.56
C ALA A 14 4.66 -5.36 4.34
N ILE A 15 5.80 -6.00 4.59
CA ILE A 15 6.68 -6.45 3.52
C ILE A 15 6.07 -7.64 2.77
N ASP A 16 5.44 -8.53 3.51
CA ASP A 16 4.82 -9.72 2.92
C ASP A 16 3.58 -9.34 2.12
N LEU A 17 2.80 -8.38 2.64
CA LEU A 17 1.60 -7.93 1.97
C LEU A 17 1.94 -7.11 0.73
N ALA A 18 2.89 -6.20 0.86
CA ALA A 18 3.32 -5.36 -0.24
C ALA A 18 3.83 -6.19 -1.41
N SER A 19 4.69 -7.15 -1.11
CA SER A 19 5.27 -8.03 -2.13
C SER A 19 4.18 -8.92 -2.74
N LYS A 20 3.19 -9.28 -1.93
CA LYS A 20 2.10 -10.13 -2.39
C LYS A 20 1.15 -9.35 -3.31
N ALA A 21 0.95 -8.08 -2.99
CA ALA A 21 0.07 -7.23 -3.78
C ALA A 21 0.55 -7.14 -5.23
N ALA A 22 1.81 -6.76 -5.40
CA ALA A 22 2.39 -6.63 -6.74
C ALA A 22 2.47 -7.98 -7.43
N GLN A 23 2.65 -9.03 -6.64
CA GLN A 23 2.73 -10.39 -7.18
C GLN A 23 1.42 -10.80 -7.85
N GLU A 24 0.32 -10.29 -7.32
CA GLU A 24 -1.00 -10.61 -7.86
C GLU A 24 -1.28 -9.79 -9.12
N ASP A 25 -0.75 -8.57 -9.16
CA ASP A 25 -0.94 -7.71 -10.32
C ASP A 25 -0.40 -8.35 -11.58
N LYS A 26 0.81 -8.89 -11.49
CA LYS A 26 1.44 -9.54 -12.63
C LYS A 26 0.91 -10.95 -12.82
N ALA A 27 0.55 -11.60 -11.71
CA ALA A 27 0.03 -12.95 -11.75
C ALA A 27 -1.25 -13.03 -12.59
N GLY A 28 -2.28 -12.32 -12.16
CA GLY A 28 -3.54 -12.33 -12.88
C GLY A 28 -4.70 -11.84 -12.02
N ASN A 29 -4.59 -12.05 -10.71
CA ASN A 29 -5.64 -11.65 -9.79
C ASN A 29 -5.56 -10.15 -9.49
N TYR A 30 -6.27 -9.35 -10.28
CA TYR A 30 -6.27 -7.91 -10.11
C TYR A 30 -6.96 -7.53 -8.79
N GLU A 31 -8.17 -8.02 -8.60
CA GLU A 31 -8.93 -7.73 -7.39
C GLU A 31 -8.17 -8.18 -6.15
N GLU A 32 -7.37 -9.24 -6.30
CA GLU A 32 -6.59 -9.77 -5.19
C GLU A 32 -5.42 -8.85 -4.87
N ALA A 33 -4.85 -8.24 -5.91
CA ALA A 33 -3.72 -7.34 -5.73
C ALA A 33 -4.17 -6.02 -5.10
N LEU A 34 -5.38 -5.59 -5.44
CA LEU A 34 -5.93 -4.35 -4.90
C LEU A 34 -6.08 -4.44 -3.39
N GLN A 35 -6.77 -5.47 -2.93
CA GLN A 35 -7.00 -5.67 -1.50
C GLN A 35 -5.68 -5.81 -0.75
N LEU A 36 -4.72 -6.48 -1.38
CA LEU A 36 -3.41 -6.68 -0.79
C LEU A 36 -2.60 -5.38 -0.78
N TYR A 37 -2.82 -4.56 -1.79
CA TYR A 37 -2.11 -3.28 -1.91
C TYR A 37 -2.42 -2.38 -0.72
N GLN A 38 -3.71 -2.23 -0.42
CA GLN A 38 -4.15 -1.40 0.69
C GLN A 38 -3.64 -1.96 2.01
N HIS A 39 -3.78 -3.27 2.19
CA HIS A 39 -3.34 -3.92 3.41
C HIS A 39 -1.85 -3.71 3.64
N ALA A 40 -1.08 -3.71 2.56
CA ALA A 40 0.36 -3.52 2.64
C ALA A 40 0.71 -2.05 2.87
N VAL A 41 0.14 -1.19 2.04
CA VAL A 41 0.39 0.25 2.16
C VAL A 41 -0.10 0.79 3.50
N GLN A 42 -1.25 0.29 3.95
CA GLN A 42 -1.82 0.72 5.21
C GLN A 42 -0.95 0.28 6.38
N TYR A 43 -0.37 -0.91 6.27
CA TYR A 43 0.49 -1.45 7.32
C TYR A 43 1.84 -0.71 7.35
N PHE A 44 2.31 -0.30 6.19
CA PHE A 44 3.57 0.42 6.08
C PHE A 44 3.54 1.70 6.90
N LEU A 45 2.53 2.52 6.67
CA LEU A 45 2.39 3.78 7.38
C LEU A 45 2.03 3.54 8.85
N HIS A 46 1.32 2.44 9.10
CA HIS A 46 0.92 2.09 10.46
C HIS A 46 2.14 1.94 11.37
N VAL A 47 3.11 1.15 10.91
CA VAL A 47 4.32 0.91 11.68
C VAL A 47 5.15 2.20 11.81
N VAL A 48 5.13 3.01 10.77
CA VAL A 48 5.88 4.27 10.77
C VAL A 48 5.33 5.22 11.82
N LYS A 49 4.02 5.20 12.02
CA LYS A 49 3.38 6.06 13.01
C LYS A 49 3.72 5.62 14.42
N TYR A 50 3.85 4.31 14.62
CA TYR A 50 4.17 3.75 15.93
C TYR A 50 5.54 3.08 15.91
N GLU A 51 6.43 3.58 15.06
CA GLU A 51 7.78 3.03 14.95
C GLU A 51 8.59 3.80 13.92
N ALA A 52 9.29 4.84 14.37
CA ALA A 52 10.12 5.66 13.50
C ALA A 52 11.57 5.65 13.94
N GLN A 53 12.46 5.29 13.01
CA GLN A 53 13.89 5.23 13.30
C GLN A 53 14.56 6.58 13.01
N GLY A 54 14.66 6.91 11.73
CA GLY A 54 15.28 8.17 11.34
C GLY A 54 14.47 8.91 10.30
N ASP A 55 15.06 9.07 9.12
CA ASP A 55 14.37 9.78 8.03
C ASP A 55 14.29 8.91 6.78
N LYS A 56 15.39 8.24 6.46
CA LYS A 56 15.45 7.35 5.29
C LYS A 56 14.40 6.26 5.39
N ALA A 57 14.11 5.84 6.62
CA ALA A 57 13.13 4.78 6.86
C ALA A 57 11.74 5.21 6.39
N LYS A 58 11.32 6.39 6.84
CA LYS A 58 10.01 6.92 6.47
C LYS A 58 9.99 7.33 5.00
N GLN A 59 11.12 7.79 4.50
CA GLN A 59 11.23 8.20 3.10
C GLN A 59 11.07 7.02 2.16
N SER A 60 11.52 5.85 2.61
CA SER A 60 11.44 4.64 1.81
C SER A 60 10.01 4.10 1.80
N ILE A 61 9.47 3.86 2.98
CA ILE A 61 8.11 3.34 3.11
C ILE A 61 7.10 4.26 2.44
N ARG A 62 7.31 5.56 2.56
CA ARG A 62 6.42 6.54 1.97
C ARG A 62 6.42 6.43 0.44
N ALA A 63 7.62 6.41 -0.14
CA ALA A 63 7.75 6.30 -1.59
C ALA A 63 7.15 5.00 -2.10
N LYS A 64 7.19 3.96 -1.28
CA LYS A 64 6.64 2.66 -1.64
C LYS A 64 5.12 2.68 -1.56
N CYS A 65 4.60 3.36 -0.53
CA CYS A 65 3.16 3.45 -0.34
C CYS A 65 2.52 4.30 -1.43
N THR A 66 3.26 5.29 -1.92
CA THR A 66 2.77 6.16 -2.97
C THR A 66 2.65 5.43 -4.29
N GLU A 67 3.69 4.69 -4.65
CA GLU A 67 3.70 3.92 -5.90
C GLU A 67 2.65 2.82 -5.86
N TYR A 68 2.55 2.13 -4.73
CA TYR A 68 1.60 1.05 -4.56
C TYR A 68 0.17 1.59 -4.53
N LEU A 69 -0.01 2.73 -3.88
CA LEU A 69 -1.33 3.36 -3.77
C LEU A 69 -1.81 3.83 -5.13
N ASP A 70 -0.91 4.42 -5.91
CA ASP A 70 -1.26 4.92 -7.23
C ASP A 70 -1.63 3.78 -8.16
N ARG A 71 -0.88 2.68 -8.09
CA ARG A 71 -1.14 1.52 -8.93
C ARG A 71 -2.53 0.96 -8.66
N ALA A 72 -2.94 0.97 -7.39
CA ALA A 72 -4.25 0.47 -7.01
C ALA A 72 -5.37 1.27 -7.67
N GLU A 73 -5.21 2.58 -7.68
CA GLU A 73 -6.21 3.46 -8.28
C GLU A 73 -6.38 3.15 -9.76
N LYS A 74 -5.29 2.78 -10.42
CA LYS A 74 -5.33 2.45 -11.85
C LYS A 74 -6.13 1.18 -12.09
N LEU A 75 -5.94 0.19 -11.22
CA LEU A 75 -6.64 -1.08 -11.35
C LEU A 75 -8.10 -0.94 -10.92
N LYS A 76 -8.34 -0.11 -9.91
CA LYS A 76 -9.69 0.12 -9.41
C LYS A 76 -10.59 0.68 -10.51
N GLU A 77 -10.00 1.50 -11.37
CA GLU A 77 -10.75 2.11 -12.47
C GLU A 77 -11.01 1.10 -13.57
N TYR A 78 -9.94 0.50 -14.08
CA TYR A 78 -10.06 -0.50 -15.14
C TYR A 78 -10.89 -1.69 -14.67
N LEU A 79 -10.83 -1.97 -13.37
CA LEU A 79 -11.58 -3.08 -12.79
C LEU A 79 -13.09 -2.87 -12.97
N LYS A 80 -13.60 -1.81 -12.37
CA LYS A 80 -15.02 -1.50 -12.46
C LYS A 80 -15.37 -0.88 -13.81
N ASN A 81 -14.66 0.19 -14.16
CA ASN A 81 -14.89 0.88 -15.43
C ASN A 81 -13.92 0.37 -16.50
N ASP B 6 3.32 12.83 4.15
CA ASP B 6 2.80 11.77 5.00
C ASP B 6 1.27 11.80 5.04
N GLU B 7 0.71 13.00 4.92
CA GLU B 7 -0.74 13.16 4.93
C GLU B 7 -1.37 12.68 3.63
N GLU B 8 -0.62 12.80 2.53
CA GLU B 8 -1.10 12.37 1.23
C GLU B 8 -1.17 10.85 1.15
N ILE B 9 -0.08 10.18 1.52
CA ILE B 9 -0.01 8.74 1.49
C ILE B 9 -1.07 8.13 2.42
N GLU B 10 -1.27 8.76 3.56
CA GLU B 10 -2.26 8.28 4.53
C GLU B 10 -3.68 8.49 4.03
N ARG B 11 -3.86 9.54 3.23
CA ARG B 11 -5.18 9.85 2.67
C ARG B 11 -5.54 8.87 1.55
N GLN B 12 -4.54 8.50 0.76
CA GLN B 12 -4.75 7.57 -0.35
C GLN B 12 -5.28 6.23 0.15
N LEU B 13 -4.56 5.64 1.10
CA LEU B 13 -4.96 4.36 1.67
C LEU B 13 -6.25 4.49 2.46
N LYS B 14 -6.46 5.66 3.06
CA LYS B 14 -7.66 5.91 3.85
C LYS B 14 -8.88 6.07 2.94
N ALA B 15 -8.66 6.59 1.74
CA ALA B 15 -9.74 6.80 0.78
C ALA B 15 -10.15 5.48 0.14
N LEU B 16 -9.16 4.68 -0.24
CA LEU B 16 -9.42 3.39 -0.88
C LEU B 16 -10.11 2.43 0.10
N GLY B 17 -9.62 2.41 1.34
CA GLY B 17 -10.20 1.54 2.34
C GLY B 17 -10.36 2.23 3.69
N VAL B 18 -11.55 2.12 4.25
CA VAL B 18 -11.84 2.73 5.55
C VAL B 18 -13.19 2.27 6.09
N ASP B 19 -13.21 1.95 7.39
CA ASP B 19 -14.43 1.48 8.03
C ASP B 19 -15.32 2.66 8.43
N ASN A 10 4.00 -6.70 12.65
CA ASN A 10 3.49 -5.76 11.65
C ASN A 10 4.53 -5.46 10.58
N LEU A 11 5.78 -5.32 11.01
CA LEU A 11 6.87 -5.04 10.08
C LEU A 11 7.07 -6.20 9.11
N GLN A 12 7.03 -7.42 9.63
CA GLN A 12 7.20 -8.60 8.81
C GLN A 12 6.07 -8.74 7.80
N LYS A 13 4.85 -8.46 8.24
CA LYS A 13 3.68 -8.54 7.37
C LYS A 13 3.67 -7.40 6.37
N ALA A 14 4.21 -6.25 6.77
CA ALA A 14 4.26 -5.08 5.90
C ALA A 14 5.04 -5.38 4.62
N ILE A 15 6.18 -6.05 4.78
CA ILE A 15 7.03 -6.40 3.65
C ILE A 15 6.43 -7.55 2.85
N ASP A 16 6.00 -8.59 3.55
CA ASP A 16 5.41 -9.76 2.90
C ASP A 16 4.13 -9.38 2.14
N LEU A 17 3.28 -8.60 2.80
CA LEU A 17 2.03 -8.16 2.19
C LEU A 17 2.29 -7.36 0.92
N ALA A 18 3.18 -6.37 1.03
CA ALA A 18 3.52 -5.52 -0.10
C ALA A 18 4.12 -6.34 -1.24
N SER A 19 4.86 -7.39 -0.88
CA SER A 19 5.49 -8.26 -1.87
C SER A 19 4.46 -9.15 -2.54
N LYS A 20 3.52 -9.67 -1.75
CA LYS A 20 2.48 -10.54 -2.27
C LYS A 20 1.48 -9.76 -3.12
N ALA A 21 1.20 -8.52 -2.71
CA ALA A 21 0.26 -7.68 -3.43
C ALA A 21 0.74 -7.43 -4.86
N ALA A 22 1.97 -6.95 -5.00
CA ALA A 22 2.54 -6.68 -6.31
C ALA A 22 2.63 -7.95 -7.15
N GLN A 23 2.83 -9.09 -6.48
CA GLN A 23 2.93 -10.36 -7.15
C GLN A 23 1.63 -10.72 -7.85
N GLU A 24 0.51 -10.29 -7.26
CA GLU A 24 -0.81 -10.58 -7.83
C GLU A 24 -1.09 -9.66 -9.02
N ASP A 25 -0.58 -8.43 -8.95
CA ASP A 25 -0.78 -7.46 -10.02
C ASP A 25 -0.22 -7.99 -11.34
N LYS A 26 0.99 -8.51 -11.29
CA LYS A 26 1.64 -9.05 -12.49
C LYS A 26 1.15 -10.47 -12.78
N ALA A 27 0.80 -11.20 -11.73
CA ALA A 27 0.31 -12.56 -11.87
C ALA A 27 -0.95 -12.60 -12.72
N GLY A 28 -2.01 -11.95 -12.24
CA GLY A 28 -3.26 -11.93 -12.97
C GLY A 28 -4.43 -11.53 -12.09
N ASN A 29 -4.33 -11.83 -10.80
CA ASN A 29 -5.39 -11.51 -9.85
C ASN A 29 -5.35 -10.03 -9.47
N TYR A 30 -6.06 -9.20 -10.23
CA TYR A 30 -6.10 -7.77 -9.97
C TYR A 30 -6.83 -7.47 -8.66
N GLU A 31 -8.04 -8.01 -8.53
CA GLU A 31 -8.84 -7.80 -7.33
C GLU A 31 -8.09 -8.30 -6.09
N GLU A 32 -7.28 -9.34 -6.28
CA GLU A 32 -6.50 -9.90 -5.18
C GLU A 32 -5.37 -8.97 -4.77
N ALA A 33 -4.76 -8.34 -5.76
CA ALA A 33 -3.66 -7.41 -5.51
C ALA A 33 -4.16 -6.12 -4.89
N LEU A 34 -5.36 -5.70 -5.29
CA LEU A 34 -5.96 -4.48 -4.76
C LEU A 34 -6.14 -4.57 -3.25
N GLN A 35 -6.83 -5.62 -2.80
CA GLN A 35 -7.07 -5.81 -1.37
C GLN A 35 -5.76 -5.94 -0.61
N LEU A 36 -4.82 -6.71 -1.18
CA LEU A 36 -3.52 -6.92 -0.57
C LEU A 36 -2.70 -5.63 -0.57
N TYR A 37 -2.90 -4.82 -1.61
CA TYR A 37 -2.17 -3.55 -1.74
C TYR A 37 -2.44 -2.64 -0.54
N GLN A 38 -3.72 -2.39 -0.28
CA GLN A 38 -4.11 -1.53 0.84
C GLN A 38 -3.61 -2.11 2.16
N HIS A 39 -3.64 -3.43 2.27
CA HIS A 39 -3.19 -4.11 3.48
C HIS A 39 -1.69 -3.92 3.69
N ALA A 40 -0.94 -3.87 2.60
CA ALA A 40 0.50 -3.69 2.66
C ALA A 40 0.86 -2.22 2.88
N VAL A 41 0.07 -1.33 2.28
CA VAL A 41 0.30 0.10 2.41
C VAL A 41 -0.06 0.60 3.80
N GLN A 42 -1.14 0.06 4.36
CA GLN A 42 -1.60 0.45 5.69
C GLN A 42 -0.60 0.00 6.76
N TYR A 43 -0.14 -1.25 6.64
CA TYR A 43 0.82 -1.79 7.60
C TYR A 43 2.10 -0.98 7.60
N PHE A 44 2.50 -0.51 6.43
CA PHE A 44 3.71 0.28 6.29
C PHE A 44 3.65 1.54 7.14
N LEU A 45 2.58 2.31 6.96
CA LEU A 45 2.38 3.54 7.71
C LEU A 45 2.23 3.26 9.20
N HIS A 46 1.70 2.08 9.52
CA HIS A 46 1.50 1.70 10.91
C HIS A 46 2.82 1.72 11.68
N VAL A 47 3.83 1.06 11.13
CA VAL A 47 5.15 1.03 11.76
C VAL A 47 5.80 2.40 11.78
N VAL A 48 5.50 3.20 10.76
CA VAL A 48 6.05 4.54 10.64
C VAL A 48 5.52 5.45 11.74
N LYS A 49 4.25 5.28 12.08
CA LYS A 49 3.61 6.09 13.11
C LYS A 49 4.19 5.76 14.48
N TYR A 50 4.46 4.49 14.72
CA TYR A 50 5.01 4.04 16.00
C TYR A 50 6.52 3.88 15.90
N GLU A 51 6.95 2.80 15.25
CA GLU A 51 8.38 2.54 15.08
C GLU A 51 8.96 3.36 13.93
N ALA A 52 9.35 4.58 14.22
CA ALA A 52 9.92 5.47 13.21
C ALA A 52 11.43 5.64 13.42
N GLN A 53 12.20 5.38 12.37
CA GLN A 53 13.65 5.52 12.44
C GLN A 53 14.10 6.91 12.01
N GLY A 54 13.88 7.23 10.73
CA GLY A 54 14.28 8.53 10.22
C GLY A 54 13.74 8.79 8.83
N ASP A 55 14.20 9.87 8.21
CA ASP A 55 13.75 10.24 6.88
C ASP A 55 14.09 9.13 5.87
N LYS A 56 15.19 8.43 6.13
CA LYS A 56 15.62 7.34 5.26
C LYS A 56 14.56 6.25 5.17
N ALA A 57 14.27 5.63 6.30
CA ALA A 57 13.27 4.58 6.36
C ALA A 57 11.91 5.08 5.91
N LYS A 58 11.50 6.22 6.44
CA LYS A 58 10.21 6.80 6.09
C LYS A 58 10.14 7.11 4.60
N GLN A 59 11.29 7.44 4.01
CA GLN A 59 11.36 7.76 2.59
C GLN A 59 11.08 6.52 1.74
N SER A 60 11.48 5.36 2.26
CA SER A 60 11.28 4.10 1.56
C SER A 60 9.82 3.67 1.63
N ILE A 61 9.30 3.56 2.85
CA ILE A 61 7.92 3.15 3.06
C ILE A 61 6.95 4.10 2.36
N ARG A 62 7.27 5.39 2.39
CA ARG A 62 6.43 6.40 1.76
C ARG A 62 6.35 6.18 0.26
N ALA A 63 7.50 6.10 -0.39
CA ALA A 63 7.56 5.89 -1.82
C ALA A 63 6.89 4.58 -2.22
N LYS A 64 6.94 3.61 -1.31
CA LYS A 64 6.34 2.31 -1.56
C LYS A 64 4.83 2.36 -1.34
N CYS A 65 4.40 3.19 -0.41
CA CYS A 65 2.99 3.33 -0.09
C CYS A 65 2.25 4.06 -1.22
N THR A 66 2.94 5.01 -1.85
CA THR A 66 2.36 5.77 -2.94
C THR A 66 2.29 4.94 -4.22
N GLU A 67 3.34 4.18 -4.48
CA GLU A 67 3.40 3.33 -5.67
C GLU A 67 2.27 2.31 -5.66
N TYR A 68 2.09 1.64 -4.53
CA TYR A 68 1.05 0.62 -4.40
C TYR A 68 -0.33 1.28 -4.33
N LEU A 69 -0.39 2.45 -3.71
CA LEU A 69 -1.65 3.18 -3.58
C LEU A 69 -2.11 3.72 -4.93
N ASP A 70 -1.18 4.33 -5.67
CA ASP A 70 -1.49 4.88 -6.98
C ASP A 70 -1.99 3.80 -7.93
N ARG A 71 -1.37 2.63 -7.84
CA ARG A 71 -1.74 1.50 -8.70
C ARG A 71 -3.15 1.02 -8.37
N ALA A 72 -3.50 1.03 -7.08
CA ALA A 72 -4.81 0.60 -6.65
C ALA A 72 -5.92 1.45 -7.28
N GLU A 73 -5.75 2.76 -7.22
CA GLU A 73 -6.73 3.69 -7.79
C GLU A 73 -6.89 3.45 -9.29
N LYS A 74 -5.79 3.10 -9.95
CA LYS A 74 -5.82 2.85 -11.39
C LYS A 74 -6.49 1.52 -11.70
N LEU A 75 -6.20 0.51 -10.89
CA LEU A 75 -6.78 -0.82 -11.07
C LEU A 75 -8.27 -0.80 -10.76
N LYS A 76 -8.64 -0.13 -9.68
CA LYS A 76 -10.04 -0.04 -9.27
C LYS A 76 -10.87 0.64 -10.36
N GLU A 77 -10.29 1.61 -11.03
CA GLU A 77 -10.98 2.34 -12.10
C GLU A 77 -11.05 1.49 -13.36
N TYR A 78 -9.88 1.03 -13.81
CA TYR A 78 -9.81 0.19 -15.01
C TYR A 78 -10.62 -1.09 -14.83
N LEU A 79 -10.68 -1.57 -13.60
CA LEU A 79 -11.41 -2.79 -13.28
C LEU A 79 -12.92 -2.59 -13.51
N LYS A 80 -13.43 -1.47 -13.03
CA LYS A 80 -14.85 -1.16 -13.18
C LYS A 80 -15.15 -0.62 -14.57
N ASN A 81 -14.35 0.36 -15.00
CA ASN A 81 -14.52 0.96 -16.32
C ASN A 81 -14.24 -0.05 -17.43
N ASP B 6 3.69 13.19 4.28
CA ASP B 6 3.16 11.96 4.84
C ASP B 6 1.64 11.97 4.84
N GLU B 7 1.06 13.15 4.98
CA GLU B 7 -0.39 13.30 5.00
C GLU B 7 -1.00 12.81 3.70
N GLU B 8 -0.30 13.02 2.59
CA GLU B 8 -0.77 12.60 1.29
C GLU B 8 -0.94 11.09 1.24
N ILE B 9 0.08 10.36 1.69
CA ILE B 9 0.05 8.91 1.71
C ILE B 9 -0.98 8.39 2.71
N GLU B 10 -0.98 8.99 3.90
CA GLU B 10 -1.92 8.59 4.95
C GLU B 10 -3.35 8.83 4.52
N ARG B 11 -3.60 9.97 3.87
CA ARG B 11 -4.94 10.31 3.41
C ARG B 11 -5.43 9.29 2.39
N GLN B 12 -4.53 8.85 1.52
CA GLN B 12 -4.89 7.87 0.50
C GLN B 12 -5.38 6.58 1.14
N LEU B 13 -4.77 6.18 2.24
CA LEU B 13 -5.15 4.97 2.95
C LEU B 13 -6.60 5.04 3.41
N LYS B 14 -6.94 6.11 4.12
CA LYS B 14 -8.29 6.31 4.62
C LYS B 14 -9.29 6.41 3.47
N ALA B 15 -8.83 6.96 2.34
CA ALA B 15 -9.68 7.13 1.18
C ALA B 15 -10.14 5.78 0.64
N LEU B 16 -9.18 4.91 0.34
CA LEU B 16 -9.50 3.58 -0.17
C LEU B 16 -10.23 2.75 0.87
N GLY B 17 -9.91 2.98 2.14
CA GLY B 17 -10.55 2.25 3.21
C GLY B 17 -11.87 2.87 3.64
N VAL B 18 -12.83 2.90 2.71
CA VAL B 18 -14.14 3.48 3.01
C VAL B 18 -15.26 2.55 2.54
N ASP B 19 -16.50 2.98 2.75
CA ASP B 19 -17.65 2.19 2.35
C ASP B 19 -17.97 2.39 0.87
N ASN A 10 4.22 -6.61 12.57
CA ASN A 10 3.64 -5.66 11.62
C ASN A 10 4.60 -5.44 10.44
N LEU A 11 5.89 -5.50 10.72
CA LEU A 11 6.90 -5.29 9.69
C LEU A 11 6.94 -6.48 8.73
N GLN A 12 6.66 -7.66 9.25
CA GLN A 12 6.66 -8.88 8.44
C GLN A 12 5.47 -8.91 7.49
N LYS A 13 4.29 -8.56 8.01
CA LYS A 13 3.08 -8.55 7.22
C LYS A 13 3.14 -7.45 6.16
N ALA A 14 3.76 -6.33 6.51
CA ALA A 14 3.88 -5.21 5.60
C ALA A 14 4.64 -5.61 4.32
N ILE A 15 5.80 -6.23 4.51
CA ILE A 15 6.61 -6.66 3.38
C ILE A 15 6.02 -7.91 2.72
N ASP A 16 5.39 -8.76 3.53
CA ASP A 16 4.77 -9.98 3.02
C ASP A 16 3.54 -9.66 2.20
N LEU A 17 2.78 -8.66 2.63
CA LEU A 17 1.57 -8.26 1.93
C LEU A 17 1.90 -7.40 0.71
N ALA A 18 2.80 -6.43 0.91
CA ALA A 18 3.20 -5.54 -0.17
C ALA A 18 3.82 -6.32 -1.33
N SER A 19 4.73 -7.23 -1.00
CA SER A 19 5.39 -8.04 -2.01
C SER A 19 4.41 -9.01 -2.66
N LYS A 20 3.52 -9.58 -1.86
CA LYS A 20 2.53 -10.53 -2.35
C LYS A 20 1.50 -9.82 -3.23
N ALA A 21 1.17 -8.58 -2.88
CA ALA A 21 0.21 -7.80 -3.64
C ALA A 21 0.66 -7.62 -5.08
N ALA A 22 1.90 -7.19 -5.25
CA ALA A 22 2.46 -6.97 -6.58
C ALA A 22 2.57 -8.29 -7.35
N GLN A 23 2.77 -9.38 -6.63
CA GLN A 23 2.88 -10.69 -7.25
C GLN A 23 1.61 -11.05 -8.00
N GLU A 24 0.46 -10.73 -7.42
CA GLU A 24 -0.83 -11.01 -8.03
C GLU A 24 -1.09 -10.06 -9.20
N ASP A 25 -0.58 -8.84 -9.09
CA ASP A 25 -0.76 -7.84 -10.13
C ASP A 25 -0.21 -8.34 -11.47
N LYS A 26 1.01 -8.87 -11.44
CA LYS A 26 1.64 -9.39 -12.65
C LYS A 26 1.13 -10.79 -12.97
N ALA A 27 0.77 -11.54 -11.94
CA ALA A 27 0.26 -12.89 -12.12
C ALA A 27 -0.99 -12.91 -12.98
N GLY A 28 -2.04 -12.27 -12.51
CA GLY A 28 -3.28 -12.22 -13.25
C GLY A 28 -4.47 -11.79 -12.40
N ASN A 29 -4.40 -12.09 -11.10
CA ASN A 29 -5.47 -11.74 -10.18
C ASN A 29 -5.37 -10.28 -9.76
N TYR A 30 -5.93 -9.39 -10.58
CA TYR A 30 -5.90 -7.97 -10.30
C TYR A 30 -6.67 -7.65 -9.02
N GLU A 31 -7.91 -8.11 -8.94
CA GLU A 31 -8.74 -7.89 -7.78
C GLU A 31 -8.07 -8.42 -6.52
N GLU A 32 -7.29 -9.49 -6.68
CA GLU A 32 -6.59 -10.10 -5.56
C GLU A 32 -5.43 -9.23 -5.10
N ALA A 33 -4.72 -8.66 -6.06
CA ALA A 33 -3.58 -7.80 -5.76
C ALA A 33 -4.05 -6.46 -5.19
N LEU A 34 -5.19 -5.98 -5.66
CA LEU A 34 -5.74 -4.72 -5.19
C LEU A 34 -6.02 -4.76 -3.70
N GLN A 35 -6.77 -5.77 -3.26
CA GLN A 35 -7.10 -5.92 -1.85
C GLN A 35 -5.84 -6.09 -1.02
N LEU A 36 -4.88 -6.83 -1.54
CA LEU A 36 -3.62 -7.07 -0.83
C LEU A 36 -2.80 -5.79 -0.76
N TYR A 37 -2.93 -4.94 -1.76
CA TYR A 37 -2.20 -3.68 -1.82
C TYR A 37 -2.55 -2.81 -0.62
N GLN A 38 -3.85 -2.63 -0.37
CA GLN A 38 -4.31 -1.81 0.74
C GLN A 38 -3.81 -2.37 2.07
N HIS A 39 -3.97 -3.67 2.26
CA HIS A 39 -3.53 -4.33 3.49
C HIS A 39 -2.03 -4.16 3.68
N ALA A 40 -1.29 -4.12 2.57
CA ALA A 40 0.16 -3.97 2.63
C ALA A 40 0.54 -2.56 3.10
N VAL A 41 0.04 -1.55 2.39
CA VAL A 41 0.32 -0.17 2.74
C VAL A 41 -0.12 0.15 4.16
N GLN A 42 -1.21 -0.49 4.60
CA GLN A 42 -1.74 -0.28 5.94
C GLN A 42 -0.70 -0.66 7.00
N TYR A 43 -0.12 -1.84 6.84
CA TYR A 43 0.88 -2.32 7.79
C TYR A 43 2.07 -1.37 7.85
N PHE A 44 2.40 -0.78 6.70
CA PHE A 44 3.51 0.16 6.62
C PHE A 44 3.30 1.34 7.56
N LEU A 45 2.14 1.98 7.44
CA LEU A 45 1.81 3.14 8.28
C LEU A 45 1.87 2.76 9.76
N HIS A 46 1.57 1.49 10.06
CA HIS A 46 1.58 1.02 11.44
C HIS A 46 2.97 1.17 12.05
N VAL A 47 3.98 0.61 11.40
CA VAL A 47 5.35 0.70 11.90
C VAL A 47 5.83 2.14 11.93
N VAL A 48 5.35 2.95 11.00
CA VAL A 48 5.74 4.36 10.94
C VAL A 48 5.28 5.11 12.19
N LYS A 49 4.12 4.74 12.70
CA LYS A 49 3.57 5.37 13.90
C LYS A 49 4.41 5.04 15.13
N TYR A 50 4.75 3.75 15.27
CA TYR A 50 5.55 3.31 16.40
C TYR A 50 6.98 3.01 15.98
N GLU A 51 7.44 3.70 14.95
CA GLU A 51 8.81 3.51 14.45
C GLU A 51 9.09 4.42 13.27
N ALA A 52 9.83 5.50 13.53
CA ALA A 52 10.17 6.46 12.49
C ALA A 52 11.34 7.34 12.91
N GLN A 53 12.55 6.83 12.75
CA GLN A 53 13.76 7.56 13.11
C GLN A 53 14.77 7.55 11.97
N GLY A 54 14.56 8.42 10.99
CA GLY A 54 15.47 8.49 9.87
C GLY A 54 14.81 9.08 8.63
N ASP A 55 15.60 9.77 7.81
CA ASP A 55 15.08 10.38 6.59
C ASP A 55 15.05 9.37 5.45
N LYS A 56 16.02 8.45 5.45
CA LYS A 56 16.11 7.43 4.40
C LYS A 56 14.97 6.44 4.53
N ALA A 57 14.83 5.84 5.72
CA ALA A 57 13.78 4.87 5.97
C ALA A 57 12.40 5.49 5.78
N LYS A 58 12.23 6.70 6.29
CA LYS A 58 10.96 7.40 6.19
C LYS A 58 10.57 7.62 4.73
N GLN A 59 11.58 7.78 3.88
CA GLN A 59 11.34 8.00 2.45
C GLN A 59 10.88 6.71 1.78
N SER A 60 11.53 5.60 2.14
CA SER A 60 11.19 4.30 1.56
C SER A 60 9.74 3.93 1.87
N ILE A 61 9.39 3.94 3.15
CA ILE A 61 8.04 3.61 3.57
C ILE A 61 7.01 4.56 2.94
N ARG A 62 7.34 5.84 2.88
CA ARG A 62 6.45 6.83 2.30
C ARG A 62 6.30 6.61 0.79
N ALA A 63 7.43 6.55 0.10
CA ALA A 63 7.42 6.34 -1.34
C ALA A 63 6.78 5.00 -1.69
N LYS A 64 6.91 4.04 -0.80
CA LYS A 64 6.33 2.71 -1.01
C LYS A 64 4.82 2.73 -0.81
N CYS A 65 4.38 3.46 0.22
CA CYS A 65 2.96 3.56 0.54
C CYS A 65 2.20 4.20 -0.61
N THR A 66 2.81 5.22 -1.22
CA THR A 66 2.19 5.93 -2.34
C THR A 66 2.26 5.10 -3.61
N GLU A 67 3.34 4.34 -3.77
CA GLU A 67 3.53 3.51 -4.95
C GLU A 67 2.41 2.48 -5.07
N TYR A 68 2.18 1.73 -4.00
CA TYR A 68 1.13 0.71 -3.99
C TYR A 68 -0.25 1.35 -4.06
N LEU A 69 -0.37 2.55 -3.48
CA LEU A 69 -1.65 3.26 -3.48
C LEU A 69 -2.03 3.69 -4.90
N ASP A 70 -1.07 4.22 -5.63
CA ASP A 70 -1.32 4.66 -7.00
C ASP A 70 -1.78 3.50 -7.88
N ARG A 71 -1.17 2.34 -7.68
CA ARG A 71 -1.51 1.15 -8.44
C ARG A 71 -2.90 0.64 -8.06
N ALA A 72 -3.17 0.58 -6.77
CA ALA A 72 -4.47 0.11 -6.27
C ALA A 72 -5.61 0.97 -6.82
N GLU A 73 -5.45 2.29 -6.73
CA GLU A 73 -6.47 3.21 -7.22
C GLU A 73 -6.70 3.02 -8.72
N LYS A 74 -5.64 2.66 -9.44
CA LYS A 74 -5.73 2.45 -10.88
C LYS A 74 -6.52 1.17 -11.18
N LEU A 75 -6.44 0.19 -10.29
CA LEU A 75 -7.13 -1.06 -10.46
C LEU A 75 -8.64 -0.89 -10.26
N LYS A 76 -8.99 -0.16 -9.21
CA LYS A 76 -10.40 0.09 -8.90
C LYS A 76 -11.09 0.82 -10.06
N GLU A 77 -10.36 1.73 -10.70
CA GLU A 77 -10.90 2.49 -11.82
C GLU A 77 -10.97 1.63 -13.06
N TYR A 78 -9.84 1.04 -13.43
CA TYR A 78 -9.77 0.18 -14.60
C TYR A 78 -10.71 -1.02 -14.46
N LEU A 79 -10.89 -1.47 -13.22
CA LEU A 79 -11.78 -2.60 -12.95
C LEU A 79 -13.22 -2.27 -13.33
N LYS A 80 -13.71 -1.14 -12.84
CA LYS A 80 -15.08 -0.71 -13.12
C LYS A 80 -15.22 -0.27 -14.57
N ASN A 81 -14.15 0.28 -15.12
CA ASN A 81 -14.15 0.74 -16.51
C ASN A 81 -14.01 -0.42 -17.47
N ASP B 6 3.17 13.59 4.94
CA ASP B 6 2.57 12.39 5.48
C ASP B 6 1.06 12.37 5.26
N GLU B 7 0.46 13.55 5.25
CA GLU B 7 -0.98 13.69 5.03
C GLU B 7 -1.38 13.11 3.67
N GLU B 8 -0.51 13.29 2.69
CA GLU B 8 -0.77 12.80 1.33
C GLU B 8 -0.93 11.28 1.35
N ILE B 9 0.02 10.59 1.94
CA ILE B 9 -0.02 9.14 2.02
C ILE B 9 -1.10 8.66 2.98
N GLU B 10 -1.22 9.34 4.11
CA GLU B 10 -2.23 9.00 5.11
C GLU B 10 -3.63 9.17 4.55
N ARG B 11 -3.87 10.30 3.90
CA ARG B 11 -5.18 10.59 3.32
C ARG B 11 -5.50 9.61 2.19
N GLN B 12 -4.46 9.14 1.50
CA GLN B 12 -4.64 8.20 0.40
C GLN B 12 -5.32 6.93 0.88
N LEU B 13 -4.78 6.33 1.93
CA LEU B 13 -5.34 5.09 2.48
C LEU B 13 -6.77 5.32 2.96
N LYS B 14 -7.02 6.49 3.54
CA LYS B 14 -8.35 6.82 4.04
C LYS B 14 -9.36 6.89 2.91
N ALA B 15 -8.89 7.27 1.72
CA ALA B 15 -9.76 7.37 0.55
C ALA B 15 -10.19 5.99 0.08
N LEU B 16 -9.27 5.04 0.11
CA LEU B 16 -9.56 3.68 -0.33
C LEU B 16 -10.31 2.91 0.76
N GLY B 17 -10.03 3.26 2.02
CA GLY B 17 -10.69 2.59 3.13
C GLY B 17 -11.98 3.28 3.54
N VAL B 18 -12.85 3.53 2.57
CA VAL B 18 -14.11 4.19 2.83
C VAL B 18 -15.13 3.91 1.72
N ASP B 19 -15.00 2.74 1.11
CA ASP B 19 -15.91 2.35 0.03
C ASP B 19 -17.12 1.61 0.58
N ASN A 10 4.98 -6.98 12.98
CA ASN A 10 4.16 -6.19 12.07
C ASN A 10 4.95 -5.83 10.81
N LEU A 11 6.25 -5.69 10.96
CA LEU A 11 7.12 -5.34 9.83
C LEU A 11 7.06 -6.42 8.75
N GLN A 12 6.89 -7.67 9.18
CA GLN A 12 6.82 -8.79 8.25
C GLN A 12 5.56 -8.70 7.38
N LYS A 13 4.45 -8.31 8.00
CA LYS A 13 3.19 -8.19 7.29
C LYS A 13 3.29 -7.17 6.17
N ALA A 14 3.97 -6.06 6.45
CA ALA A 14 4.14 -4.99 5.46
C ALA A 14 4.84 -5.52 4.22
N ILE A 15 5.97 -6.20 4.42
CA ILE A 15 6.74 -6.75 3.32
C ILE A 15 6.00 -7.92 2.66
N ASP A 16 5.28 -8.68 3.47
CA ASP A 16 4.52 -9.83 2.97
C ASP A 16 3.31 -9.37 2.18
N LEU A 17 2.71 -8.26 2.60
CA LEU A 17 1.53 -7.72 1.95
C LEU A 17 1.92 -6.94 0.69
N ALA A 18 3.03 -6.21 0.78
CA ALA A 18 3.51 -5.41 -0.35
C ALA A 18 4.10 -6.31 -1.44
N SER A 19 4.92 -7.27 -1.03
CA SER A 19 5.55 -8.19 -1.98
C SER A 19 4.51 -9.07 -2.66
N LYS A 20 3.54 -9.53 -1.87
CA LYS A 20 2.47 -10.38 -2.40
C LYS A 20 1.54 -9.59 -3.30
N ALA A 21 1.35 -8.31 -2.98
CA ALA A 21 0.48 -7.45 -3.76
C ALA A 21 0.96 -7.35 -5.21
N ALA A 22 2.22 -6.99 -5.39
CA ALA A 22 2.79 -6.86 -6.72
C ALA A 22 2.83 -8.21 -7.44
N GLN A 23 2.97 -9.28 -6.66
CA GLN A 23 3.01 -10.62 -7.22
C GLN A 23 1.69 -10.98 -7.88
N GLU A 24 0.60 -10.44 -7.36
CA GLU A 24 -0.73 -10.70 -7.89
C GLU A 24 -0.96 -9.91 -9.17
N ASP A 25 -0.47 -8.68 -9.19
CA ASP A 25 -0.62 -7.81 -10.36
C ASP A 25 0.01 -8.45 -11.60
N LYS A 26 1.19 -9.02 -11.43
CA LYS A 26 1.89 -9.67 -12.53
C LYS A 26 1.35 -11.07 -12.78
N ALA A 27 0.89 -11.72 -11.71
CA ALA A 27 0.35 -13.06 -11.80
C ALA A 27 -0.92 -13.09 -12.66
N GLY A 28 -1.94 -12.38 -12.20
CA GLY A 28 -3.20 -12.33 -12.93
C GLY A 28 -4.36 -11.91 -12.07
N ASN A 29 -4.26 -12.18 -10.77
CA ASN A 29 -5.32 -11.81 -9.83
C ASN A 29 -5.27 -10.33 -9.49
N TYR A 30 -5.95 -9.52 -10.30
CA TYR A 30 -5.98 -8.08 -10.09
C TYR A 30 -6.68 -7.75 -8.78
N GLU A 31 -7.87 -8.31 -8.58
CA GLU A 31 -8.64 -8.07 -7.37
C GLU A 31 -7.85 -8.50 -6.13
N GLU A 32 -7.02 -9.53 -6.29
CA GLU A 32 -6.21 -10.03 -5.19
C GLU A 32 -5.06 -9.09 -4.89
N ALA A 33 -4.54 -8.44 -5.92
CA ALA A 33 -3.43 -7.50 -5.77
C ALA A 33 -3.89 -6.21 -5.11
N LEU A 34 -5.09 -5.77 -5.45
CA LEU A 34 -5.65 -4.55 -4.88
C LEU A 34 -5.83 -4.69 -3.38
N GLN A 35 -6.45 -5.79 -2.96
CA GLN A 35 -6.68 -6.04 -1.54
C GLN A 35 -5.37 -6.10 -0.77
N LEU A 36 -4.36 -6.70 -1.38
CA LEU A 36 -3.05 -6.83 -0.76
C LEU A 36 -2.33 -5.48 -0.73
N TYR A 37 -2.53 -4.68 -1.78
CA TYR A 37 -1.91 -3.37 -1.88
C TYR A 37 -2.33 -2.48 -0.71
N GLN A 38 -3.63 -2.46 -0.43
CA GLN A 38 -4.16 -1.65 0.66
C GLN A 38 -3.58 -2.08 2.00
N HIS A 39 -3.64 -3.38 2.28
CA HIS A 39 -3.10 -3.92 3.52
C HIS A 39 -1.61 -3.62 3.65
N ALA A 40 -0.88 -3.80 2.56
CA ALA A 40 0.56 -3.55 2.56
C ALA A 40 0.86 -2.10 2.92
N VAL A 41 0.19 -1.17 2.25
CA VAL A 41 0.39 0.25 2.50
C VAL A 41 0.01 0.61 3.93
N GLN A 42 -0.99 -0.09 4.47
CA GLN A 42 -1.45 0.16 5.83
C GLN A 42 -0.39 -0.28 6.85
N TYR A 43 0.15 -1.48 6.66
CA TYR A 43 1.16 -2.00 7.57
C TYR A 43 2.43 -1.15 7.51
N PHE A 44 2.73 -0.62 6.34
CA PHE A 44 3.91 0.21 6.16
C PHE A 44 3.83 1.46 7.02
N LEU A 45 2.73 2.19 6.91
CA LEU A 45 2.54 3.42 7.68
C LEU A 45 2.30 3.09 9.15
N HIS A 46 1.70 1.93 9.41
CA HIS A 46 1.41 1.50 10.78
C HIS A 46 2.69 1.42 11.60
N VAL A 47 3.69 0.72 11.07
CA VAL A 47 4.96 0.57 11.76
C VAL A 47 5.69 1.90 11.89
N VAL A 48 5.58 2.72 10.85
CA VAL A 48 6.22 4.03 10.83
C VAL A 48 5.64 4.94 11.92
N LYS A 49 4.35 4.80 12.16
CA LYS A 49 3.66 5.61 13.17
C LYS A 49 4.08 5.18 14.57
N TYR A 50 4.38 3.89 14.72
CA TYR A 50 4.78 3.35 16.01
C TYR A 50 6.19 2.79 15.95
N GLU A 51 7.02 3.37 15.09
CA GLU A 51 8.40 2.93 14.94
C GLU A 51 9.15 3.81 13.93
N ALA A 52 9.65 4.93 14.40
CA ALA A 52 10.39 5.86 13.55
C ALA A 52 11.83 6.03 14.02
N GLN A 53 12.74 5.35 13.37
CA GLN A 53 14.16 5.42 13.72
C GLN A 53 14.84 6.58 13.01
N GLY A 54 14.71 6.61 11.68
CA GLY A 54 15.32 7.67 10.91
C GLY A 54 14.39 8.22 9.84
N ASP A 55 14.85 9.25 9.13
CA ASP A 55 14.06 9.86 8.08
C ASP A 55 14.16 9.08 6.78
N LYS A 56 15.32 8.45 6.56
CA LYS A 56 15.55 7.67 5.36
C LYS A 56 14.54 6.53 5.25
N ALA A 57 14.34 5.81 6.36
CA ALA A 57 13.41 4.70 6.38
C ALA A 57 11.99 5.15 6.05
N LYS A 58 11.56 6.23 6.69
CA LYS A 58 10.22 6.77 6.45
C LYS A 58 10.08 7.26 5.02
N GLN A 59 11.18 7.74 4.44
CA GLN A 59 11.17 8.24 3.08
C GLN A 59 10.96 7.10 2.08
N SER A 60 11.46 5.91 2.43
CA SER A 60 11.33 4.75 1.58
C SER A 60 9.91 4.21 1.61
N ILE A 61 9.41 3.92 2.80
CA ILE A 61 8.06 3.39 2.98
C ILE A 61 7.02 4.36 2.42
N ARG A 62 7.25 5.66 2.64
CA ARG A 62 6.33 6.69 2.16
C ARG A 62 6.22 6.65 0.64
N ALA A 63 7.36 6.69 -0.03
CA ALA A 63 7.39 6.66 -1.49
C ALA A 63 6.74 5.39 -2.03
N LYS A 64 6.83 4.31 -1.25
CA LYS A 64 6.24 3.03 -1.64
C LYS A 64 4.75 3.00 -1.35
N CYS A 65 4.35 3.69 -0.29
CA CYS A 65 2.94 3.74 0.10
C CYS A 65 2.12 4.50 -0.95
N THR A 66 2.72 5.52 -1.54
CA THR A 66 2.04 6.32 -2.55
C THR A 66 1.97 5.58 -3.88
N GLU A 67 3.08 4.95 -4.25
CA GLU A 67 3.15 4.20 -5.50
C GLU A 67 2.14 3.05 -5.51
N TYR A 68 2.16 2.24 -4.45
CA TYR A 68 1.26 1.11 -4.33
C TYR A 68 -0.20 1.59 -4.33
N LEU A 69 -0.45 2.73 -3.70
CA LEU A 69 -1.79 3.29 -3.63
C LEU A 69 -2.28 3.72 -5.01
N ASP A 70 -1.37 4.29 -5.80
CA ASP A 70 -1.71 4.74 -7.15
C ASP A 70 -2.10 3.56 -8.04
N ARG A 71 -1.29 2.50 -8.00
CA ARG A 71 -1.54 1.32 -8.80
C ARG A 71 -2.88 0.69 -8.44
N ALA A 72 -3.11 0.50 -7.14
CA ALA A 72 -4.35 -0.08 -6.65
C ALA A 72 -5.55 0.75 -7.09
N GLU A 73 -5.40 2.07 -7.05
CA GLU A 73 -6.48 2.97 -7.44
C GLU A 73 -6.86 2.78 -8.90
N LYS A 74 -5.85 2.55 -9.74
CA LYS A 74 -6.08 2.34 -11.16
C LYS A 74 -6.86 1.05 -11.41
N LEU A 75 -6.67 0.07 -10.54
CA LEU A 75 -7.36 -1.21 -10.67
C LEU A 75 -8.82 -1.08 -10.25
N LYS A 76 -9.05 -0.36 -9.15
CA LYS A 76 -10.40 -0.15 -8.64
C LYS A 76 -11.28 0.51 -9.69
N GLU A 77 -10.68 1.39 -10.49
CA GLU A 77 -11.42 2.08 -11.54
C GLU A 77 -11.69 1.16 -12.72
N TYR A 78 -10.62 0.59 -13.27
CA TYR A 78 -10.74 -0.33 -14.39
C TYR A 78 -11.62 -1.52 -14.02
N LEU A 79 -11.61 -1.89 -12.75
CA LEU A 79 -12.41 -3.01 -12.27
C LEU A 79 -13.90 -2.75 -12.45
N LYS A 80 -14.39 -1.69 -11.81
CA LYS A 80 -15.80 -1.33 -11.89
C LYS A 80 -16.13 -0.67 -13.23
N ASN A 81 -15.25 0.23 -13.67
CA ASN A 81 -15.45 0.94 -14.93
C ASN A 81 -15.43 -0.04 -16.11
N ASP B 6 3.69 13.29 4.35
CA ASP B 6 3.15 12.04 4.85
C ASP B 6 1.63 12.08 4.92
N GLU B 7 1.08 13.28 5.15
CA GLU B 7 -0.36 13.46 5.24
C GLU B 7 -1.04 13.03 3.94
N GLU B 8 -0.34 13.21 2.82
CA GLU B 8 -0.87 12.83 1.52
C GLU B 8 -1.01 11.32 1.40
N ILE B 9 -0.03 10.60 1.94
CA ILE B 9 -0.04 9.14 1.90
C ILE B 9 -1.15 8.57 2.78
N GLU B 10 -1.21 9.04 4.02
CA GLU B 10 -2.22 8.56 4.96
C GLU B 10 -3.62 8.86 4.44
N ARG B 11 -3.81 10.05 3.91
CA ARG B 11 -5.11 10.45 3.38
C ARG B 11 -5.52 9.56 2.21
N GLN B 12 -4.53 9.14 1.43
CA GLN B 12 -4.79 8.27 0.28
C GLN B 12 -5.43 6.96 0.72
N LEU B 13 -4.91 6.38 1.79
CA LEU B 13 -5.42 5.12 2.31
C LEU B 13 -6.88 5.27 2.72
N LYS B 14 -7.20 6.34 3.43
CA LYS B 14 -8.56 6.60 3.87
C LYS B 14 -9.51 6.71 2.68
N ALA B 15 -8.99 7.20 1.56
CA ALA B 15 -9.80 7.36 0.35
C ALA B 15 -10.13 6.01 -0.27
N LEU B 16 -9.08 5.21 -0.52
CA LEU B 16 -9.26 3.90 -1.12
C LEU B 16 -10.01 2.96 -0.17
N GLY B 17 -9.75 3.11 1.12
CA GLY B 17 -10.40 2.28 2.11
C GLY B 17 -11.90 2.52 2.18
N VAL B 18 -12.31 3.77 1.95
CA VAL B 18 -13.72 4.12 1.98
C VAL B 18 -14.26 4.33 0.56
N ASP B 19 -15.38 3.68 0.27
CA ASP B 19 -16.01 3.79 -1.05
C ASP B 19 -17.50 4.08 -0.92
N ASN A 10 4.71 -6.39 12.90
CA ASN A 10 3.92 -5.50 12.06
C ASN A 10 4.66 -5.19 10.76
N LEU A 11 5.94 -4.86 10.87
CA LEU A 11 6.76 -4.55 9.71
C LEU A 11 6.86 -5.75 8.77
N GLN A 12 6.89 -6.94 9.35
CA GLN A 12 6.99 -8.16 8.57
C GLN A 12 5.80 -8.31 7.64
N LYS A 13 4.62 -8.01 8.15
CA LYS A 13 3.39 -8.11 7.35
C LYS A 13 3.40 -7.10 6.21
N ALA A 14 3.95 -5.93 6.48
CA ALA A 14 4.02 -4.88 5.46
C ALA A 14 4.83 -5.35 4.24
N ILE A 15 5.98 -5.94 4.51
CA ILE A 15 6.85 -6.44 3.44
C ILE A 15 6.25 -7.67 2.78
N ASP A 16 5.80 -8.62 3.60
CA ASP A 16 5.21 -9.86 3.10
C ASP A 16 3.98 -9.56 2.24
N LEU A 17 3.14 -8.65 2.72
CA LEU A 17 1.92 -8.28 1.99
C LEU A 17 2.26 -7.40 0.79
N ALA A 18 3.17 -6.46 0.98
CA ALA A 18 3.57 -5.55 -0.09
C ALA A 18 4.17 -6.33 -1.26
N SER A 19 5.00 -7.32 -0.96
CA SER A 19 5.63 -8.13 -1.98
C SER A 19 4.59 -9.00 -2.71
N LYS A 20 3.58 -9.44 -1.96
CA LYS A 20 2.54 -10.28 -2.52
C LYS A 20 1.56 -9.44 -3.37
N ALA A 21 1.36 -8.20 -2.96
CA ALA A 21 0.46 -7.29 -3.68
C ALA A 21 0.92 -7.09 -5.12
N ALA A 22 2.18 -6.68 -5.27
CA ALA A 22 2.75 -6.43 -6.60
C ALA A 22 2.88 -7.75 -7.37
N GLN A 23 3.11 -8.83 -6.65
CA GLN A 23 3.26 -10.14 -7.28
C GLN A 23 1.96 -10.58 -7.95
N GLU A 24 0.83 -10.16 -7.38
CA GLU A 24 -0.47 -10.50 -7.92
C GLU A 24 -0.82 -9.62 -9.12
N ASP A 25 -0.34 -8.38 -9.09
CA ASP A 25 -0.60 -7.44 -10.18
C ASP A 25 -0.05 -7.98 -11.50
N LYS A 26 1.19 -8.45 -11.47
CA LYS A 26 1.83 -9.00 -12.66
C LYS A 26 1.38 -10.43 -12.92
N ALA A 27 1.07 -11.15 -11.84
CA ALA A 27 0.63 -12.53 -11.94
C ALA A 27 -0.63 -12.64 -12.78
N GLY A 28 -1.71 -12.02 -12.31
CA GLY A 28 -2.97 -12.06 -13.02
C GLY A 28 -4.15 -11.68 -12.16
N ASN A 29 -4.03 -11.92 -10.86
CA ASN A 29 -5.10 -11.59 -9.92
C ASN A 29 -5.05 -10.12 -9.55
N TYR A 30 -5.61 -9.28 -10.41
CA TYR A 30 -5.63 -7.83 -10.17
C TYR A 30 -6.40 -7.52 -8.89
N GLU A 31 -7.61 -8.05 -8.77
CA GLU A 31 -8.44 -7.83 -7.60
C GLU A 31 -7.72 -8.29 -6.33
N GLU A 32 -6.89 -9.32 -6.47
CA GLU A 32 -6.15 -9.86 -5.34
C GLU A 32 -5.02 -8.93 -4.94
N ALA A 33 -4.42 -8.26 -5.94
CA ALA A 33 -3.33 -7.33 -5.69
C ALA A 33 -3.83 -6.06 -5.03
N LEU A 34 -5.03 -5.64 -5.39
CA LEU A 34 -5.63 -4.43 -4.83
C LEU A 34 -5.87 -4.59 -3.34
N GLN A 35 -6.54 -5.67 -2.97
CA GLN A 35 -6.84 -5.94 -1.57
C GLN A 35 -5.55 -6.06 -0.74
N LEU A 36 -4.56 -6.75 -1.31
CA LEU A 36 -3.28 -6.94 -0.63
C LEU A 36 -2.52 -5.62 -0.56
N TYR A 37 -2.70 -4.76 -1.56
CA TYR A 37 -2.03 -3.48 -1.61
C TYR A 37 -2.39 -2.64 -0.38
N GLN A 38 -3.68 -2.46 -0.14
CA GLN A 38 -4.15 -1.68 0.99
C GLN A 38 -3.66 -2.27 2.31
N HIS A 39 -3.68 -3.60 2.40
CA HIS A 39 -3.22 -4.28 3.60
C HIS A 39 -1.73 -4.04 3.84
N ALA A 40 -0.94 -4.19 2.78
CA ALA A 40 0.50 -3.99 2.87
C ALA A 40 0.84 -2.54 3.18
N VAL A 41 0.24 -1.62 2.44
CA VAL A 41 0.47 -0.20 2.63
C VAL A 41 0.04 0.24 4.03
N GLN A 42 -1.05 -0.34 4.52
CA GLN A 42 -1.57 -0.01 5.84
C GLN A 42 -0.56 -0.37 6.93
N TYR A 43 0.16 -1.47 6.72
CA TYR A 43 1.15 -1.92 7.68
C TYR A 43 2.37 -1.01 7.68
N PHE A 44 2.69 -0.47 6.51
CA PHE A 44 3.84 0.44 6.37
C PHE A 44 3.68 1.65 7.27
N LEU A 45 2.54 2.33 7.17
CA LEU A 45 2.27 3.50 7.99
C LEU A 45 2.16 3.14 9.46
N HIS A 46 1.72 1.92 9.74
CA HIS A 46 1.58 1.44 11.11
C HIS A 46 2.90 1.49 11.85
N VAL A 47 3.92 0.89 11.25
CA VAL A 47 5.26 0.87 11.86
C VAL A 47 5.88 2.27 11.88
N VAL A 48 5.59 3.05 10.85
CA VAL A 48 6.11 4.40 10.74
C VAL A 48 5.51 5.30 11.82
N LYS A 49 4.24 5.08 12.11
CA LYS A 49 3.54 5.88 13.11
C LYS A 49 3.96 5.47 14.53
N TYR A 50 4.31 4.20 14.69
CA TYR A 50 4.72 3.68 15.99
C TYR A 50 6.25 3.59 16.07
N GLU A 51 6.82 2.60 15.40
CA GLU A 51 8.26 2.41 15.39
C GLU A 51 8.97 3.62 14.77
N ALA A 52 8.83 3.75 13.46
CA ALA A 52 9.46 4.86 12.74
C ALA A 52 10.97 4.83 12.90
N GLN A 53 11.65 4.23 11.92
CA GLN A 53 13.11 4.13 11.96
C GLN A 53 13.74 5.52 11.99
N GLY A 54 13.58 6.28 10.91
CA GLY A 54 14.15 7.60 10.83
C GLY A 54 13.73 8.35 9.58
N ASP A 55 14.70 8.89 8.86
CA ASP A 55 14.42 9.63 7.63
C ASP A 55 14.53 8.71 6.42
N LYS A 56 15.42 7.72 6.50
CA LYS A 56 15.62 6.79 5.41
C LYS A 56 14.42 5.83 5.28
N ALA A 57 14.02 5.25 6.40
CA ALA A 57 12.89 4.32 6.41
C ALA A 57 11.60 5.02 6.03
N LYS A 58 11.34 6.15 6.69
CA LYS A 58 10.13 6.92 6.42
C LYS A 58 10.08 7.36 4.96
N GLN A 59 11.22 7.81 4.44
CA GLN A 59 11.31 8.26 3.06
C GLN A 59 11.11 7.10 2.09
N SER A 60 11.57 5.92 2.50
CA SER A 60 11.44 4.73 1.67
C SER A 60 10.01 4.19 1.69
N ILE A 61 9.50 3.95 2.89
CA ILE A 61 8.14 3.44 3.05
C ILE A 61 7.12 4.38 2.43
N ARG A 62 7.35 5.68 2.57
CA ARG A 62 6.45 6.68 2.03
C ARG A 62 6.38 6.57 0.51
N ALA A 63 7.52 6.61 -0.14
CA ALA A 63 7.58 6.51 -1.60
C ALA A 63 6.98 5.20 -2.08
N LYS A 64 7.10 4.16 -1.26
CA LYS A 64 6.57 2.85 -1.62
C LYS A 64 5.06 2.80 -1.39
N CYS A 65 4.59 3.53 -0.39
CA CYS A 65 3.17 3.57 -0.07
C CYS A 65 2.39 4.29 -1.17
N THR A 66 3.01 5.29 -1.78
CA THR A 66 2.37 6.04 -2.85
C THR A 66 2.31 5.23 -4.13
N GLU A 67 3.40 4.54 -4.44
CA GLU A 67 3.47 3.72 -5.65
C GLU A 67 2.40 2.62 -5.61
N TYR A 68 2.20 2.04 -4.45
CA TYR A 68 1.21 0.97 -4.29
C TYR A 68 -0.20 1.54 -4.34
N LEU A 69 -0.40 2.69 -3.70
CA LEU A 69 -1.71 3.32 -3.68
C LEU A 69 -2.18 3.66 -5.09
N ASP A 70 -1.30 4.27 -5.87
CA ASP A 70 -1.61 4.64 -7.24
C ASP A 70 -1.99 3.42 -8.07
N ARG A 71 -1.27 2.33 -7.84
CA ARG A 71 -1.53 1.08 -8.57
C ARG A 71 -2.95 0.58 -8.31
N ALA A 72 -3.31 0.47 -7.04
CA ALA A 72 -4.63 0.01 -6.66
C ALA A 72 -5.71 0.96 -7.16
N GLU A 73 -5.39 2.24 -7.21
CA GLU A 73 -6.33 3.26 -7.67
C GLU A 73 -6.76 2.98 -9.11
N LYS A 74 -5.81 2.53 -9.93
CA LYS A 74 -6.09 2.24 -11.33
C LYS A 74 -6.92 0.96 -11.46
N LEU A 75 -6.62 -0.03 -10.63
CA LEU A 75 -7.34 -1.29 -10.64
C LEU A 75 -8.77 -1.12 -10.13
N LYS A 76 -8.92 -0.35 -9.06
CA LYS A 76 -10.22 -0.10 -8.47
C LYS A 76 -11.15 0.58 -9.48
N GLU A 77 -10.58 1.47 -10.28
CA GLU A 77 -11.36 2.19 -11.29
C GLU A 77 -11.67 1.27 -12.47
N TYR A 78 -10.64 0.68 -13.06
CA TYR A 78 -10.80 -0.21 -14.19
C TYR A 78 -11.68 -1.40 -13.81
N LEU A 79 -11.61 -1.81 -12.54
CA LEU A 79 -12.38 -2.93 -12.06
C LEU A 79 -13.87 -2.60 -12.04
N LYS A 80 -14.20 -1.38 -11.61
CA LYS A 80 -15.58 -0.93 -11.54
C LYS A 80 -16.14 -0.69 -12.95
N ASN A 81 -15.36 -0.01 -13.78
CA ASN A 81 -15.78 0.29 -15.15
C ASN A 81 -15.69 -0.96 -16.03
N ASP B 6 3.59 13.27 3.79
CA ASP B 6 3.05 12.11 4.50
C ASP B 6 1.53 12.15 4.53
N GLU B 7 0.97 13.36 4.57
CA GLU B 7 -0.48 13.53 4.60
C GLU B 7 -1.12 12.95 3.35
N GLU B 8 -0.40 13.01 2.23
CA GLU B 8 -0.91 12.49 0.96
C GLU B 8 -1.00 10.98 1.00
N ILE B 9 -0.03 10.34 1.64
CA ILE B 9 0.00 8.89 1.74
C ILE B 9 -1.06 8.39 2.73
N GLU B 10 -1.13 9.03 3.89
CA GLU B 10 -2.10 8.66 4.91
C GLU B 10 -3.53 8.82 4.39
N ARG B 11 -3.81 9.98 3.81
CA ARG B 11 -5.13 10.25 3.28
C ARG B 11 -5.46 9.32 2.11
N GLN B 12 -4.43 8.92 1.37
CA GLN B 12 -4.61 8.03 0.23
C GLN B 12 -5.22 6.71 0.67
N LEU B 13 -4.74 6.19 1.81
CA LEU B 13 -5.24 4.92 2.34
C LEU B 13 -6.70 5.05 2.78
N LYS B 14 -7.00 6.13 3.50
CA LYS B 14 -8.35 6.37 3.99
C LYS B 14 -9.34 6.49 2.83
N ALA B 15 -8.92 7.18 1.77
CA ALA B 15 -9.77 7.36 0.59
C ALA B 15 -10.13 6.02 -0.03
N LEU B 16 -9.11 5.19 -0.26
CA LEU B 16 -9.34 3.87 -0.86
C LEU B 16 -10.14 2.97 0.08
N GLY B 17 -9.97 3.18 1.38
CA GLY B 17 -10.69 2.38 2.36
C GLY B 17 -12.18 2.64 2.33
N VAL B 18 -12.57 3.91 2.45
CA VAL B 18 -13.98 4.29 2.44
C VAL B 18 -14.54 4.26 1.03
N ASP B 19 -15.83 3.95 0.91
CA ASP B 19 -16.48 3.89 -0.39
C ASP B 19 -17.81 4.66 -0.37
N ASN A 10 4.20 -6.47 12.76
CA ASN A 10 3.46 -5.67 11.78
C ASN A 10 4.34 -5.35 10.58
N LEU A 11 5.63 -5.20 10.81
CA LEU A 11 6.57 -4.88 9.74
C LEU A 11 6.67 -6.03 8.75
N GLN A 12 6.83 -7.24 9.28
CA GLN A 12 6.94 -8.43 8.44
C GLN A 12 5.74 -8.57 7.52
N LYS A 13 4.59 -8.09 7.99
CA LYS A 13 3.36 -8.16 7.22
C LYS A 13 3.36 -7.11 6.11
N ALA A 14 4.01 -5.98 6.37
CA ALA A 14 4.09 -4.90 5.39
C ALA A 14 4.79 -5.36 4.11
N ILE A 15 5.96 -5.98 4.27
CA ILE A 15 6.72 -6.47 3.12
C ILE A 15 6.07 -7.71 2.53
N ASP A 16 5.67 -8.64 3.39
CA ASP A 16 5.04 -9.88 2.95
C ASP A 16 3.76 -9.58 2.18
N LEU A 17 3.00 -8.59 2.66
CA LEU A 17 1.76 -8.19 2.03
C LEU A 17 2.02 -7.29 0.83
N ALA A 18 3.09 -6.50 0.92
CA ALA A 18 3.45 -5.59 -0.17
C ALA A 18 4.02 -6.34 -1.36
N SER A 19 4.96 -7.24 -1.09
CA SER A 19 5.58 -8.04 -2.15
C SER A 19 4.54 -8.94 -2.83
N LYS A 20 3.72 -9.61 -2.03
CA LYS A 20 2.70 -10.50 -2.55
C LYS A 20 1.71 -9.74 -3.42
N ALA A 21 1.43 -8.50 -3.04
CA ALA A 21 0.51 -7.66 -3.79
C ALA A 21 0.98 -7.46 -5.22
N ALA A 22 2.25 -7.11 -5.38
CA ALA A 22 2.85 -6.89 -6.69
C ALA A 22 2.88 -8.18 -7.51
N GLN A 23 3.02 -9.31 -6.80
CA GLN A 23 3.08 -10.60 -7.46
C GLN A 23 1.75 -10.93 -8.13
N GLU A 24 0.66 -10.44 -7.54
CA GLU A 24 -0.67 -10.69 -8.08
C GLU A 24 -0.94 -9.80 -9.29
N ASP A 25 -0.44 -8.57 -9.24
CA ASP A 25 -0.62 -7.63 -10.33
C ASP A 25 -0.02 -8.16 -11.63
N LYS A 26 1.20 -8.68 -11.53
CA LYS A 26 1.89 -9.23 -12.70
C LYS A 26 1.40 -10.65 -12.99
N ALA A 27 1.02 -11.38 -11.94
CA ALA A 27 0.54 -12.74 -12.10
C ALA A 27 -0.72 -12.79 -12.94
N GLY A 28 -1.79 -12.17 -12.45
CA GLY A 28 -3.03 -12.14 -13.19
C GLY A 28 -4.21 -11.73 -12.32
N ASN A 29 -4.12 -12.01 -11.03
CA ASN A 29 -5.19 -11.66 -10.09
C ASN A 29 -5.13 -10.18 -9.73
N TYR A 30 -5.82 -9.35 -10.53
CA TYR A 30 -5.84 -7.91 -10.29
C TYR A 30 -6.56 -7.58 -8.99
N GLU A 31 -7.78 -8.09 -8.85
CA GLU A 31 -8.58 -7.85 -7.65
C GLU A 31 -7.84 -8.34 -6.41
N GLU A 32 -7.04 -9.38 -6.57
CA GLU A 32 -6.28 -9.95 -5.47
C GLU A 32 -5.13 -9.02 -5.07
N ALA A 33 -4.54 -8.38 -6.06
CA ALA A 33 -3.42 -7.46 -5.82
C ALA A 33 -3.91 -6.17 -5.16
N LEU A 34 -5.11 -5.75 -5.53
CA LEU A 34 -5.70 -4.53 -4.97
C LEU A 34 -5.92 -4.67 -3.47
N GLN A 35 -6.52 -5.79 -3.07
CA GLN A 35 -6.79 -6.04 -1.65
C GLN A 35 -5.51 -6.07 -0.85
N LEU A 36 -4.52 -6.81 -1.35
CA LEU A 36 -3.23 -6.92 -0.68
C LEU A 36 -2.50 -5.58 -0.68
N TYR A 37 -2.73 -4.79 -1.73
CA TYR A 37 -2.09 -3.49 -1.85
C TYR A 37 -2.43 -2.58 -0.68
N GLN A 38 -3.70 -2.57 -0.30
CA GLN A 38 -4.17 -1.76 0.82
C GLN A 38 -3.67 -2.32 2.14
N HIS A 39 -3.73 -3.64 2.29
CA HIS A 39 -3.28 -4.31 3.50
C HIS A 39 -1.79 -4.07 3.74
N ALA A 40 -1.02 -4.08 2.66
CA ALA A 40 0.42 -3.86 2.75
C ALA A 40 0.74 -2.40 3.05
N VAL A 41 0.23 -1.51 2.21
CA VAL A 41 0.46 -0.08 2.38
C VAL A 41 -0.07 0.40 3.72
N GLN A 42 -1.15 -0.21 4.18
CA GLN A 42 -1.76 0.16 5.46
C GLN A 42 -0.83 -0.19 6.62
N TYR A 43 -0.17 -1.33 6.52
CA TYR A 43 0.75 -1.78 7.56
C TYR A 43 2.01 -0.94 7.57
N PHE A 44 2.43 -0.49 6.40
CA PHE A 44 3.63 0.32 6.27
C PHE A 44 3.49 1.62 7.06
N LEU A 45 2.41 2.35 6.83
CA LEU A 45 2.15 3.60 7.52
C LEU A 45 1.91 3.36 9.01
N HIS A 46 1.34 2.21 9.32
CA HIS A 46 1.05 1.86 10.71
C HIS A 46 2.32 1.86 11.55
N VAL A 47 3.32 1.10 11.11
CA VAL A 47 4.59 1.02 11.83
C VAL A 47 5.25 2.38 11.91
N VAL A 48 5.11 3.17 10.86
CA VAL A 48 5.70 4.52 10.83
C VAL A 48 5.12 5.40 11.92
N LYS A 49 3.84 5.22 12.20
CA LYS A 49 3.16 6.00 13.24
C LYS A 49 3.71 5.68 14.61
N TYR A 50 3.92 4.39 14.88
CA TYR A 50 4.45 3.96 16.17
C TYR A 50 5.89 3.46 16.03
N GLU A 51 6.61 4.03 15.07
CA GLU A 51 8.00 3.65 14.83
C GLU A 51 8.62 4.51 13.72
N ALA A 52 9.30 5.57 14.12
CA ALA A 52 9.94 6.46 13.15
C ALA A 52 11.40 6.69 13.51
N GLN A 53 12.24 5.72 13.19
CA GLN A 53 13.67 5.82 13.48
C GLN A 53 14.46 6.04 12.20
N GLY A 54 14.74 7.30 11.88
CA GLY A 54 15.49 7.63 10.68
C GLY A 54 14.61 8.18 9.58
N ASP A 55 15.22 8.91 8.66
CA ASP A 55 14.48 9.50 7.55
C ASP A 55 14.42 8.54 6.36
N LYS A 56 15.47 7.74 6.22
CA LYS A 56 15.55 6.77 5.12
C LYS A 56 14.40 5.78 5.21
N ALA A 57 14.12 5.29 6.40
CA ALA A 57 13.04 4.33 6.61
C ALA A 57 11.69 4.92 6.20
N LYS A 58 11.42 6.13 6.67
CA LYS A 58 10.16 6.80 6.35
C LYS A 58 10.11 7.15 4.86
N GLN A 59 11.25 7.45 4.28
CA GLN A 59 11.33 7.80 2.87
C GLN A 59 11.04 6.58 1.99
N SER A 60 11.42 5.40 2.48
CA SER A 60 11.20 4.17 1.74
C SER A 60 9.73 3.74 1.82
N ILE A 61 9.21 3.64 3.04
CA ILE A 61 7.82 3.24 3.25
C ILE A 61 6.87 4.21 2.56
N ARG A 62 7.20 5.49 2.60
CA ARG A 62 6.37 6.53 1.99
C ARG A 62 6.38 6.40 0.47
N ALA A 63 7.58 6.38 -0.12
CA ALA A 63 7.72 6.26 -1.56
C ALA A 63 7.08 4.97 -2.06
N LYS A 64 7.17 3.92 -1.26
CA LYS A 64 6.60 2.62 -1.63
C LYS A 64 5.09 2.61 -1.43
N CYS A 65 4.63 3.37 -0.43
CA CYS A 65 3.21 3.44 -0.13
C CYS A 65 2.45 4.17 -1.25
N THR A 66 3.10 5.19 -1.81
CA THR A 66 2.49 5.97 -2.89
C THR A 66 2.42 5.14 -4.18
N GLU A 67 3.49 4.42 -4.47
CA GLU A 67 3.55 3.59 -5.67
C GLU A 67 2.46 2.51 -5.64
N TYR A 68 2.25 1.93 -4.47
CA TYR A 68 1.23 0.89 -4.30
C TYR A 68 -0.17 1.51 -4.27
N LEU A 69 -0.30 2.65 -3.62
CA LEU A 69 -1.58 3.33 -3.52
C LEU A 69 -2.12 3.70 -4.90
N ASP A 70 -1.26 4.31 -5.72
CA ASP A 70 -1.64 4.72 -7.06
C ASP A 70 -2.06 3.51 -7.89
N ARG A 71 -1.28 2.43 -7.80
CA ARG A 71 -1.57 1.21 -8.53
C ARG A 71 -2.94 0.65 -8.15
N ALA A 72 -3.34 0.86 -6.90
CA ALA A 72 -4.62 0.38 -6.41
C ALA A 72 -5.77 1.13 -7.07
N GLU A 73 -5.68 2.46 -7.11
CA GLU A 73 -6.71 3.28 -7.71
C GLU A 73 -6.87 2.96 -9.20
N LYS A 74 -5.77 2.58 -9.84
CA LYS A 74 -5.78 2.24 -11.26
C LYS A 74 -6.59 0.98 -11.50
N LEU A 75 -6.43 0.00 -10.63
CA LEU A 75 -7.16 -1.26 -10.74
C LEU A 75 -8.62 -1.09 -10.38
N LYS A 76 -8.88 -0.36 -9.30
CA LYS A 76 -10.25 -0.12 -8.84
C LYS A 76 -11.06 0.59 -9.92
N GLU A 77 -10.42 1.51 -10.64
CA GLU A 77 -11.08 2.25 -11.69
C GLU A 77 -11.28 1.38 -12.93
N TYR A 78 -10.19 0.80 -13.42
CA TYR A 78 -10.24 -0.06 -14.59
C TYR A 78 -11.14 -1.27 -14.33
N LEU A 79 -11.17 -1.71 -13.08
CA LEU A 79 -12.00 -2.85 -12.70
C LEU A 79 -13.48 -2.58 -12.94
N LYS A 80 -13.98 -1.51 -12.33
CA LYS A 80 -15.38 -1.13 -12.49
C LYS A 80 -15.62 -0.45 -13.83
N ASN A 81 -14.81 0.56 -14.12
CA ASN A 81 -14.93 1.29 -15.38
C ASN A 81 -14.73 0.37 -16.57
N ASP B 6 3.92 12.89 3.81
CA ASP B 6 3.16 11.87 4.53
C ASP B 6 1.67 12.17 4.49
N GLU B 7 1.32 13.45 4.44
CA GLU B 7 -0.07 13.87 4.40
C GLU B 7 -0.78 13.29 3.17
N GLU B 8 -0.06 13.21 2.06
CA GLU B 8 -0.61 12.69 0.82
C GLU B 8 -0.78 11.17 0.92
N ILE B 9 0.24 10.50 1.46
CA ILE B 9 0.19 9.05 1.61
C ILE B 9 -0.81 8.63 2.67
N GLU B 10 -0.92 9.45 3.72
CA GLU B 10 -1.84 9.16 4.82
C GLU B 10 -3.29 9.23 4.34
N ARG B 11 -3.62 10.32 3.65
CA ARG B 11 -4.97 10.52 3.13
C ARG B 11 -5.33 9.44 2.12
N GLN B 12 -4.32 8.96 1.39
CA GLN B 12 -4.54 7.93 0.39
C GLN B 12 -5.09 6.65 1.02
N LEU B 13 -4.48 6.24 2.13
CA LEU B 13 -4.90 5.03 2.83
C LEU B 13 -6.34 5.16 3.29
N LYS B 14 -6.68 6.31 3.89
CA LYS B 14 -8.02 6.55 4.38
C LYS B 14 -9.02 6.63 3.22
N ALA B 15 -8.55 7.10 2.07
CA ALA B 15 -9.40 7.21 0.89
C ALA B 15 -9.96 5.86 0.48
N LEU B 16 -9.09 4.87 0.35
CA LEU B 16 -9.50 3.53 -0.03
C LEU B 16 -10.33 2.87 1.07
N GLY B 17 -10.05 3.24 2.32
CA GLY B 17 -10.78 2.68 3.44
C GLY B 17 -12.07 3.43 3.71
N VAL B 18 -13.07 3.20 2.87
CA VAL B 18 -14.37 3.85 3.02
C VAL B 18 -15.51 2.90 2.69
N ASP B 19 -16.26 2.50 3.72
CA ASP B 19 -17.38 1.59 3.54
C ASP B 19 -18.67 2.36 3.30
N ASN A 10 3.57 -6.77 12.40
CA ASN A 10 3.23 -5.63 11.57
C ASN A 10 4.23 -5.47 10.42
N LEU A 11 5.51 -5.53 10.77
CA LEU A 11 6.57 -5.40 9.77
C LEU A 11 6.59 -6.59 8.82
N GLN A 12 6.43 -7.79 9.39
CA GLN A 12 6.41 -9.01 8.58
C GLN A 12 5.25 -9.01 7.61
N LYS A 13 4.06 -8.68 8.11
CA LYS A 13 2.87 -8.64 7.27
C LYS A 13 2.96 -7.53 6.23
N ALA A 14 3.60 -6.42 6.61
CA ALA A 14 3.75 -5.28 5.71
C ALA A 14 4.53 -5.68 4.46
N ILE A 15 5.69 -6.29 4.66
CA ILE A 15 6.53 -6.72 3.54
C ILE A 15 5.93 -7.93 2.84
N ASP A 16 5.27 -8.80 3.61
CA ASP A 16 4.65 -9.99 3.06
C ASP A 16 3.44 -9.63 2.20
N LEU A 17 2.60 -8.75 2.72
CA LEU A 17 1.41 -8.31 2.01
C LEU A 17 1.77 -7.48 0.78
N ALA A 18 2.63 -6.49 0.98
CA ALA A 18 3.06 -5.62 -0.10
C ALA A 18 3.77 -6.42 -1.19
N SER A 19 4.44 -7.49 -0.80
CA SER A 19 5.16 -8.33 -1.74
C SER A 19 4.19 -9.18 -2.56
N LYS A 20 3.12 -9.63 -1.92
CA LYS A 20 2.11 -10.45 -2.59
C LYS A 20 1.28 -9.62 -3.55
N ALA A 21 0.97 -8.39 -3.15
CA ALA A 21 0.19 -7.49 -3.98
C ALA A 21 0.89 -7.23 -5.31
N ALA A 22 2.17 -6.89 -5.24
CA ALA A 22 2.95 -6.62 -6.44
C ALA A 22 3.16 -7.89 -7.27
N GLN A 23 3.38 -9.00 -6.59
CA GLN A 23 3.60 -10.28 -7.26
C GLN A 23 2.39 -10.66 -8.11
N GLU A 24 1.20 -10.34 -7.61
CA GLU A 24 -0.03 -10.65 -8.32
C GLU A 24 -0.22 -9.71 -9.52
N ASP A 25 0.27 -8.49 -9.38
CA ASP A 25 0.16 -7.50 -10.45
C ASP A 25 0.86 -7.98 -11.71
N LYS A 26 2.04 -8.57 -11.54
CA LYS A 26 2.81 -9.08 -12.66
C LYS A 26 2.29 -10.44 -13.11
N ALA A 27 1.89 -11.26 -12.15
CA ALA A 27 1.37 -12.59 -12.44
C ALA A 27 0.12 -12.51 -13.31
N GLY A 28 -0.72 -11.52 -13.05
CA GLY A 28 -1.94 -11.36 -13.82
C GLY A 28 -3.12 -11.00 -12.95
N ASN A 29 -3.10 -11.43 -11.69
CA ASN A 29 -4.18 -11.15 -10.76
C ASN A 29 -4.37 -9.65 -10.59
N TYR A 30 -5.57 -9.25 -10.16
CA TYR A 30 -5.89 -7.85 -9.94
C TYR A 30 -6.80 -7.67 -8.75
N GLU A 31 -7.85 -8.47 -8.67
CA GLU A 31 -8.80 -8.40 -7.57
C GLU A 31 -8.12 -8.67 -6.23
N GLU A 32 -7.39 -9.77 -6.17
CA GLU A 32 -6.67 -10.13 -4.94
C GLU A 32 -5.53 -9.16 -4.68
N ALA A 33 -4.92 -8.65 -5.75
CA ALA A 33 -3.82 -7.72 -5.62
C ALA A 33 -4.30 -6.36 -5.09
N LEU A 34 -5.51 -5.99 -5.48
CA LEU A 34 -6.10 -4.72 -5.05
C LEU A 34 -6.30 -4.70 -3.54
N GLN A 35 -7.05 -5.68 -3.04
CA GLN A 35 -7.31 -5.77 -1.61
C GLN A 35 -6.02 -5.95 -0.82
N LEU A 36 -5.06 -6.63 -1.42
CA LEU A 36 -3.76 -6.86 -0.78
C LEU A 36 -2.94 -5.58 -0.73
N TYR A 37 -3.06 -4.77 -1.77
CA TYR A 37 -2.33 -3.51 -1.85
C TYR A 37 -2.69 -2.59 -0.68
N GLN A 38 -3.98 -2.52 -0.37
CA GLN A 38 -4.46 -1.68 0.72
C GLN A 38 -3.96 -2.21 2.07
N HIS A 39 -4.12 -3.51 2.28
CA HIS A 39 -3.69 -4.14 3.52
C HIS A 39 -2.19 -3.96 3.73
N ALA A 40 -1.42 -4.12 2.65
CA ALA A 40 0.03 -3.97 2.71
C ALA A 40 0.42 -2.56 3.13
N VAL A 41 -0.12 -1.57 2.42
CA VAL A 41 0.17 -0.17 2.71
C VAL A 41 -0.30 0.20 4.11
N GLN A 42 -1.40 -0.41 4.55
CA GLN A 42 -1.95 -0.14 5.87
C GLN A 42 -0.93 -0.47 6.96
N TYR A 43 -0.36 -1.67 6.89
CA TYR A 43 0.63 -2.10 7.88
C TYR A 43 1.83 -1.18 7.88
N PHE A 44 2.18 -0.67 6.70
CA PHE A 44 3.32 0.24 6.58
C PHE A 44 3.12 1.49 7.42
N LEU A 45 1.97 2.15 7.23
CA LEU A 45 1.65 3.37 7.98
C LEU A 45 1.68 3.10 9.47
N HIS A 46 1.35 1.87 9.86
CA HIS A 46 1.34 1.49 11.28
C HIS A 46 2.73 1.61 11.89
N VAL A 47 3.73 1.12 11.16
CA VAL A 47 5.12 1.16 11.63
C VAL A 47 5.71 2.55 11.46
N VAL A 48 5.25 3.27 10.43
CA VAL A 48 5.74 4.60 10.14
C VAL A 48 5.41 5.55 11.29
N LYS A 49 4.25 5.36 11.91
CA LYS A 49 3.82 6.20 13.02
C LYS A 49 4.43 5.71 14.33
N TYR A 50 4.65 4.41 14.43
CA TYR A 50 5.23 3.83 15.64
C TYR A 50 6.74 3.67 15.50
N GLU A 51 7.16 2.67 14.73
CA GLU A 51 8.58 2.40 14.51
C GLU A 51 9.08 3.14 13.29
N ALA A 52 9.45 4.42 13.46
CA ALA A 52 9.95 5.23 12.36
C ALA A 52 11.25 5.91 12.74
N GLN A 53 12.36 5.36 12.26
CA GLN A 53 13.69 5.92 12.55
C GLN A 53 14.50 6.07 11.26
N GLY A 54 15.12 7.23 11.10
CA GLY A 54 15.92 7.48 9.91
C GLY A 54 15.14 8.20 8.82
N ASP A 55 15.80 9.12 8.14
CA ASP A 55 15.16 9.88 7.07
C ASP A 55 15.09 9.05 5.79
N LYS A 56 16.11 8.23 5.57
CA LYS A 56 16.15 7.38 4.38
C LYS A 56 15.05 6.33 4.42
N ALA A 57 14.94 5.65 5.55
CA ALA A 57 13.92 4.61 5.72
C ALA A 57 12.51 5.20 5.58
N LYS A 58 12.30 6.36 6.19
CA LYS A 58 11.01 7.02 6.14
C LYS A 58 10.62 7.35 4.71
N GLN A 59 11.62 7.64 3.88
CA GLN A 59 11.39 7.97 2.48
C GLN A 59 10.94 6.74 1.70
N SER A 60 11.48 5.58 2.06
CA SER A 60 11.13 4.34 1.38
C SER A 60 9.69 3.94 1.69
N ILE A 61 9.37 3.84 2.98
CA ILE A 61 8.02 3.47 3.41
C ILE A 61 6.98 4.43 2.86
N ARG A 62 7.30 5.73 2.89
CA ARG A 62 6.39 6.75 2.39
C ARG A 62 6.31 6.70 0.87
N ALA A 63 7.46 6.68 0.22
CA ALA A 63 7.52 6.64 -1.24
C ALA A 63 6.87 5.36 -1.78
N LYS A 64 6.96 4.29 -1.00
CA LYS A 64 6.39 3.01 -1.39
C LYS A 64 4.88 3.01 -1.17
N CYS A 65 4.45 3.57 -0.05
CA CYS A 65 3.03 3.63 0.29
C CYS A 65 2.25 4.39 -0.78
N THR A 66 2.86 5.46 -1.28
CA THR A 66 2.22 6.28 -2.32
C THR A 66 2.11 5.51 -3.63
N GLU A 67 3.20 4.87 -4.02
CA GLU A 67 3.24 4.09 -5.26
C GLU A 67 2.20 2.98 -5.23
N TYR A 68 2.24 2.16 -4.18
CA TYR A 68 1.31 1.06 -4.03
C TYR A 68 -0.13 1.56 -3.98
N LEU A 69 -0.32 2.76 -3.45
CA LEU A 69 -1.64 3.35 -3.34
C LEU A 69 -2.25 3.57 -4.72
N ASP A 70 -1.47 4.18 -5.61
CA ASP A 70 -1.94 4.45 -6.97
C ASP A 70 -2.26 3.15 -7.70
N ARG A 71 -1.41 2.15 -7.52
CA ARG A 71 -1.60 0.85 -8.16
C ARG A 71 -2.92 0.22 -7.73
N ALA A 72 -3.29 0.46 -6.47
CA ALA A 72 -4.54 -0.08 -5.94
C ALA A 72 -5.75 0.63 -6.51
N GLU A 73 -5.66 1.96 -6.60
CA GLU A 73 -6.74 2.77 -7.13
C GLU A 73 -6.89 2.55 -8.63
N LYS A 74 -5.78 2.30 -9.31
CA LYS A 74 -5.79 2.07 -10.74
C LYS A 74 -6.60 0.83 -11.10
N LEU A 75 -6.34 -0.26 -10.38
CA LEU A 75 -7.04 -1.51 -10.62
C LEU A 75 -8.54 -1.36 -10.35
N LYS A 76 -8.87 -0.60 -9.31
CA LYS A 76 -10.27 -0.38 -8.95
C LYS A 76 -11.02 0.29 -10.09
N GLU A 77 -10.33 1.15 -10.83
CA GLU A 77 -10.95 1.84 -11.96
C GLU A 77 -11.12 0.91 -13.15
N TYR A 78 -10.01 0.30 -13.57
CA TYR A 78 -10.01 -0.62 -14.69
C TYR A 78 -10.94 -1.80 -14.41
N LEU A 79 -11.02 -2.18 -13.14
CA LEU A 79 -11.87 -3.30 -12.72
C LEU A 79 -13.34 -2.99 -12.97
N LYS A 80 -13.75 -1.80 -12.58
CA LYS A 80 -15.14 -1.37 -12.75
C LYS A 80 -15.39 -0.86 -14.17
N ASN A 81 -14.35 -0.27 -14.76
CA ASN A 81 -14.45 0.26 -16.11
C ASN A 81 -14.65 -0.86 -17.12
N ASP B 6 3.63 13.70 4.12
CA ASP B 6 3.09 12.56 4.84
C ASP B 6 1.57 12.56 4.82
N GLU B 7 0.98 13.74 4.79
CA GLU B 7 -0.47 13.89 4.77
C GLU B 7 -1.06 13.20 3.54
N GLU B 8 -0.33 13.25 2.43
CA GLU B 8 -0.78 12.64 1.19
C GLU B 8 -0.98 11.14 1.36
N ILE B 9 -0.01 10.50 2.00
CA ILE B 9 -0.07 9.06 2.24
C ILE B 9 -1.13 8.72 3.28
N GLU B 10 -1.30 9.60 4.26
CA GLU B 10 -2.28 9.40 5.31
C GLU B 10 -3.70 9.47 4.77
N ARG B 11 -3.97 10.52 4.00
CA ARG B 11 -5.30 10.71 3.41
C ARG B 11 -5.56 9.68 2.32
N GLN B 12 -4.50 9.27 1.64
CA GLN B 12 -4.62 8.29 0.57
C GLN B 12 -5.20 6.98 1.09
N LEU B 13 -4.60 6.47 2.18
CA LEU B 13 -5.05 5.22 2.78
C LEU B 13 -6.50 5.33 3.24
N LYS B 14 -6.83 6.44 3.90
CA LYS B 14 -8.17 6.66 4.39
C LYS B 14 -9.16 6.82 3.24
N ALA B 15 -8.68 7.36 2.12
CA ALA B 15 -9.51 7.55 0.94
C ALA B 15 -9.98 6.22 0.37
N LEU B 16 -9.05 5.29 0.22
CA LEU B 16 -9.37 3.97 -0.32
C LEU B 16 -10.29 3.20 0.63
N GLY B 17 -10.09 3.43 1.93
CA GLY B 17 -10.91 2.74 2.92
C GLY B 17 -12.06 3.59 3.40
N VAL B 18 -13.12 3.67 2.60
CA VAL B 18 -14.29 4.45 2.95
C VAL B 18 -15.58 3.65 2.75
N ASP B 19 -16.71 4.27 3.06
CA ASP B 19 -18.00 3.61 2.92
C ASP B 19 -18.99 4.51 2.17
N ASN A 10 3.41 -7.22 13.04
CA ASN A 10 2.96 -6.09 12.25
C ASN A 10 3.98 -5.70 11.20
N LEU A 11 5.25 -5.92 11.51
CA LEU A 11 6.33 -5.61 10.58
C LEU A 11 6.37 -6.59 9.43
N GLN A 12 6.04 -7.85 9.71
CA GLN A 12 6.03 -8.89 8.70
C GLN A 12 4.87 -8.70 7.73
N LYS A 13 3.68 -8.48 8.27
CA LYS A 13 2.49 -8.28 7.46
C LYS A 13 2.65 -7.07 6.55
N ALA A 14 3.29 -6.02 7.07
CA ALA A 14 3.51 -4.80 6.31
C ALA A 14 4.32 -5.07 5.05
N ILE A 15 5.46 -5.73 5.22
CA ILE A 15 6.33 -6.07 4.09
C ILE A 15 5.76 -7.21 3.27
N ASP A 16 5.26 -8.23 3.96
CA ASP A 16 4.67 -9.39 3.29
C ASP A 16 3.50 -8.98 2.42
N LEU A 17 2.64 -8.12 2.95
CA LEU A 17 1.47 -7.65 2.22
C LEU A 17 1.88 -6.87 0.98
N ALA A 18 2.91 -6.04 1.12
CA ALA A 18 3.41 -5.23 0.02
C ALA A 18 4.01 -6.11 -1.07
N SER A 19 4.86 -7.05 -0.67
CA SER A 19 5.51 -7.96 -1.61
C SER A 19 4.48 -8.82 -2.32
N LYS A 20 3.51 -9.32 -1.56
CA LYS A 20 2.46 -10.16 -2.12
C LYS A 20 1.57 -9.37 -3.07
N ALA A 21 1.41 -8.08 -2.79
CA ALA A 21 0.57 -7.22 -3.61
C ALA A 21 1.10 -7.17 -5.05
N ALA A 22 2.37 -6.83 -5.20
CA ALA A 22 2.99 -6.75 -6.51
C ALA A 22 2.98 -8.10 -7.21
N GLN A 23 3.06 -9.17 -6.42
CA GLN A 23 3.07 -10.53 -6.96
C GLN A 23 1.78 -10.80 -7.73
N GLU A 24 0.65 -10.42 -7.14
CA GLU A 24 -0.65 -10.63 -7.77
C GLU A 24 -0.79 -9.81 -9.05
N ASP A 25 -0.22 -8.61 -9.03
CA ASP A 25 -0.27 -7.73 -10.19
C ASP A 25 0.39 -8.38 -11.41
N LYS A 26 1.57 -8.95 -11.20
CA LYS A 26 2.29 -9.62 -12.27
C LYS A 26 1.77 -11.03 -12.50
N ALA A 27 1.28 -11.65 -11.43
CA ALA A 27 0.74 -13.00 -11.52
C ALA A 27 -0.46 -13.05 -12.47
N GLY A 28 -1.51 -12.32 -12.13
CA GLY A 28 -2.70 -12.29 -12.97
C GLY A 28 -3.93 -11.80 -12.22
N ASN A 29 -3.94 -12.01 -10.90
CA ASN A 29 -5.06 -11.57 -10.08
C ASN A 29 -4.98 -10.08 -9.79
N TYR A 30 -5.63 -9.28 -10.63
CA TYR A 30 -5.62 -7.83 -10.45
C TYR A 30 -6.40 -7.43 -9.20
N GLU A 31 -7.63 -7.92 -9.09
CA GLU A 31 -8.47 -7.61 -7.94
C GLU A 31 -7.80 -8.06 -6.64
N GLU A 32 -7.02 -9.13 -6.73
CA GLU A 32 -6.31 -9.67 -5.57
C GLU A 32 -5.15 -8.76 -5.17
N ALA A 33 -4.48 -8.20 -6.18
CA ALA A 33 -3.35 -7.33 -5.94
C ALA A 33 -3.80 -5.98 -5.39
N LEU A 34 -4.97 -5.53 -5.82
CA LEU A 34 -5.52 -4.25 -5.38
C LEU A 34 -5.80 -4.28 -3.88
N GLN A 35 -6.56 -5.28 -3.44
CA GLN A 35 -6.89 -5.42 -2.02
C GLN A 35 -5.62 -5.58 -1.18
N LEU A 36 -4.71 -6.44 -1.64
CA LEU A 36 -3.46 -6.69 -0.93
C LEU A 36 -2.61 -5.43 -0.90
N TYR A 37 -2.71 -4.62 -1.95
CA TYR A 37 -1.93 -3.38 -2.04
C TYR A 37 -2.27 -2.45 -0.88
N GLN A 38 -3.55 -2.22 -0.67
CA GLN A 38 -4.00 -1.35 0.41
C GLN A 38 -3.55 -1.87 1.77
N HIS A 39 -3.57 -3.20 1.91
CA HIS A 39 -3.17 -3.83 3.16
C HIS A 39 -1.70 -3.51 3.48
N ALA A 40 -0.88 -3.39 2.44
CA ALA A 40 0.53 -3.09 2.61
C ALA A 40 0.74 -1.63 2.99
N VAL A 41 0.01 -0.74 2.33
CA VAL A 41 0.12 0.69 2.59
C VAL A 41 -0.32 1.02 4.01
N GLN A 42 -1.47 0.48 4.41
CA GLN A 42 -2.01 0.72 5.75
C GLN A 42 -1.03 0.23 6.82
N TYR A 43 -0.50 -0.97 6.61
CA TYR A 43 0.45 -1.56 7.56
C TYR A 43 1.77 -0.81 7.54
N PHE A 44 2.15 -0.33 6.36
CA PHE A 44 3.41 0.40 6.20
C PHE A 44 3.43 1.65 7.08
N LEU A 45 2.39 2.47 6.97
CA LEU A 45 2.29 3.69 7.76
C LEU A 45 2.18 3.37 9.24
N HIS A 46 1.60 2.22 9.56
CA HIS A 46 1.43 1.81 10.95
C HIS A 46 2.78 1.68 11.64
N VAL A 47 3.67 0.88 11.05
CA VAL A 47 5.00 0.67 11.62
C VAL A 47 5.81 1.97 11.61
N VAL A 48 5.51 2.84 10.65
CA VAL A 48 6.21 4.12 10.54
C VAL A 48 5.76 5.08 11.64
N LYS A 49 4.44 5.17 11.83
CA LYS A 49 3.89 6.06 12.84
C LYS A 49 4.13 5.52 14.25
N TYR A 50 4.00 4.20 14.41
CA TYR A 50 4.22 3.56 15.69
C TYR A 50 5.70 3.30 15.94
N GLU A 51 6.44 3.08 14.87
CA GLU A 51 7.87 2.82 14.97
C GLU A 51 8.64 3.54 13.86
N ALA A 52 8.87 4.83 14.04
CA ALA A 52 9.60 5.63 13.06
C ALA A 52 11.08 5.63 13.34
N GLN A 53 11.87 5.20 12.36
CA GLN A 53 13.32 5.14 12.51
C GLN A 53 14.01 5.95 11.40
N GLY A 54 14.69 7.02 11.80
CA GLY A 54 15.38 7.85 10.82
C GLY A 54 14.44 8.42 9.79
N ASP A 55 15.01 9.02 8.74
CA ASP A 55 14.21 9.62 7.67
C ASP A 55 14.23 8.75 6.42
N LYS A 56 15.35 8.06 6.21
CA LYS A 56 15.50 7.20 5.05
C LYS A 56 14.45 6.09 5.04
N ALA A 57 14.16 5.54 6.22
CA ALA A 57 13.18 4.49 6.35
C ALA A 57 11.81 4.95 5.89
N LYS A 58 11.37 6.10 6.40
CA LYS A 58 10.07 6.65 6.04
C LYS A 58 10.04 7.02 4.55
N GLN A 59 11.18 7.42 4.02
CA GLN A 59 11.29 7.79 2.61
C GLN A 59 11.06 6.59 1.71
N SER A 60 11.47 5.42 2.18
CA SER A 60 11.32 4.19 1.41
C SER A 60 9.87 3.71 1.45
N ILE A 61 9.33 3.53 2.64
CA ILE A 61 7.96 3.07 2.80
C ILE A 61 6.98 4.02 2.13
N ARG A 62 7.26 5.32 2.22
CA ARG A 62 6.40 6.33 1.63
C ARG A 62 6.39 6.21 0.11
N ALA A 63 7.57 6.10 -0.49
CA ALA A 63 7.70 5.97 -1.93
C ALA A 63 6.97 4.73 -2.43
N LYS A 64 6.93 3.69 -1.59
CA LYS A 64 6.27 2.44 -1.95
C LYS A 64 4.76 2.58 -1.81
N CYS A 65 4.32 3.26 -0.77
CA CYS A 65 2.89 3.46 -0.53
C CYS A 65 2.29 4.35 -1.60
N THR A 66 2.99 5.43 -1.94
CA THR A 66 2.52 6.37 -2.94
C THR A 66 2.39 5.68 -4.30
N GLU A 67 3.36 4.84 -4.63
CA GLU A 67 3.36 4.12 -5.90
C GLU A 67 2.28 3.05 -5.92
N TYR A 68 2.27 2.20 -4.90
CA TYR A 68 1.29 1.13 -4.79
C TYR A 68 -0.13 1.70 -4.73
N LEU A 69 -0.26 2.88 -4.14
CA LEU A 69 -1.56 3.53 -4.01
C LEU A 69 -2.10 3.93 -5.38
N ASP A 70 -1.21 4.45 -6.23
CA ASP A 70 -1.62 4.87 -7.57
C ASP A 70 -2.18 3.70 -8.36
N ARG A 71 -1.52 2.54 -8.27
CA ARG A 71 -1.96 1.35 -8.98
C ARG A 71 -3.30 0.86 -8.44
N ALA A 72 -3.50 1.03 -7.13
CA ALA A 72 -4.74 0.61 -6.49
C ALA A 72 -5.95 1.30 -7.11
N GLU A 73 -5.83 2.61 -7.32
CA GLU A 73 -6.91 3.39 -7.90
C GLU A 73 -6.99 3.18 -9.41
N LYS A 74 -5.83 2.94 -10.03
CA LYS A 74 -5.77 2.73 -11.47
C LYS A 74 -6.49 1.43 -11.86
N LEU A 75 -6.20 0.36 -11.13
CA LEU A 75 -6.82 -0.94 -11.40
C LEU A 75 -8.32 -0.88 -11.11
N LYS A 76 -8.69 -0.16 -10.05
CA LYS A 76 -10.09 -0.03 -9.67
C LYS A 76 -10.91 0.59 -10.80
N GLU A 77 -10.30 1.50 -11.53
CA GLU A 77 -10.97 2.17 -12.64
C GLU A 77 -11.08 1.24 -13.84
N TYR A 78 -9.94 0.73 -14.30
CA TYR A 78 -9.90 -0.18 -15.43
C TYR A 78 -10.73 -1.44 -15.14
N LEU A 79 -10.76 -1.83 -13.88
CA LEU A 79 -11.51 -3.02 -13.47
C LEU A 79 -13.01 -2.74 -13.46
N LYS A 80 -13.38 -1.56 -12.97
CA LYS A 80 -14.79 -1.17 -12.90
C LYS A 80 -15.36 -0.97 -14.30
N ASN A 81 -14.71 -0.14 -15.09
CA ASN A 81 -15.15 0.14 -16.45
C ASN A 81 -15.10 -1.13 -17.31
N ASP B 6 3.56 12.62 3.64
CA ASP B 6 3.00 11.63 4.56
C ASP B 6 1.49 11.78 4.67
N GLU B 7 1.01 13.00 4.51
CA GLU B 7 -0.42 13.28 4.59
C GLU B 7 -1.15 12.72 3.37
N GLU B 8 -0.49 12.77 2.22
CA GLU B 8 -1.07 12.28 0.98
C GLU B 8 -1.19 10.76 1.00
N ILE B 9 -0.13 10.09 1.48
CA ILE B 9 -0.12 8.64 1.56
C ILE B 9 -1.14 8.14 2.58
N GLU B 10 -1.15 8.74 3.75
CA GLU B 10 -2.08 8.36 4.81
C GLU B 10 -3.51 8.69 4.41
N ARG B 11 -3.69 9.81 3.72
CA ARG B 11 -5.02 10.24 3.28
C ARG B 11 -5.54 9.34 2.16
N GLN B 12 -4.62 8.87 1.32
CA GLN B 12 -5.00 8.00 0.21
C GLN B 12 -5.67 6.73 0.71
N LEU B 13 -4.99 6.03 1.62
CA LEU B 13 -5.52 4.79 2.18
C LEU B 13 -6.80 5.06 2.95
N LYS B 14 -6.90 6.23 3.55
CA LYS B 14 -8.08 6.61 4.33
C LYS B 14 -9.31 6.74 3.43
N ALA B 15 -9.09 7.20 2.20
CA ALA B 15 -10.16 7.38 1.25
C ALA B 15 -10.53 6.05 0.57
N LEU B 16 -9.51 5.26 0.25
CA LEU B 16 -9.72 3.97 -0.39
C LEU B 16 -10.44 3.01 0.55
N GLY B 17 -10.05 3.01 1.82
CA GLY B 17 -10.67 2.14 2.79
C GLY B 17 -10.95 2.84 4.11
N VAL B 18 -12.22 2.85 4.51
CA VAL B 18 -12.62 3.49 5.76
C VAL B 18 -13.62 2.63 6.52
N ASP B 19 -13.22 2.16 7.69
CA ASP B 19 -14.08 1.32 8.52
C ASP B 19 -14.02 1.76 9.98
N ASN A 10 4.32 -6.27 12.90
CA ASN A 10 3.47 -5.42 12.08
C ASN A 10 4.15 -5.08 10.76
N LEU A 11 5.43 -4.72 10.83
CA LEU A 11 6.20 -4.37 9.63
C LEU A 11 6.33 -5.57 8.71
N GLN A 12 6.37 -6.75 9.29
CA GLN A 12 6.50 -7.99 8.52
C GLN A 12 5.32 -8.16 7.57
N LYS A 13 4.11 -7.99 8.11
CA LYS A 13 2.90 -8.12 7.30
C LYS A 13 2.85 -7.05 6.21
N ALA A 14 3.41 -5.88 6.51
CA ALA A 14 3.42 -4.78 5.55
C ALA A 14 4.19 -5.16 4.29
N ILE A 15 5.32 -5.84 4.47
CA ILE A 15 6.14 -6.26 3.34
C ILE A 15 5.52 -7.45 2.62
N ASP A 16 5.10 -8.45 3.39
CA ASP A 16 4.49 -9.65 2.82
C ASP A 16 3.21 -9.30 2.06
N LEU A 17 2.47 -8.32 2.58
CA LEU A 17 1.23 -7.89 1.94
C LEU A 17 1.52 -7.04 0.70
N ALA A 18 2.45 -6.11 0.83
CA ALA A 18 2.82 -5.24 -0.28
C ALA A 18 3.50 -6.03 -1.39
N SER A 19 4.29 -7.02 -1.00
CA SER A 19 5.00 -7.86 -1.97
C SER A 19 4.04 -8.76 -2.72
N LYS A 20 2.96 -9.16 -2.06
CA LYS A 20 1.96 -10.03 -2.66
C LYS A 20 1.06 -9.25 -3.62
N ALA A 21 0.84 -7.98 -3.29
CA ALA A 21 0.00 -7.12 -4.13
C ALA A 21 0.72 -6.73 -5.42
N ALA A 22 2.03 -6.57 -5.32
CA ALA A 22 2.84 -6.20 -6.48
C ALA A 22 3.03 -7.38 -7.43
N GLN A 23 3.42 -8.52 -6.87
CA GLN A 23 3.64 -9.73 -7.67
C GLN A 23 2.35 -10.13 -8.39
N GLU A 24 1.23 -9.99 -7.70
CA GLU A 24 -0.06 -10.35 -8.27
C GLU A 24 -0.42 -9.43 -9.44
N ASP A 25 -0.07 -8.15 -9.31
CA ASP A 25 -0.35 -7.16 -10.35
C ASP A 25 0.34 -7.55 -11.66
N LYS A 26 1.59 -7.99 -11.55
CA LYS A 26 2.36 -8.38 -12.72
C LYS A 26 2.00 -9.80 -13.16
N ALA A 27 1.71 -10.66 -12.17
CA ALA A 27 1.35 -12.05 -12.45
C ALA A 27 0.07 -12.12 -13.29
N GLY A 28 -0.88 -11.24 -12.98
CA GLY A 28 -2.14 -11.23 -13.70
C GLY A 28 -3.32 -10.94 -12.81
N ASN A 29 -3.20 -11.30 -11.53
CA ASN A 29 -4.27 -11.06 -10.56
C ASN A 29 -4.51 -9.58 -10.37
N TYR A 30 -5.70 -9.23 -9.88
CA TYR A 30 -6.06 -7.84 -9.65
C TYR A 30 -6.93 -7.70 -8.40
N GLU A 31 -7.95 -8.55 -8.29
CA GLU A 31 -8.84 -8.52 -7.14
C GLU A 31 -8.08 -8.77 -5.85
N GLU A 32 -7.30 -9.85 -5.81
CA GLU A 32 -6.52 -10.19 -4.63
C GLU A 32 -5.40 -9.18 -4.42
N ALA A 33 -4.87 -8.64 -5.51
CA ALA A 33 -3.80 -7.65 -5.43
C ALA A 33 -4.30 -6.33 -4.91
N LEU A 34 -5.51 -5.95 -5.31
CA LEU A 34 -6.11 -4.70 -4.87
C LEU A 34 -6.26 -4.67 -3.35
N GLN A 35 -6.90 -5.68 -2.80
CA GLN A 35 -7.10 -5.77 -1.35
C GLN A 35 -5.77 -5.87 -0.62
N LEU A 36 -4.80 -6.51 -1.26
CA LEU A 36 -3.48 -6.68 -0.67
C LEU A 36 -2.71 -5.36 -0.69
N TYR A 37 -2.97 -4.54 -1.70
CA TYR A 37 -2.30 -3.25 -1.82
C TYR A 37 -2.65 -2.34 -0.65
N GLN A 38 -3.94 -2.13 -0.44
CA GLN A 38 -4.41 -1.27 0.65
C GLN A 38 -3.97 -1.83 2.00
N HIS A 39 -4.09 -3.14 2.16
CA HIS A 39 -3.71 -3.80 3.41
C HIS A 39 -2.24 -3.57 3.71
N ALA A 40 -1.40 -3.65 2.67
CA ALA A 40 0.03 -3.46 2.83
C ALA A 40 0.36 -1.99 3.11
N VAL A 41 -0.25 -1.10 2.33
CA VAL A 41 -0.01 0.33 2.48
C VAL A 41 -0.49 0.81 3.85
N GLN A 42 -1.55 0.19 4.36
CA GLN A 42 -2.10 0.56 5.66
C GLN A 42 -1.14 0.18 6.79
N TYR A 43 -0.60 -1.02 6.72
CA TYR A 43 0.34 -1.50 7.72
C TYR A 43 1.65 -0.72 7.67
N PHE A 44 2.04 -0.33 6.46
CA PHE A 44 3.28 0.43 6.27
C PHE A 44 3.26 1.72 7.08
N LEU A 45 2.21 2.51 6.90
CA LEU A 45 2.07 3.78 7.61
C LEU A 45 1.82 3.54 9.11
N HIS A 46 1.19 2.41 9.42
CA HIS A 46 0.89 2.07 10.81
C HIS A 46 2.16 1.97 11.63
N VAL A 47 3.12 1.20 11.13
CA VAL A 47 4.40 1.02 11.83
C VAL A 47 5.18 2.32 11.88
N VAL A 48 5.07 3.11 10.82
CA VAL A 48 5.77 4.40 10.75
C VAL A 48 5.23 5.37 11.80
N LYS A 49 3.93 5.30 12.05
CA LYS A 49 3.30 6.17 13.03
C LYS A 49 3.72 5.79 14.45
N TYR A 50 3.97 4.50 14.66
CA TYR A 50 4.38 4.01 15.97
C TYR A 50 5.78 3.39 15.91
N GLU A 51 6.61 3.90 15.01
CA GLU A 51 7.97 3.41 14.86
C GLU A 51 8.73 4.20 13.80
N ALA A 52 9.30 5.33 14.21
CA ALA A 52 10.06 6.18 13.29
C ALA A 52 11.49 6.33 13.74
N GLN A 53 12.31 5.30 13.47
CA GLN A 53 13.71 5.32 13.85
C GLN A 53 14.49 6.34 13.03
N GLY A 54 14.74 6.01 11.76
CA GLY A 54 15.46 6.92 10.90
C GLY A 54 14.57 7.60 9.88
N ASP A 55 15.17 8.29 8.92
CA ASP A 55 14.43 8.99 7.89
C ASP A 55 14.34 8.15 6.61
N LYS A 56 15.37 7.36 6.37
CA LYS A 56 15.42 6.51 5.19
C LYS A 56 14.26 5.52 5.18
N ALA A 57 14.00 4.93 6.35
CA ALA A 57 12.92 3.96 6.48
C ALA A 57 11.58 4.58 6.13
N LYS A 58 11.34 5.78 6.62
CA LYS A 58 10.09 6.49 6.37
C LYS A 58 9.97 6.83 4.88
N GLN A 59 11.10 7.08 4.25
CA GLN A 59 11.12 7.43 2.83
C GLN A 59 10.78 6.22 1.97
N SER A 60 11.34 5.07 2.34
CA SER A 60 11.10 3.83 1.61
C SER A 60 9.63 3.43 1.68
N ILE A 61 9.12 3.32 2.91
CA ILE A 61 7.72 2.94 3.11
C ILE A 61 6.77 3.93 2.45
N ARG A 62 7.13 5.21 2.50
CA ARG A 62 6.31 6.26 1.90
C ARG A 62 6.32 6.15 0.38
N ALA A 63 7.53 6.13 -0.20
CA ALA A 63 7.67 6.03 -1.65
C ALA A 63 7.04 4.74 -2.17
N LYS A 64 7.05 3.70 -1.34
CA LYS A 64 6.50 2.42 -1.71
C LYS A 64 4.97 2.44 -1.61
N CYS A 65 4.45 3.12 -0.60
CA CYS A 65 3.02 3.23 -0.39
C CYS A 65 2.38 4.08 -1.49
N THR A 66 3.00 5.22 -1.78
CA THR A 66 2.49 6.13 -2.81
C THR A 66 2.43 5.43 -4.16
N GLU A 67 3.48 4.69 -4.49
CA GLU A 67 3.57 3.97 -5.75
C GLU A 67 2.53 2.85 -5.81
N TYR A 68 2.40 2.11 -4.71
CA TYR A 68 1.44 1.02 -4.63
C TYR A 68 0.02 1.54 -4.62
N LEU A 69 -0.22 2.61 -3.86
CA LEU A 69 -1.54 3.21 -3.77
C LEU A 69 -2.02 3.70 -5.13
N ASP A 70 -1.08 4.12 -5.97
CA ASP A 70 -1.41 4.61 -7.30
C ASP A 70 -1.88 3.48 -8.20
N ARG A 71 -1.11 2.39 -8.21
CA ARG A 71 -1.45 1.23 -9.03
C ARG A 71 -2.80 0.65 -8.62
N ALA A 72 -3.04 0.59 -7.31
CA ALA A 72 -4.30 0.05 -6.79
C ALA A 72 -5.49 0.85 -7.31
N GLU A 73 -5.32 2.18 -7.37
CA GLU A 73 -6.40 3.05 -7.85
C GLU A 73 -6.74 2.75 -9.31
N LYS A 74 -5.71 2.43 -10.09
CA LYS A 74 -5.91 2.11 -11.50
C LYS A 74 -6.67 0.81 -11.67
N LEU A 75 -6.46 -0.13 -10.75
CA LEU A 75 -7.13 -1.42 -10.81
C LEU A 75 -8.60 -1.28 -10.46
N LYS A 76 -8.90 -0.48 -9.44
CA LYS A 76 -10.27 -0.26 -9.01
C LYS A 76 -11.10 0.34 -10.13
N GLU A 77 -10.48 1.21 -10.94
CA GLU A 77 -11.17 1.84 -12.06
C GLU A 77 -11.34 0.86 -13.20
N TYR A 78 -10.23 0.27 -13.65
CA TYR A 78 -10.26 -0.69 -14.74
C TYR A 78 -11.13 -1.89 -14.38
N LEU A 79 -11.16 -2.23 -13.10
CA LEU A 79 -11.96 -3.35 -12.63
C LEU A 79 -13.45 -3.00 -12.62
N LYS A 80 -13.75 -1.73 -12.38
CA LYS A 80 -15.13 -1.26 -12.33
C LYS A 80 -15.65 -1.00 -13.75
N ASN A 81 -14.84 -0.34 -14.56
CA ASN A 81 -15.22 -0.02 -15.93
C ASN A 81 -15.13 -1.25 -16.82
N ASP B 6 3.62 12.79 3.84
CA ASP B 6 3.03 11.85 4.80
C ASP B 6 1.51 11.97 4.81
N GLU B 7 1.02 13.20 4.62
CA GLU B 7 -0.42 13.45 4.61
C GLU B 7 -1.05 12.95 3.31
N GLU B 8 -0.26 12.99 2.23
CA GLU B 8 -0.75 12.53 0.93
C GLU B 8 -0.95 11.02 0.92
N ILE B 9 0.08 10.29 1.34
CA ILE B 9 0.01 8.84 1.38
C ILE B 9 -1.10 8.36 2.31
N GLU B 10 -1.27 9.06 3.41
CA GLU B 10 -2.31 8.72 4.39
C GLU B 10 -3.70 8.93 3.80
N ARG B 11 -3.81 9.87 2.88
CA ARG B 11 -5.08 10.17 2.24
C ARG B 11 -5.48 9.05 1.27
N GLN B 12 -4.48 8.44 0.63
CA GLN B 12 -4.73 7.37 -0.31
C GLN B 12 -5.32 6.14 0.38
N LEU B 13 -4.63 5.68 1.43
CA LEU B 13 -5.09 4.52 2.18
C LEU B 13 -6.42 4.81 2.87
N LYS B 14 -6.64 6.06 3.24
CA LYS B 14 -7.86 6.47 3.91
C LYS B 14 -9.02 6.54 2.90
N ALA B 15 -8.72 6.96 1.68
CA ALA B 15 -9.72 7.07 0.64
C ALA B 15 -10.01 5.72 0.00
N LEU B 16 -8.95 5.01 -0.36
CA LEU B 16 -9.08 3.70 -0.99
C LEU B 16 -9.68 2.69 -0.01
N GLY B 17 -9.31 2.81 1.27
CA GLY B 17 -9.81 1.90 2.27
C GLY B 17 -10.20 2.61 3.55
N VAL B 18 -11.43 3.12 3.60
CA VAL B 18 -11.93 3.82 4.78
C VAL B 18 -12.43 2.84 5.83
N ASP B 19 -12.04 3.08 7.08
CA ASP B 19 -12.45 2.22 8.19
C ASP B 19 -13.78 2.69 8.77
N ASN A 10 3.93 -6.55 13.30
CA ASN A 10 3.22 -5.92 12.22
C ASN A 10 4.13 -5.67 11.03
N LEU A 11 5.40 -5.41 11.31
CA LEU A 11 6.39 -5.15 10.27
C LEU A 11 6.50 -6.34 9.32
N GLN A 12 6.44 -7.55 9.89
CA GLN A 12 6.55 -8.77 9.11
C GLN A 12 5.43 -8.86 8.08
N LYS A 13 4.25 -8.38 8.46
CA LYS A 13 3.09 -8.40 7.57
C LYS A 13 3.19 -7.29 6.53
N ALA A 14 3.82 -6.17 6.91
CA ALA A 14 3.97 -5.05 6.00
C ALA A 14 4.77 -5.44 4.77
N ILE A 15 5.91 -6.09 4.99
CA ILE A 15 6.76 -6.52 3.88
C ILE A 15 6.16 -7.70 3.16
N ASP A 16 5.58 -8.64 3.91
CA ASP A 16 4.97 -9.83 3.34
C ASP A 16 3.77 -9.45 2.47
N LEU A 17 3.00 -8.47 2.94
CA LEU A 17 1.82 -8.01 2.22
C LEU A 17 2.21 -7.28 0.94
N ALA A 18 3.13 -6.33 1.07
CA ALA A 18 3.59 -5.55 -0.07
C ALA A 18 4.21 -6.45 -1.13
N SER A 19 4.82 -7.55 -0.69
CA SER A 19 5.45 -8.49 -1.59
C SER A 19 4.41 -9.31 -2.34
N LYS A 20 3.36 -9.71 -1.64
CA LYS A 20 2.29 -10.50 -2.23
C LYS A 20 1.45 -9.65 -3.17
N ALA A 21 1.25 -8.40 -2.81
CA ALA A 21 0.46 -7.48 -3.62
C ALA A 21 1.06 -7.32 -5.02
N ALA A 22 2.35 -6.97 -5.06
CA ALA A 22 3.05 -6.77 -6.32
C ALA A 22 3.10 -8.08 -7.12
N GLN A 23 3.15 -9.20 -6.41
CA GLN A 23 3.21 -10.51 -7.04
C GLN A 23 1.92 -10.80 -7.81
N GLU A 24 0.81 -10.26 -7.32
CA GLU A 24 -0.48 -10.46 -7.97
C GLU A 24 -0.59 -9.61 -9.24
N ASP A 25 -0.06 -8.39 -9.18
CA ASP A 25 -0.10 -7.49 -10.33
C ASP A 25 0.61 -8.11 -11.54
N LYS A 26 1.72 -8.78 -11.28
CA LYS A 26 2.49 -9.42 -12.35
C LYS A 26 1.88 -10.77 -12.72
N ALA A 27 1.26 -11.43 -11.74
CA ALA A 27 0.63 -12.72 -11.98
C ALA A 27 -0.58 -12.59 -12.89
N GLY A 28 -1.57 -11.83 -12.44
CA GLY A 28 -2.77 -11.64 -13.24
C GLY A 28 -3.97 -11.24 -12.40
N ASN A 29 -3.96 -11.64 -11.13
CA ASN A 29 -5.06 -11.32 -10.23
C ASN A 29 -5.01 -9.85 -9.81
N TYR A 30 -5.71 -9.01 -10.57
CA TYR A 30 -5.76 -7.58 -10.28
C TYR A 30 -6.51 -7.31 -8.98
N GLU A 31 -7.71 -7.87 -8.86
CA GLU A 31 -8.53 -7.69 -7.67
C GLU A 31 -7.79 -8.20 -6.43
N GLU A 32 -6.97 -9.22 -6.62
CA GLU A 32 -6.20 -9.80 -5.52
C GLU A 32 -5.07 -8.87 -5.11
N ALA A 33 -4.46 -8.22 -6.09
CA ALA A 33 -3.36 -7.29 -5.83
C ALA A 33 -3.86 -6.02 -5.16
N LEU A 34 -5.04 -5.56 -5.57
CA LEU A 34 -5.62 -4.35 -5.01
C LEU A 34 -5.85 -4.50 -3.51
N GLN A 35 -6.52 -5.57 -3.12
CA GLN A 35 -6.80 -5.84 -1.72
C GLN A 35 -5.50 -5.96 -0.92
N LEU A 36 -4.54 -6.69 -1.47
CA LEU A 36 -3.26 -6.89 -0.80
C LEU A 36 -2.46 -5.59 -0.77
N TYR A 37 -2.64 -4.77 -1.79
CA TYR A 37 -1.93 -3.49 -1.88
C TYR A 37 -2.29 -2.60 -0.70
N GLN A 38 -3.58 -2.42 -0.46
CA GLN A 38 -4.06 -1.59 0.63
C GLN A 38 -3.57 -2.13 1.97
N HIS A 39 -3.54 -3.46 2.10
CA HIS A 39 -3.08 -4.10 3.32
C HIS A 39 -1.59 -3.86 3.54
N ALA A 40 -0.85 -3.77 2.45
CA ALA A 40 0.60 -3.55 2.53
C ALA A 40 0.91 -2.08 2.77
N VAL A 41 0.08 -1.20 2.24
CA VAL A 41 0.27 0.24 2.40
C VAL A 41 -0.14 0.69 3.79
N GLN A 42 -1.19 0.07 4.32
CA GLN A 42 -1.70 0.42 5.64
C GLN A 42 -0.73 -0.04 6.73
N TYR A 43 -0.17 -1.23 6.56
CA TYR A 43 0.77 -1.78 7.53
C TYR A 43 2.09 -0.99 7.50
N PHE A 44 2.46 -0.53 6.32
CA PHE A 44 3.69 0.24 6.16
C PHE A 44 3.68 1.49 7.01
N LEU A 45 2.62 2.29 6.87
CA LEU A 45 2.48 3.52 7.63
C LEU A 45 2.28 3.23 9.12
N HIS A 46 1.68 2.08 9.41
CA HIS A 46 1.43 1.69 10.79
C HIS A 46 2.72 1.62 11.59
N VAL A 47 3.71 0.92 11.04
CA VAL A 47 5.01 0.79 11.70
C VAL A 47 5.73 2.13 11.75
N VAL A 48 5.56 2.94 10.72
CA VAL A 48 6.20 4.24 10.65
C VAL A 48 5.72 5.14 11.79
N LYS A 49 4.46 5.01 12.14
CA LYS A 49 3.88 5.82 13.22
C LYS A 49 4.35 5.32 14.58
N TYR A 50 4.59 4.02 14.68
CA TYR A 50 5.05 3.42 15.93
C TYR A 50 6.46 2.85 15.77
N GLU A 51 7.27 3.48 14.93
CA GLU A 51 8.63 3.04 14.71
C GLU A 51 9.35 3.98 13.74
N ALA A 52 9.09 5.28 13.87
CA ALA A 52 9.71 6.27 13.01
C ALA A 52 11.14 6.55 13.43
N GLN A 53 12.09 5.84 12.82
CA GLN A 53 13.50 6.00 13.14
C GLN A 53 14.32 6.31 11.89
N GLY A 54 14.55 7.60 11.65
CA GLY A 54 15.30 8.01 10.48
C GLY A 54 14.42 8.48 9.35
N ASP A 55 15.00 9.23 8.41
CA ASP A 55 14.26 9.75 7.27
C ASP A 55 14.26 8.75 6.12
N LYS A 56 15.34 7.99 6.01
CA LYS A 56 15.47 6.99 4.94
C LYS A 56 14.35 5.96 5.02
N ALA A 57 14.10 5.47 6.23
CA ALA A 57 13.05 4.46 6.45
C ALA A 57 11.69 5.01 6.05
N LYS A 58 11.36 6.18 6.55
CA LYS A 58 10.07 6.81 6.25
C LYS A 58 9.98 7.17 4.77
N GLN A 59 11.12 7.48 4.17
CA GLN A 59 11.17 7.84 2.75
C GLN A 59 10.89 6.62 1.88
N SER A 60 11.48 5.48 2.26
CA SER A 60 11.31 4.24 1.51
C SER A 60 9.85 3.77 1.57
N ILE A 61 9.33 3.62 2.78
CA ILE A 61 7.96 3.18 2.97
C ILE A 61 6.97 4.13 2.30
N ARG A 62 7.27 5.41 2.35
CA ARG A 62 6.40 6.43 1.75
C ARG A 62 6.37 6.27 0.23
N ALA A 63 7.54 6.23 -0.39
CA ALA A 63 7.64 6.08 -1.83
C ALA A 63 6.97 4.78 -2.29
N LYS A 64 7.00 3.77 -1.43
CA LYS A 64 6.39 2.48 -1.75
C LYS A 64 4.90 2.50 -1.50
N CYS A 65 4.47 3.30 -0.52
CA CYS A 65 3.06 3.41 -0.18
C CYS A 65 2.30 4.18 -1.27
N THR A 66 2.96 5.17 -1.84
CA THR A 66 2.35 5.98 -2.90
C THR A 66 2.27 5.20 -4.21
N GLU A 67 3.34 4.50 -4.54
CA GLU A 67 3.39 3.70 -5.77
C GLU A 67 2.31 2.63 -5.76
N TYR A 68 2.27 1.84 -4.69
CA TYR A 68 1.28 0.77 -4.58
C TYR A 68 -0.12 1.34 -4.51
N LEU A 69 -0.27 2.50 -3.87
CA LEU A 69 -1.56 3.16 -3.74
C LEU A 69 -2.10 3.56 -5.11
N ASP A 70 -1.24 4.17 -5.92
CA ASP A 70 -1.63 4.61 -7.26
C ASP A 70 -2.10 3.44 -8.10
N ARG A 71 -1.51 2.27 -7.87
CA ARG A 71 -1.86 1.07 -8.61
C ARG A 71 -3.22 0.53 -8.16
N ALA A 72 -3.39 0.40 -6.85
CA ALA A 72 -4.63 -0.11 -6.29
C ALA A 72 -5.82 0.77 -6.69
N GLU A 73 -5.67 2.07 -6.51
CA GLU A 73 -6.73 3.02 -6.85
C GLU A 73 -7.05 2.95 -8.34
N LYS A 74 -6.03 2.68 -9.15
CA LYS A 74 -6.20 2.58 -10.60
C LYS A 74 -6.95 1.31 -10.97
N LEU A 75 -6.76 0.26 -10.17
CA LEU A 75 -7.41 -1.02 -10.41
C LEU A 75 -8.90 -0.94 -10.09
N LYS A 76 -9.23 -0.33 -8.95
CA LYS A 76 -10.61 -0.18 -8.53
C LYS A 76 -11.41 0.61 -9.56
N GLU A 77 -10.77 1.61 -10.15
CA GLU A 77 -11.41 2.46 -11.15
C GLU A 77 -11.54 1.71 -12.47
N TYR A 78 -10.41 1.19 -12.97
CA TYR A 78 -10.40 0.46 -14.22
C TYR A 78 -11.29 -0.77 -14.14
N LEU A 79 -11.39 -1.35 -12.94
CA LEU A 79 -12.22 -2.53 -12.72
C LEU A 79 -13.69 -2.20 -12.92
N LYS A 80 -14.14 -1.11 -12.32
CA LYS A 80 -15.53 -0.69 -12.43
C LYS A 80 -15.84 -0.21 -13.84
N ASN A 81 -14.96 0.63 -14.39
CA ASN A 81 -15.14 1.17 -15.73
C ASN A 81 -14.74 0.14 -16.78
N ASP B 6 3.63 13.02 4.45
CA ASP B 6 3.06 11.75 4.91
C ASP B 6 1.54 11.80 4.85
N GLU B 7 0.97 12.99 5.06
CA GLU B 7 -0.48 13.16 5.04
C GLU B 7 -1.05 12.77 3.69
N GLU B 8 -0.31 13.07 2.62
CA GLU B 8 -0.75 12.76 1.27
C GLU B 8 -0.93 11.24 1.10
N ILE B 9 0.06 10.48 1.53
CA ILE B 9 0.00 9.03 1.43
C ILE B 9 -1.06 8.46 2.37
N GLU B 10 -1.11 8.98 3.58
CA GLU B 10 -2.08 8.52 4.58
C GLU B 10 -3.50 8.82 4.13
N ARG B 11 -3.66 9.90 3.38
CA ARG B 11 -4.98 10.29 2.88
C ARG B 11 -5.46 9.33 1.79
N GLN B 12 -4.53 8.89 0.95
CA GLN B 12 -4.86 7.96 -0.12
C GLN B 12 -5.44 6.66 0.42
N LEU B 13 -4.80 6.14 1.47
CA LEU B 13 -5.24 4.90 2.09
C LEU B 13 -6.66 5.04 2.63
N LYS B 14 -6.92 6.13 3.34
CA LYS B 14 -8.24 6.37 3.90
C LYS B 14 -9.27 6.64 2.80
N ALA B 15 -8.80 7.24 1.70
CA ALA B 15 -9.68 7.54 0.58
C ALA B 15 -10.07 6.28 -0.16
N LEU B 16 -9.18 5.29 -0.17
CA LEU B 16 -9.45 4.02 -0.85
C LEU B 16 -10.34 3.13 0.01
N GLY B 17 -10.19 3.23 1.32
CA GLY B 17 -10.99 2.42 2.22
C GLY B 17 -12.07 3.22 2.91
N VAL B 18 -13.15 3.50 2.19
CA VAL B 18 -14.26 4.26 2.74
C VAL B 18 -15.49 3.38 2.93
N ASP B 19 -15.63 2.38 2.07
CA ASP B 19 -16.76 1.45 2.15
C ASP B 19 -16.69 0.61 3.41
N ASN A 10 3.71 -6.78 12.64
CA ASN A 10 3.42 -5.64 11.79
C ASN A 10 4.48 -5.48 10.70
N LEU A 11 5.73 -5.47 11.10
CA LEU A 11 6.84 -5.33 10.15
C LEU A 11 6.84 -6.49 9.15
N GLN A 12 6.54 -7.68 9.64
CA GLN A 12 6.51 -8.87 8.79
C GLN A 12 5.31 -8.83 7.84
N LYS A 13 4.14 -8.57 8.40
CA LYS A 13 2.92 -8.50 7.60
C LYS A 13 3.00 -7.38 6.57
N ALA A 14 3.67 -6.29 6.95
CA ALA A 14 3.82 -5.15 6.04
C ALA A 14 4.54 -5.55 4.77
N ILE A 15 5.70 -6.19 4.92
CA ILE A 15 6.49 -6.63 3.78
C ILE A 15 5.85 -7.83 3.10
N ASP A 16 5.35 -8.76 3.90
CA ASP A 16 4.71 -9.97 3.38
C ASP A 16 3.48 -9.61 2.55
N LEU A 17 2.66 -8.71 3.06
CA LEU A 17 1.46 -8.29 2.36
C LEU A 17 1.80 -7.55 1.07
N ALA A 18 2.74 -6.62 1.16
CA ALA A 18 3.16 -5.85 0.00
C ALA A 18 3.74 -6.75 -1.08
N SER A 19 4.53 -7.73 -0.66
CA SER A 19 5.14 -8.66 -1.61
C SER A 19 4.07 -9.46 -2.36
N LYS A 20 2.95 -9.70 -1.69
CA LYS A 20 1.85 -10.45 -2.29
C LYS A 20 1.11 -9.60 -3.32
N ALA A 21 0.81 -8.36 -2.94
CA ALA A 21 0.11 -7.43 -3.83
C ALA A 21 0.89 -7.21 -5.12
N ALA A 22 2.22 -7.10 -4.99
CA ALA A 22 3.07 -6.87 -6.14
C ALA A 22 3.16 -8.12 -7.02
N GLN A 23 3.24 -9.28 -6.36
CA GLN A 23 3.33 -10.55 -7.08
C GLN A 23 2.11 -10.77 -7.95
N GLU A 24 0.98 -10.25 -7.52
CA GLU A 24 -0.27 -10.38 -8.26
C GLU A 24 -0.31 -9.41 -9.44
N ASP A 25 0.27 -8.23 -9.24
CA ASP A 25 0.31 -7.22 -10.29
C ASP A 25 1.02 -7.73 -11.53
N LYS A 26 2.16 -8.38 -11.32
CA LYS A 26 2.94 -8.92 -12.44
C LYS A 26 2.38 -10.26 -12.89
N ALA A 27 1.79 -11.01 -11.96
CA ALA A 27 1.21 -12.31 -12.28
C ALA A 27 0.00 -12.16 -13.18
N GLY A 28 -0.80 -11.13 -12.93
CA GLY A 28 -1.98 -10.90 -13.74
C GLY A 28 -3.19 -10.53 -12.91
N ASN A 29 -3.22 -11.00 -11.67
CA ASN A 29 -4.33 -10.73 -10.76
C ASN A 29 -4.49 -9.22 -10.54
N TYR A 30 -5.66 -8.83 -10.05
CA TYR A 30 -5.94 -7.43 -9.80
C TYR A 30 -6.85 -7.26 -8.58
N GLU A 31 -7.93 -8.03 -8.53
CA GLU A 31 -8.86 -7.97 -7.42
C GLU A 31 -8.17 -8.31 -6.11
N GLU A 32 -7.48 -9.44 -6.09
CA GLU A 32 -6.76 -9.87 -4.88
C GLU A 32 -5.58 -8.96 -4.59
N ALA A 33 -4.98 -8.42 -5.65
CA ALA A 33 -3.83 -7.53 -5.50
C ALA A 33 -4.27 -6.18 -4.93
N LEU A 34 -5.46 -5.74 -5.29
CA LEU A 34 -6.00 -4.47 -4.82
C LEU A 34 -6.19 -4.50 -3.30
N GLN A 35 -6.90 -5.52 -2.82
CA GLN A 35 -7.16 -5.66 -1.40
C GLN A 35 -5.86 -5.81 -0.62
N LEU A 36 -4.93 -6.59 -1.18
CA LEU A 36 -3.64 -6.82 -0.53
C LEU A 36 -2.81 -5.54 -0.50
N TYR A 37 -2.99 -4.70 -1.51
CA TYR A 37 -2.26 -3.44 -1.62
C TYR A 37 -2.55 -2.55 -0.41
N GLN A 38 -3.83 -2.35 -0.13
CA GLN A 38 -4.25 -1.51 1.00
C GLN A 38 -3.71 -2.08 2.32
N HIS A 39 -3.79 -3.39 2.47
CA HIS A 39 -3.32 -4.05 3.68
C HIS A 39 -1.83 -3.80 3.89
N ALA A 40 -1.04 -4.09 2.86
CA ALA A 40 0.41 -3.89 2.93
C ALA A 40 0.75 -2.43 3.20
N VAL A 41 0.16 -1.53 2.42
CA VAL A 41 0.40 -0.10 2.57
C VAL A 41 -0.05 0.38 3.94
N GLN A 42 -1.11 -0.22 4.46
CA GLN A 42 -1.65 0.14 5.77
C GLN A 42 -0.65 -0.20 6.88
N TYR A 43 0.00 -1.35 6.76
CA TYR A 43 0.97 -1.78 7.74
C TYR A 43 2.25 -0.97 7.64
N PHE A 44 2.61 -0.58 6.42
CA PHE A 44 3.81 0.20 6.19
C PHE A 44 3.78 1.50 6.98
N LEU A 45 2.70 2.26 6.82
CA LEU A 45 2.54 3.53 7.51
C LEU A 45 2.31 3.31 9.00
N HIS A 46 1.69 2.19 9.34
CA HIS A 46 1.41 1.85 10.74
C HIS A 46 2.69 1.78 11.55
N VAL A 47 3.63 0.96 11.09
CA VAL A 47 4.91 0.79 11.78
C VAL A 47 5.68 2.10 11.83
N VAL A 48 5.61 2.86 10.74
CA VAL A 48 6.29 4.15 10.65
C VAL A 48 5.76 5.13 11.68
N LYS A 49 4.45 5.06 11.92
CA LYS A 49 3.80 5.95 12.89
C LYS A 49 4.25 5.63 14.31
N TYR A 50 4.54 4.36 14.56
CA TYR A 50 4.98 3.91 15.88
C TYR A 50 6.36 3.28 15.81
N GLU A 51 7.18 3.75 14.87
CA GLU A 51 8.53 3.22 14.69
C GLU A 51 9.26 3.97 13.58
N ALA A 52 9.99 5.01 13.97
CA ALA A 52 10.74 5.82 13.01
C ALA A 52 12.23 5.87 13.38
N GLN A 53 13.06 5.15 12.63
CA GLN A 53 14.48 5.11 12.89
C GLN A 53 15.22 6.07 11.96
N GLY A 54 14.58 7.18 11.61
CA GLY A 54 15.19 8.16 10.74
C GLY A 54 14.25 8.65 9.67
N ASP A 55 14.79 9.27 8.63
CA ASP A 55 14.00 9.78 7.53
C ASP A 55 14.12 8.88 6.30
N LYS A 56 15.27 8.25 6.15
CA LYS A 56 15.51 7.36 5.02
C LYS A 56 14.52 6.22 5.00
N ALA A 57 14.32 5.59 6.15
CA ALA A 57 13.38 4.49 6.27
C ALA A 57 11.97 4.92 5.90
N LYS A 58 11.58 6.09 6.37
CA LYS A 58 10.25 6.63 6.10
C LYS A 58 10.12 7.05 4.64
N GLN A 59 11.23 7.50 4.07
CA GLN A 59 11.25 7.94 2.67
C GLN A 59 11.03 6.76 1.73
N SER A 60 11.49 5.59 2.14
CA SER A 60 11.34 4.39 1.33
C SER A 60 9.91 3.86 1.39
N ILE A 61 9.42 3.63 2.60
CA ILE A 61 8.07 3.12 2.80
C ILE A 61 7.03 4.08 2.22
N ARG A 62 7.28 5.38 2.37
CA ARG A 62 6.38 6.40 1.86
C ARG A 62 6.28 6.32 0.34
N ALA A 63 7.43 6.29 -0.32
CA ALA A 63 7.49 6.22 -1.77
C ALA A 63 6.79 4.96 -2.29
N LYS A 64 6.85 3.89 -1.49
CA LYS A 64 6.22 2.64 -1.86
C LYS A 64 4.72 2.66 -1.56
N CYS A 65 4.36 3.36 -0.49
CA CYS A 65 2.96 3.46 -0.09
C CYS A 65 2.15 4.22 -1.13
N THR A 66 2.77 5.24 -1.73
CA THR A 66 2.10 6.05 -2.74
C THR A 66 2.01 5.29 -4.07
N GLU A 67 3.10 4.62 -4.43
CA GLU A 67 3.14 3.86 -5.67
C GLU A 67 2.07 2.77 -5.69
N TYR A 68 1.92 2.09 -4.56
CA TYR A 68 0.93 1.03 -4.45
C TYR A 68 -0.49 1.60 -4.45
N LEU A 69 -0.68 2.72 -3.77
CA LEU A 69 -1.99 3.37 -3.70
C LEU A 69 -2.46 3.76 -5.08
N ASP A 70 -1.55 4.27 -5.90
CA ASP A 70 -1.89 4.70 -7.26
C ASP A 70 -2.38 3.51 -8.08
N ARG A 71 -1.66 2.39 -7.99
CA ARG A 71 -2.03 1.18 -8.73
C ARG A 71 -3.35 0.61 -8.23
N ALA A 72 -3.54 0.68 -6.91
CA ALA A 72 -4.77 0.17 -6.29
C ALA A 72 -6.00 0.87 -6.85
N GLU A 73 -5.91 2.19 -6.98
CA GLU A 73 -7.01 2.99 -7.49
C GLU A 73 -7.24 2.71 -8.97
N LYS A 74 -6.16 2.55 -9.72
CA LYS A 74 -6.24 2.28 -11.15
C LYS A 74 -7.00 0.98 -11.41
N LEU A 75 -6.65 -0.06 -10.66
CA LEU A 75 -7.29 -1.37 -10.81
C LEU A 75 -8.79 -1.27 -10.53
N LYS A 76 -9.14 -0.53 -9.48
CA LYS A 76 -10.54 -0.36 -9.11
C LYS A 76 -11.33 0.30 -10.23
N GLU A 77 -10.68 1.22 -10.94
CA GLU A 77 -11.32 1.92 -12.04
C GLU A 77 -11.42 1.02 -13.27
N TYR A 78 -10.28 0.49 -13.69
CA TYR A 78 -10.23 -0.40 -14.84
C TYR A 78 -11.10 -1.64 -14.61
N LEU A 79 -11.19 -2.06 -13.35
CA LEU A 79 -11.99 -3.23 -13.01
C LEU A 79 -13.47 -2.98 -13.29
N LYS A 80 -13.98 -1.85 -12.82
CA LYS A 80 -15.37 -1.50 -13.03
C LYS A 80 -15.60 -0.98 -14.44
N ASN A 81 -14.74 -0.08 -14.88
CA ASN A 81 -14.85 0.50 -16.22
C ASN A 81 -14.71 -0.58 -17.29
N ASP B 6 3.87 13.12 4.05
CA ASP B 6 3.31 11.93 4.66
C ASP B 6 1.79 12.02 4.77
N GLU B 7 1.28 13.24 4.91
CA GLU B 7 -0.16 13.47 5.01
C GLU B 7 -0.87 12.98 3.75
N GLU B 8 -0.18 13.05 2.61
CA GLU B 8 -0.75 12.62 1.35
C GLU B 8 -0.94 11.10 1.33
N ILE B 9 0.05 10.38 1.84
CA ILE B 9 0.00 8.93 1.89
C ILE B 9 -1.02 8.45 2.92
N GLU B 10 -1.13 9.19 4.02
CA GLU B 10 -2.07 8.83 5.08
C GLU B 10 -3.51 9.02 4.62
N ARG B 11 -3.80 10.17 4.01
CA ARG B 11 -5.13 10.47 3.52
C ARG B 11 -5.50 9.56 2.35
N GLN B 12 -4.49 9.19 1.55
CA GLN B 12 -4.71 8.33 0.40
C GLN B 12 -5.29 6.98 0.82
N LEU B 13 -4.73 6.41 1.88
CA LEU B 13 -5.20 5.12 2.39
C LEU B 13 -6.63 5.22 2.90
N LYS B 14 -6.91 6.25 3.68
CA LYS B 14 -8.23 6.48 4.23
C LYS B 14 -9.26 6.69 3.13
N ALA B 15 -8.81 7.28 2.02
CA ALA B 15 -9.68 7.55 0.88
C ALA B 15 -10.12 6.25 0.22
N LEU B 16 -9.18 5.34 0.00
CA LEU B 16 -9.48 4.06 -0.61
C LEU B 16 -10.37 3.21 0.29
N GLY B 17 -10.04 3.18 1.57
CA GLY B 17 -10.81 2.40 2.52
C GLY B 17 -11.75 3.25 3.35
N VAL B 18 -12.75 3.83 2.69
CA VAL B 18 -13.72 4.68 3.38
C VAL B 18 -15.07 3.98 3.51
N ASP B 19 -15.38 3.12 2.55
CA ASP B 19 -16.64 2.38 2.55
C ASP B 19 -16.61 1.24 1.55
N ASN A 10 3.63 -6.40 12.56
CA ASN A 10 3.19 -5.50 11.50
C ASN A 10 4.26 -5.36 10.42
N LEU A 11 5.51 -5.31 10.85
CA LEU A 11 6.63 -5.17 9.93
C LEU A 11 6.68 -6.35 8.96
N GLN A 12 6.35 -7.53 9.45
CA GLN A 12 6.37 -8.74 8.63
C GLN A 12 5.20 -8.73 7.64
N LYS A 13 4.03 -8.37 8.14
CA LYS A 13 2.84 -8.31 7.29
C LYS A 13 2.96 -7.20 6.25
N ALA A 14 3.65 -6.13 6.61
CA ALA A 14 3.84 -4.99 5.73
C ALA A 14 4.60 -5.41 4.48
N ILE A 15 5.75 -6.05 4.67
CA ILE A 15 6.58 -6.49 3.56
C ILE A 15 5.96 -7.71 2.87
N ASP A 16 5.27 -8.54 3.65
CA ASP A 16 4.63 -9.73 3.10
C ASP A 16 3.42 -9.36 2.25
N LEU A 17 2.62 -8.42 2.74
CA LEU A 17 1.43 -7.98 2.03
C LEU A 17 1.81 -7.17 0.79
N ALA A 18 2.77 -6.26 0.95
CA ALA A 18 3.23 -5.43 -0.15
C ALA A 18 3.78 -6.27 -1.29
N SER A 19 4.65 -7.22 -0.94
CA SER A 19 5.26 -8.10 -1.93
C SER A 19 4.21 -8.94 -2.63
N LYS A 20 3.26 -9.47 -1.86
CA LYS A 20 2.19 -10.29 -2.40
C LYS A 20 1.31 -9.48 -3.36
N ALA A 21 1.14 -8.20 -3.05
CA ALA A 21 0.32 -7.32 -3.87
C ALA A 21 0.86 -7.24 -5.30
N ALA A 22 2.15 -6.96 -5.42
CA ALA A 22 2.78 -6.85 -6.72
C ALA A 22 2.71 -8.18 -7.47
N GLN A 23 2.73 -9.28 -6.74
CA GLN A 23 2.66 -10.61 -7.32
C GLN A 23 1.32 -10.83 -8.02
N GLU A 24 0.23 -10.54 -7.30
CA GLU A 24 -1.11 -10.72 -7.84
C GLU A 24 -1.31 -9.85 -9.08
N ASP A 25 -0.75 -8.64 -9.04
CA ASP A 25 -0.87 -7.70 -10.15
C ASP A 25 -0.28 -8.30 -11.43
N LYS A 26 0.91 -8.90 -11.31
CA LYS A 26 1.57 -9.50 -12.45
C LYS A 26 1.02 -10.89 -12.73
N ALA A 27 0.58 -11.58 -11.67
CA ALA A 27 0.03 -12.92 -11.80
C ALA A 27 -1.22 -12.91 -12.66
N GLY A 28 -2.25 -12.19 -12.21
CA GLY A 28 -3.49 -12.12 -12.96
C GLY A 28 -4.66 -11.67 -12.11
N ASN A 29 -4.58 -11.95 -10.80
CA ASN A 29 -5.65 -11.57 -9.88
C ASN A 29 -5.55 -10.09 -9.52
N TYR A 30 -6.24 -9.26 -10.29
CA TYR A 30 -6.24 -7.82 -10.04
C TYR A 30 -6.92 -7.49 -8.72
N GLU A 31 -8.14 -7.99 -8.55
CA GLU A 31 -8.90 -7.74 -7.33
C GLU A 31 -8.15 -8.25 -6.11
N GLU A 32 -7.37 -9.30 -6.30
CA GLU A 32 -6.58 -9.88 -5.22
C GLU A 32 -5.40 -9.00 -4.86
N ALA A 33 -4.81 -8.38 -5.88
CA ALA A 33 -3.67 -7.49 -5.68
C ALA A 33 -4.09 -6.18 -5.01
N LEU A 34 -5.29 -5.72 -5.35
CA LEU A 34 -5.82 -4.48 -4.79
C LEU A 34 -6.01 -4.61 -3.29
N GLN A 35 -6.65 -5.70 -2.86
CA GLN A 35 -6.90 -5.92 -1.44
C GLN A 35 -5.58 -6.00 -0.67
N LEU A 36 -4.59 -6.66 -1.26
CA LEU A 36 -3.29 -6.81 -0.62
C LEU A 36 -2.52 -5.48 -0.64
N TYR A 37 -2.72 -4.71 -1.71
CA TYR A 37 -2.04 -3.43 -1.85
C TYR A 37 -2.41 -2.49 -0.70
N GLN A 38 -3.71 -2.28 -0.52
CA GLN A 38 -4.20 -1.40 0.55
C GLN A 38 -3.76 -1.92 1.91
N HIS A 39 -3.92 -3.22 2.13
CA HIS A 39 -3.53 -3.84 3.40
C HIS A 39 -2.05 -3.65 3.67
N ALA A 40 -1.24 -3.76 2.62
CA ALA A 40 0.20 -3.60 2.76
C ALA A 40 0.57 -2.15 3.02
N VAL A 41 0.02 -1.25 2.21
CA VAL A 41 0.29 0.18 2.34
C VAL A 41 -0.21 0.70 3.69
N GLN A 42 -1.32 0.15 4.16
CA GLN A 42 -1.90 0.55 5.44
C GLN A 42 -0.98 0.15 6.61
N TYR A 43 -0.37 -1.02 6.49
CA TYR A 43 0.53 -1.51 7.52
C TYR A 43 1.85 -0.73 7.52
N PHE A 44 2.28 -0.33 6.34
CA PHE A 44 3.53 0.42 6.20
C PHE A 44 3.49 1.71 7.03
N LEU A 45 2.44 2.50 6.82
CA LEU A 45 2.28 3.76 7.54
C LEU A 45 2.02 3.50 9.03
N HIS A 46 1.39 2.37 9.33
CA HIS A 46 1.09 2.01 10.71
C HIS A 46 2.36 1.90 11.54
N VAL A 47 3.34 1.17 11.03
CA VAL A 47 4.60 0.99 11.73
C VAL A 47 5.37 2.30 11.81
N VAL A 48 5.23 3.13 10.79
CA VAL A 48 5.90 4.42 10.74
C VAL A 48 5.40 5.35 11.85
N LYS A 49 4.11 5.25 12.14
CA LYS A 49 3.49 6.08 13.17
C LYS A 49 3.95 5.64 14.56
N TYR A 50 4.14 4.33 14.73
CA TYR A 50 4.58 3.78 16.01
C TYR A 50 5.98 3.19 15.89
N GLU A 51 6.78 3.73 15.00
CA GLU A 51 8.14 3.24 14.79
C GLU A 51 8.85 4.06 13.71
N ALA A 52 9.38 5.22 14.09
CA ALA A 52 10.08 6.09 13.15
C ALA A 52 11.57 6.11 13.44
N GLN A 53 12.35 5.64 12.48
CA GLN A 53 13.80 5.61 12.64
C GLN A 53 14.39 7.02 12.64
N GLY A 54 14.38 7.66 11.48
CA GLY A 54 14.90 9.01 11.37
C GLY A 54 14.31 9.77 10.21
N ASP A 55 14.49 9.26 9.01
CA ASP A 55 13.96 9.91 7.81
C ASP A 55 14.08 8.99 6.59
N LYS A 56 15.22 8.34 6.47
CA LYS A 56 15.47 7.43 5.35
C LYS A 56 14.43 6.31 5.32
N ALA A 57 14.17 5.72 6.49
CA ALA A 57 13.20 4.64 6.59
C ALA A 57 11.82 5.10 6.16
N LYS A 58 11.46 6.32 6.57
CA LYS A 58 10.16 6.87 6.23
C LYS A 58 10.08 7.21 4.75
N GLN A 59 11.21 7.59 4.17
CA GLN A 59 11.27 7.95 2.76
C GLN A 59 11.01 6.72 1.88
N SER A 60 11.42 5.55 2.36
CA SER A 60 11.23 4.32 1.62
C SER A 60 9.78 3.86 1.69
N ILE A 61 9.26 3.71 2.91
CA ILE A 61 7.88 3.28 3.11
C ILE A 61 6.91 4.24 2.45
N ARG A 62 7.19 5.53 2.54
CA ARG A 62 6.33 6.56 1.95
C ARG A 62 6.34 6.46 0.43
N ALA A 63 7.55 6.50 -0.15
CA ALA A 63 7.70 6.43 -1.60
C ALA A 63 7.12 5.12 -2.14
N LYS A 64 7.18 4.06 -1.32
CA LYS A 64 6.67 2.76 -1.71
C LYS A 64 5.15 2.72 -1.59
N CYS A 65 4.62 3.41 -0.59
CA CYS A 65 3.18 3.45 -0.37
C CYS A 65 2.49 4.29 -1.44
N THR A 66 3.20 5.31 -1.94
CA THR A 66 2.66 6.18 -2.97
C THR A 66 2.60 5.46 -4.32
N GLU A 67 3.64 4.69 -4.62
CA GLU A 67 3.70 3.95 -5.87
C GLU A 67 2.65 2.84 -5.90
N TYR A 68 2.49 2.16 -4.78
CA TYR A 68 1.51 1.07 -4.67
C TYR A 68 0.09 1.62 -4.61
N LEU A 69 -0.08 2.70 -3.86
CA LEU A 69 -1.39 3.33 -3.72
C LEU A 69 -1.91 3.83 -5.06
N ASP A 70 -1.00 4.37 -5.87
CA ASP A 70 -1.37 4.89 -7.19
C ASP A 70 -1.76 3.76 -8.13
N ARG A 71 -1.03 2.65 -8.07
CA ARG A 71 -1.31 1.49 -8.91
C ARG A 71 -2.71 0.96 -8.65
N ALA A 72 -3.07 0.86 -7.37
CA ALA A 72 -4.38 0.36 -6.99
C ALA A 72 -5.49 1.23 -7.57
N GLU A 73 -5.29 2.54 -7.53
CA GLU A 73 -6.28 3.49 -8.06
C GLU A 73 -6.53 3.24 -9.54
N LYS A 74 -5.47 2.84 -10.26
CA LYS A 74 -5.58 2.57 -11.69
C LYS A 74 -6.35 1.28 -11.94
N LEU A 75 -6.13 0.28 -11.09
CA LEU A 75 -6.79 -1.01 -11.22
C LEU A 75 -8.29 -0.87 -10.95
N LYS A 76 -8.63 -0.11 -9.92
CA LYS A 76 -10.03 0.10 -9.55
C LYS A 76 -10.77 0.86 -10.64
N GLU A 77 -10.07 1.78 -11.30
CA GLU A 77 -10.67 2.57 -12.38
C GLU A 77 -10.81 1.73 -13.64
N TYR A 78 -9.79 0.94 -13.94
CA TYR A 78 -9.80 0.09 -15.11
C TYR A 78 -10.69 -1.13 -14.90
N LEU A 79 -10.77 -1.58 -13.64
CA LEU A 79 -11.58 -2.74 -13.30
C LEU A 79 -13.07 -2.42 -13.43
N LYS A 80 -13.50 -1.33 -12.79
CA LYS A 80 -14.89 -0.92 -12.84
C LYS A 80 -15.33 -0.65 -14.28
N ASN A 81 -14.48 0.04 -15.03
CA ASN A 81 -14.78 0.37 -16.42
C ASN A 81 -14.61 -0.86 -17.31
N ASP B 6 3.48 12.77 4.47
CA ASP B 6 2.92 11.69 5.27
C ASP B 6 1.40 11.75 5.30
N GLU B 7 0.86 12.96 5.21
CA GLU B 7 -0.58 13.17 5.22
C GLU B 7 -1.20 12.74 3.89
N GLU B 8 -0.45 12.92 2.81
CA GLU B 8 -0.92 12.55 1.48
C GLU B 8 -1.03 11.04 1.34
N ILE B 9 0.06 10.34 1.69
CA ILE B 9 0.09 8.89 1.60
C ILE B 9 -0.95 8.26 2.53
N GLU B 10 -1.17 8.90 3.67
CA GLU B 10 -2.14 8.41 4.64
C GLU B 10 -3.57 8.55 4.12
N ARG B 11 -3.82 9.62 3.37
CA ARG B 11 -5.13 9.87 2.81
C ARG B 11 -5.46 8.86 1.71
N GLN B 12 -4.45 8.54 0.89
CA GLN B 12 -4.64 7.59 -0.20
C GLN B 12 -5.06 6.23 0.34
N LEU B 13 -4.29 5.69 1.27
CA LEU B 13 -4.59 4.39 1.86
C LEU B 13 -5.90 4.44 2.63
N LYS B 14 -6.20 5.60 3.22
CA LYS B 14 -7.43 5.77 3.98
C LYS B 14 -8.64 5.92 3.07
N ALA B 15 -8.42 6.50 1.89
CA ALA B 15 -9.48 6.69 0.92
C ALA B 15 -9.86 5.38 0.25
N LEU B 16 -8.86 4.60 -0.13
CA LEU B 16 -9.08 3.32 -0.79
C LEU B 16 -9.76 2.34 0.16
N GLY B 17 -9.47 2.47 1.45
CA GLY B 17 -10.06 1.59 2.44
C GLY B 17 -10.56 2.34 3.66
N VAL B 18 -11.82 2.11 4.02
CA VAL B 18 -12.42 2.76 5.17
C VAL B 18 -13.85 2.28 5.40
N ASP B 19 -14.19 2.07 6.66
CA ASP B 19 -15.53 1.60 7.01
C ASP B 19 -16.12 2.44 8.14
N ASN A 10 3.40 -7.11 12.94
CA ASN A 10 2.76 -6.16 12.04
C ASN A 10 3.66 -5.84 10.86
N LEU A 11 4.94 -5.66 11.13
CA LEU A 11 5.92 -5.35 10.08
C LEU A 11 5.96 -6.46 9.04
N GLN A 12 6.11 -7.70 9.52
CA GLN A 12 6.18 -8.85 8.63
C GLN A 12 4.94 -8.91 7.72
N LYS A 13 3.82 -8.43 8.23
CA LYS A 13 2.58 -8.43 7.47
C LYS A 13 2.63 -7.39 6.35
N ALA A 14 3.36 -6.31 6.58
CA ALA A 14 3.49 -5.25 5.59
C ALA A 14 4.21 -5.75 4.35
N ILE A 15 5.35 -6.41 4.55
CA ILE A 15 6.14 -6.94 3.44
C ILE A 15 5.44 -8.15 2.82
N ASP A 16 4.98 -9.06 3.66
CA ASP A 16 4.30 -10.26 3.19
C ASP A 16 3.07 -9.90 2.38
N LEU A 17 2.35 -8.87 2.84
CA LEU A 17 1.15 -8.42 2.14
C LEU A 17 1.51 -7.53 0.96
N ALA A 18 2.60 -6.79 1.09
CA ALA A 18 3.05 -5.90 0.03
C ALA A 18 3.71 -6.69 -1.11
N SER A 19 4.34 -7.81 -0.76
CA SER A 19 5.00 -8.64 -1.74
C SER A 19 3.98 -9.40 -2.58
N LYS A 20 2.99 -9.98 -1.92
CA LYS A 20 1.95 -10.73 -2.61
C LYS A 20 1.11 -9.82 -3.50
N ALA A 21 0.97 -8.57 -3.08
CA ALA A 21 0.19 -7.60 -3.84
C ALA A 21 0.93 -7.17 -5.10
N ALA A 22 2.25 -7.04 -4.98
CA ALA A 22 3.08 -6.63 -6.11
C ALA A 22 3.19 -7.75 -7.15
N GLN A 23 3.54 -8.95 -6.69
CA GLN A 23 3.68 -10.09 -7.58
C GLN A 23 2.38 -10.35 -8.33
N GLU A 24 1.25 -10.07 -7.69
CA GLU A 24 -0.05 -10.28 -8.31
C GLU A 24 -0.29 -9.29 -9.44
N ASP A 25 0.12 -8.04 -9.22
CA ASP A 25 -0.04 -7.00 -10.22
C ASP A 25 0.68 -7.37 -11.51
N LYS A 26 1.89 -7.89 -11.38
CA LYS A 26 2.69 -8.28 -12.54
C LYS A 26 2.26 -9.65 -13.06
N ALA A 27 1.90 -10.54 -12.13
CA ALA A 27 1.46 -11.88 -12.50
C ALA A 27 0.22 -11.83 -13.39
N GLY A 28 -0.60 -10.82 -13.19
CA GLY A 28 -1.81 -10.67 -13.97
C GLY A 28 -3.03 -10.36 -13.12
N ASN A 29 -2.99 -10.79 -11.87
CA ASN A 29 -4.10 -10.54 -10.94
C ASN A 29 -4.22 -9.06 -10.62
N TYR A 30 -5.40 -8.64 -10.17
CA TYR A 30 -5.64 -7.25 -9.83
C TYR A 30 -6.55 -7.14 -8.60
N GLU A 31 -7.68 -7.85 -8.64
CA GLU A 31 -8.63 -7.83 -7.53
C GLU A 31 -7.97 -8.26 -6.23
N GLU A 32 -7.30 -9.42 -6.27
CA GLU A 32 -6.63 -9.95 -5.09
C GLU A 32 -5.43 -9.08 -4.72
N ALA A 33 -4.79 -8.51 -5.73
CA ALA A 33 -3.63 -7.65 -5.51
C ALA A 33 -4.04 -6.32 -4.89
N LEU A 34 -5.22 -5.84 -5.26
CA LEU A 34 -5.74 -4.59 -4.73
C LEU A 34 -5.96 -4.68 -3.22
N GLN A 35 -6.60 -5.77 -2.80
CA GLN A 35 -6.87 -5.98 -1.38
C GLN A 35 -5.57 -6.03 -0.58
N LEU A 36 -4.57 -6.71 -1.13
CA LEU A 36 -3.28 -6.83 -0.48
C LEU A 36 -2.51 -5.52 -0.53
N TYR A 37 -2.73 -4.76 -1.60
CA TYR A 37 -2.05 -3.47 -1.77
C TYR A 37 -2.42 -2.51 -0.64
N GLN A 38 -3.72 -2.29 -0.47
CA GLN A 38 -4.21 -1.39 0.57
C GLN A 38 -3.79 -1.88 1.96
N HIS A 39 -4.01 -3.17 2.21
CA HIS A 39 -3.65 -3.77 3.49
C HIS A 39 -2.16 -3.64 3.77
N ALA A 40 -1.36 -3.78 2.71
CA ALA A 40 0.09 -3.68 2.83
C ALA A 40 0.51 -2.26 3.19
N VAL A 41 -0.02 -1.29 2.47
CA VAL A 41 0.30 0.12 2.72
C VAL A 41 -0.16 0.54 4.11
N GLN A 42 -1.27 -0.04 4.57
CA GLN A 42 -1.82 0.28 5.87
C GLN A 42 -0.84 -0.09 6.98
N TYR A 43 -0.19 -1.24 6.84
CA TYR A 43 0.77 -1.71 7.83
C TYR A 43 2.06 -0.90 7.75
N PHE A 44 2.42 -0.49 6.54
CA PHE A 44 3.63 0.29 6.32
C PHE A 44 3.59 1.59 7.11
N LEU A 45 2.51 2.35 6.93
CA LEU A 45 2.35 3.62 7.64
C LEU A 45 2.15 3.39 9.13
N HIS A 46 1.57 2.25 9.48
CA HIS A 46 1.32 1.92 10.87
C HIS A 46 2.62 1.91 11.68
N VAL A 47 3.61 1.18 11.17
CA VAL A 47 4.90 1.09 11.85
C VAL A 47 5.64 2.41 11.79
N VAL A 48 5.41 3.18 10.73
CA VAL A 48 6.05 4.48 10.56
C VAL A 48 5.46 5.50 11.52
N LYS A 49 4.16 5.44 11.73
CA LYS A 49 3.47 6.37 12.62
C LYS A 49 3.92 6.17 14.07
N TYR A 50 4.21 4.93 14.42
CA TYR A 50 4.65 4.60 15.77
C TYR A 50 6.16 4.33 15.80
N GLU A 51 6.57 3.20 15.26
CA GLU A 51 7.98 2.85 15.22
C GLU A 51 8.70 3.54 14.05
N ALA A 52 9.10 4.79 14.28
CA ALA A 52 9.78 5.55 13.25
C ALA A 52 11.28 5.58 13.49
N GLN A 53 12.04 4.96 12.60
CA GLN A 53 13.50 4.92 12.73
C GLN A 53 14.12 6.22 12.25
N GLY A 54 14.06 6.47 10.94
CA GLY A 54 14.63 7.68 10.38
C GLY A 54 13.94 8.10 9.12
N ASP A 55 14.42 9.20 8.52
CA ASP A 55 13.83 9.72 7.28
C ASP A 55 14.05 8.75 6.14
N LYS A 56 15.17 8.04 6.16
CA LYS A 56 15.51 7.08 5.12
C LYS A 56 14.46 5.99 5.03
N ALA A 57 14.14 5.39 6.18
CA ALA A 57 13.14 4.33 6.24
C ALA A 57 11.75 4.85 5.87
N LYS A 58 11.40 6.00 6.42
CA LYS A 58 10.10 6.61 6.15
C LYS A 58 10.00 7.05 4.70
N GLN A 59 11.13 7.44 4.11
CA GLN A 59 11.17 7.88 2.73
C GLN A 59 10.93 6.72 1.78
N SER A 60 11.40 5.53 2.17
CA SER A 60 11.24 4.34 1.36
C SER A 60 9.80 3.84 1.40
N ILE A 61 9.30 3.62 2.61
CA ILE A 61 7.93 3.15 2.78
C ILE A 61 6.92 4.12 2.18
N ARG A 62 7.20 5.41 2.31
CA ARG A 62 6.32 6.43 1.78
C ARG A 62 6.23 6.33 0.26
N ALA A 63 7.38 6.33 -0.41
CA ALA A 63 7.43 6.24 -1.85
C ALA A 63 6.75 4.97 -2.34
N LYS A 64 6.97 3.87 -1.64
CA LYS A 64 6.38 2.59 -1.99
C LYS A 64 4.88 2.58 -1.73
N CYS A 65 4.47 3.33 -0.70
CA CYS A 65 3.06 3.41 -0.33
C CYS A 65 2.25 4.09 -1.45
N THR A 66 2.83 5.12 -2.04
CA THR A 66 2.17 5.85 -3.11
C THR A 66 2.04 4.99 -4.37
N GLU A 67 3.08 4.21 -4.65
CA GLU A 67 3.09 3.34 -5.82
C GLU A 67 1.95 2.33 -5.74
N TYR A 68 1.73 1.76 -4.57
CA TYR A 68 0.67 0.78 -4.38
C TYR A 68 -0.69 1.46 -4.29
N LEU A 69 -0.75 2.54 -3.52
CA LEU A 69 -1.99 3.29 -3.35
C LEU A 69 -2.50 3.81 -4.69
N ASP A 70 -1.61 4.45 -5.45
CA ASP A 70 -1.96 4.99 -6.75
C ASP A 70 -2.34 3.88 -7.72
N ARG A 71 -1.72 2.71 -7.56
CA ARG A 71 -1.99 1.57 -8.42
C ARG A 71 -3.29 0.88 -8.02
N ALA A 72 -3.55 0.83 -6.72
CA ALA A 72 -4.76 0.21 -6.21
C ALA A 72 -6.01 0.85 -6.78
N GLU A 73 -5.98 2.18 -6.91
CA GLU A 73 -7.11 2.93 -7.45
C GLU A 73 -7.14 2.84 -8.98
N LYS A 74 -5.95 2.79 -9.58
CA LYS A 74 -5.83 2.71 -11.03
C LYS A 74 -6.37 1.38 -11.54
N LEU A 75 -5.94 0.30 -10.92
CA LEU A 75 -6.38 -1.03 -11.31
C LEU A 75 -7.84 -1.26 -10.94
N LYS A 76 -8.28 -0.63 -9.85
CA LYS A 76 -9.66 -0.77 -9.39
C LYS A 76 -10.63 -0.32 -10.47
N GLU A 77 -10.41 0.88 -11.00
CA GLU A 77 -11.29 1.42 -12.04
C GLU A 77 -11.09 0.68 -13.36
N TYR A 78 -9.89 0.13 -13.56
CA TYR A 78 -9.58 -0.60 -14.77
C TYR A 78 -10.54 -1.77 -14.97
N LEU A 79 -10.76 -2.54 -13.91
CA LEU A 79 -11.65 -3.69 -13.96
C LEU A 79 -13.06 -3.30 -13.54
N LYS A 80 -13.18 -2.30 -12.67
CA LYS A 80 -14.47 -1.84 -12.20
C LYS A 80 -15.23 -1.13 -13.31
N ASN A 81 -14.52 -0.32 -14.09
CA ASN A 81 -15.13 0.42 -15.19
C ASN A 81 -15.05 -0.38 -16.48
N ASP B 6 3.81 13.17 3.45
CA ASP B 6 3.18 12.06 4.15
C ASP B 6 1.67 12.23 4.16
N GLU B 7 1.21 13.48 4.18
CA GLU B 7 -0.21 13.78 4.21
C GLU B 7 -0.91 13.21 2.98
N GLU B 8 -0.19 13.15 1.86
CA GLU B 8 -0.73 12.63 0.62
C GLU B 8 -0.92 11.12 0.70
N ILE B 9 0.07 10.43 1.24
CA ILE B 9 0.00 8.99 1.39
C ILE B 9 -1.05 8.58 2.41
N GLU B 10 -1.22 9.39 3.43
CA GLU B 10 -2.21 9.12 4.47
C GLU B 10 -3.63 9.28 3.94
N ARG B 11 -3.80 10.19 2.98
CA ARG B 11 -5.10 10.44 2.39
C ARG B 11 -5.51 9.30 1.47
N GLN B 12 -4.55 8.78 0.71
CA GLN B 12 -4.80 7.68 -0.20
C GLN B 12 -5.32 6.45 0.55
N LEU B 13 -4.68 6.14 1.66
CA LEU B 13 -5.07 4.99 2.47
C LEU B 13 -6.50 5.13 2.96
N LYS B 14 -6.82 6.31 3.50
CA LYS B 14 -8.16 6.57 4.01
C LYS B 14 -9.19 6.52 2.88
N ALA B 15 -8.77 6.89 1.69
CA ALA B 15 -9.65 6.89 0.52
C ALA B 15 -10.05 5.46 0.14
N LEU B 16 -9.05 4.63 -0.12
CA LEU B 16 -9.29 3.24 -0.50
C LEU B 16 -9.91 2.47 0.66
N GLY B 17 -9.57 2.86 1.88
CA GLY B 17 -10.10 2.19 3.06
C GLY B 17 -10.65 3.16 4.08
N VAL B 18 -11.95 3.44 3.99
CA VAL B 18 -12.59 4.36 4.92
C VAL B 18 -13.48 3.61 5.91
N ASP B 19 -13.67 4.19 7.09
CA ASP B 19 -14.49 3.58 8.12
C ASP B 19 -15.25 4.64 8.92
#